data_6MZD
#
_entry.id   6MZD
#
_cell.length_a   1
_cell.length_b   1
_cell.length_c   1
_cell.angle_alpha   90.00
_cell.angle_beta   90.00
_cell.angle_gamma   90.00
#
_symmetry.space_group_name_H-M   'P 1'
#
loop_
_entity.id
_entity.type
_entity.pdbx_description
1 polymer 'Transcription initiation factor TFIID subunit 1'
2 polymer 'Transcription initiation factor TFIID subunit 3'
3 polymer 'Transcription initiation factor TFIID subunit 4'
4 polymer 'Transcription initiation factor TFIID subunit 5'
5 polymer 'Transcription initiation factor TFIID subunit 6'
6 polymer 'Transcription initiation factor TFIID subunit 9'
7 polymer 'Transcription initiation factor TFIID subunit 10'
8 polymer 'Transcription initiation factor TFIID subunit 11'
9 polymer 'Transcription initiation factor TFIID subunit 12'
10 polymer 'Transcription initiation factor TFIID subunit 13'
11 polymer 'TATA-box-binding protein'
12 polymer poly(UNK)
#
loop_
_entity_poly.entity_id
_entity_poly.type
_entity_poly.pdbx_seq_one_letter_code
_entity_poly.pdbx_strand_id
1 'polypeptide(L)'
;MSDTDSDEDSAGGGPFSLAGFLFGNINGAGQLEGESVLDDECKKHLAGLGALGLGSLITELTANEELTGTDGALVNDEGW
VRSTEDAVDYSDINEVAEDESRRYQQTMGSLQPLCHSDYDEDDYDADCEDIDCKLMPPPPPPPGPMKKDKDQDSITGVSE
NGEGIILPSIIAPSSLASEKVDFSSSSDSESEMGPQEATQAESEDGKLTLPLAGIMQHDATKLLPSVTELFPEFRPGKVL
RFLRLFGPGKNVPSVWRSARRKRKKKHRELIQEEQIQEVECSVESEVSQKSLWNYDYAPPPPPEQCLSDDEITMMAPVES
KFSQSTGDIDKVTDTKPRVAEWRYGPARLWYDMLGVPEDGSGFDYGFKLRKTEHEPVIKSRMIEEFRKLEENNGTDLLAD
ENFLMVTQLHWEDDIIWDGEDVKHKGTKPQRASLAGWLPSSMTRNAMAYNVQQGFAATLDDDKPWYSIFPIDNEDLVYGR
WEDNIIWDAQAMPRLLEPPVLTLDPNDENLILEIPDEKEEATSNSPSKESKKESSLKKSRILLGKTGVIKEEPQQNMSQP
EVKDPWNLSNDEYYYPKQQGLRGTFGGNIIQHSIPAVELRQPFFPTHMGPIKLRQFHRPPLKKYSFGALSQPGPHSVQPL
LKHIKKKAKMREQERQASGGGEMFFMRTPQDLTGKDGDLILAEYSEENGPLMMQVGMATKIKNYYKRKPGKDPGAPDCKY
GETVYCHTSPFLGSLHPGQLLQAFENNLFRAPIYLHKMPETDFLIIRTRQGYYIRELVDIFVVGQQCPLFEVPGPNSKRA
NTHIRDFLQVFIYRLFWKSKDRPRRIRMEDIKKAFPSHSESSIRKRLKLCADFKRTGMDSNWWVLKSDFRLPTEEEIRAM
VSPEQCCAYYSMIAAEQRLKDAGYGEKSFFAPEEENEEDFQMKIDDEVRTAPWNTTRAFIAAMKGKCLLEVTGVADPTGC
GEGFSYVKIPNKPTQQKDDKEPQPVKKTVTGTDADLRRLSLKNAKQLLRKFGVPEEEIKKLSRWEVIDVVRTMSTEQARS
GEGPMSKFARGSRFSVAEHQERYKEECQRIFDLQNKVLSSTEVLSTDTDSSSAEDSDFEEMGKNIENMLQNKKTSSQLSR
EREEQERKELQRMLLAAGSAASGNNHRDDDTASVTSLNSSATGRCLKIYRTFRDEEGKEYVRCETVRKPAVIDAYVRIRT
TKDEEFIRKFALFDEQHREEMRKERRRIQEQLRRLKRNQEKEKLKGPPEKKPKKMKERPDLKLKCGACGAIGHMRTNKFC
PLYYQTNAPPSNPVAMTEEQEEELEKTVIHNDNEELIKVEGTKIVLGKQLIESADEVRRKSLVLKFPKQQLPPKKKRRVG
TTVHCDYLNRPHKSIHRRRTDPMVTLSSILESIINDMRDLPNTYPFHTPVNAKVVKDYYKIITRPMDLQTLRENVRKRLY
PSREEFREHLELIVKNSATYNGPKHSLTQISQSMLDLCDEKLKEKEDKLARLEKAINPLLDDDDQVAFSFILDNIVTQKM
MAVPDSWPFHHPVNKKFVPDYYKVIVNPMDLETIRKNISKHKYQSRESFLDDVNLILANSVKYNGPESQYTKTAQEIVNV
CYQTLTEYDEHLTQLEKDICTAKEAALEEAELESLDPMTPGPYTPQPPDLYDTNTSLSMSRDASVFQDESNMSVLDIPSA
TPEKQVTQEGEDGDGDLADEEEGTVQQPQASVLYEDLLMSEGEDDEEDAGSDEEGDNPFSAIQLSESGSDSDVGSGGIRP
KQPRMLQENTRMDMENEESMMSYEGDGGEASHGLEDSNISYGSYEEPDPKSNTQDTSFSSIGGYEVSEEEEDEEEEEQRS
GPSVLSQVHLSEDEEDSEDFHSIAGDSDLDSDE
;
A
2 'polypeptide(L)'
;MCESYSRSLLRVSVAQICQALGWDSVQLSACHLLTDVLQRYLQQLGRGCHRYSELYGRTDPILDDVGEAFQLMGVSLHEL
EDYIHNIEPVTFPHQIPSFPVSKNNVLQFPQPGSKDAEERKEYIPDYLPPIVSSQEEEEEEQVPTDGGTSAEAMQVPLEE
DDELEEEEIINDENFLGKRPLDSPEAEELPAMKRPRLLSTKGDTLDVVLLEAREPLSSINTQKIPPMLSPVHVQDSTDLA
PPSPEPPMLAPVAKSQMPTAKPLETKSFTPKTKTKTSSPGQKTKSPKTAQSPAMVGSPIRSPKTVSKEKKSPGRSKSPKS
PKSPKVTTHIPQTPVRPETPNRTPSATLSEKISKETIQVKQIQTPPDAGKLNSENQPKKAVVADKTIEASIDAVIARACA
EREPDPFEFSSGSESEGDIFTSPKRISGPECTTPKASTSANNFTKSGSTPLPLSGGTSSSDNSWTMDASIDEVVRKAKLG
TPSNMPPNFPYISSPSVSPPTPEPLHKVYEEKTKLPSSVEVKKKLKKELKTKMKKKEKQRDREREKDKNKDKSKEKDKVK
EKEKDKETGRETKYPWKEFLKEEEADPYKFKIKEFEDVDPKVKLKDGLVRKEKEKHKDKKKDREKGKKDKDKREKEKVKD
KGREDKMKAPAPPLVLPPKELALPLFSPATASRVPAMLPSLLPVLPEKLFEEKEKVKEKEKKKDKKEKKKKKEKEKEKKE
KEREKEKREREKREKEKEKHKHEKIKVEPVALAPSPVIPRLTLRVGAGQDKIVISKVVPAPEAKPAPSQNRPKTPPPAPA
PAPGPMLVSPAPVPLPLLAQAAAGPALLPSPGPAASGASAKAPVRSVVTETVSTYVIRDEWGNQIWICPGCNKPDDGSPM
IGCDDCDDWYHWPCVGIMTAPPEEMQWFCPKCANKKKDKKHKKRKHRAH
;
C
3 'polypeptide(L)'
;MAAGSDLLDEVFFNSEVDEKVVSDLVGSLESQLAASAAHHHHLAPRTPEVRAAAAGALGNHVVSGSPAGAAGAGPAAPAE
GAPGAAPEPPPAGRARPGGGGPQRPGPPSPRRPLVPAGPAPPAAKLRPPPEGSAGSCAPVPAAAAVAAGPEPAPAGPAKP
AGPAALAARAGPGPGPGPGPGPGPGPGKPAGPGAAQTLNGSAALLNSHHAAAPAVSLVNNGPAALLPLPKPAAPGTVIQT
PPFVGAAAPPAPAAPSPPAAPAPAAPAAAPPPPPPAPATLARPPGHPAGPPTAAPAVPPPAAAQNGGSAGAAPAPAPAAG
GPAGVSGQPGPGAAAAAPAPGVKAESPKRVVQAAPPAAQTLAASGPASTAASMVIGPTMQGALPSPAAVPPPAPGTPTGL
PKGAAGAVTQSLSRTPTATTSGIRATLTPTVLAPRLPQPPQNPTNIQNFQLPPGMVLVRSENGQLLMIPQQALAQMQAQA
HAQPQTTMAPRPATPTSAPPVQISTVQAPGTPIIARQVTPTTIIKQVSQAQTTVQPSATLQRSPGVQPQLVLGGAAQTAS
LGTATAVQTGTPQRTVPGATTTSSAATETMENVKKCKNFLSTLIKLASSGKQSTETAANVKELVQNLLDGKIEAEDFTSR
LYRELNSSPQPYLVPFLKRSLPALRQLTPDSAAFIQQSQQQPPPPTSQATTALTAVVLSSSVQRTAGKTAATVTSALQPP
VLSLTQPTQVGVGKQGQPTPLVIQQPPKPGALIRPPQVTLTQTPMVALRQPHNRIMLTTPQQIQLNPLQPVPVVKPAVLP
GTKALSAVSAQAAAAQKNKLKEPGGGSFRDDDDINDVASMAGVNLSEESARILATNSELVGTLTRSCKDETFLLQAPLQR
RILEIGKKHGITELHPDVVSYVSHATQQRLQNLVEKISETAQQKNFSYKDDDRYEQASDVRAQLKFFEQLDQIEKQRKDE
QEREILMRAAKSRSRQEDPEQLRLKQKAKEMQQQELAQMRQRDANLTALAAIGPRKKRKVDCPGPGSGAEGSGPGSVVPG
SSGVGTPRQFTRQRITRVNLRDLIFCLENERETSHSLLLYKAFLK
;
D
4 'polypeptide(L)'
;MAALAEEQTEVAVKLEPEGPPTLLPPQAGDGAGEGSGGTTNNGPNGGGGNVAASSSTGGDGGTPKPTVAVSAAAPAGAAP
VPAAAPDAGAPHDRQTLLAVLQFLRQSKLREAEEALRREAGLLEEAVAGSGAPGEVDSAGAEVTSALLSRVTASAPGPAA
PDPPGTGASGATVVSGSASGPAAPGKVGSVAVEDQPDVSAVLSAYNQQGDPTMYEEYYSGLKHFIECSLDCHRAELSQLF
YPLFVHMYLELVYNQHENEAKSFFEKFHGDQECYYQDDLRVLSSLTKKEHMKGNETMLDFRTSKFVLRISRDSYQLLKRH
LQEKQNNQIWNIVQEHLYIDIFDGMPRSKQQIDAMVGSLAGEAKREANKSKVFFGLLKEPEIEVPLDDEDEEGENEEGKP
KKKKPKKDSIGSKSKKQDPNAPPQNRIPLPELKDSDKLDKIMNMKETTKRVRLGPDCLPSICFYTFLNAYQGLTAVDVTD
DSSLIAGGFADSTVRV(UNK)(UNK)(UNK)(UNK)(UNK)(UNK)(UNK)(UNK)(UNK)(UNK)(UNK)(UNK)
(UNK)(UNK)(UNK)(UNK)(UNK)(UNK)(UNK)(UNK)(UNK)(UNK)(UNK)(UNK)(UNK)(UNK)(UNK)(UNK)
(UNK)(UNK)(UNK)(UNK)(UNK)(UNK)(UNK)(UNK)(UNK)(UNK)(UNK)(UNK)KILYGHSGPVYGASFSPDRN
YLLSSSEDGTVRLWSLQTFTCLVGYKGHNYPVWDTQFSPYGYYFVSGGHDRVARLWATDHYQPLRIFAGHLADVNCTRFH
PNSNYVATGSADRTVRLWDVLNGNCVRIFTGHKGPIHSLTFSPNGRFLATGATDGRVLLWDIGHGLMVGELKGHTDTVCS
LRFSRDGEILASGSMDNTVRLWDAIKAFEDLETDDFTTATGHINLPENSQELLLGTYMTKSTPVVHLHFTRRNLVLAAGA
YSPQ
;
F
5 'polypeptide(L)'
;MAEEKKLKLSNTVLPSESMKVVAESMGIAQIQEETCQLLTDEVSYRIKEIAQDALKFMHMGKRQKLTTSDIDYALKLKNV
EPLYGFHAQEFIPFRFASGGGRELYFYEEKEVDLSDIINTPLPRVPLDVCLKAHWLSIEGCQPAIPENPPPAPKEQQKAE
ATEPLKSAKPGQEEDGPLKGKGQGATTADGKGKEKKAPPLLEGAPLRLKPRSIHELSVEQQLYYKEITEACVGSCEAKRA
EALQSIATDPGLYQMLPRFSTFISEGVRVNVVQNNLALLIYLMRMVKALMDNPTLYLEKYVHELIPAVMTCIVSRQLCLR
PDVDNHWALRDFAARLVAQICKHFSTTTNNIQSRITKTFTKSWVDEKTPWTTRYGSIAGLAELGHDVIKTLILPRLQQEG
ERIRSVLDGPVLSNIDRIGADHVQSLLLKHCAPVLAKLRPPPDNQDAYRAEFGSLGPLLCSQVVKARAQAALQAQQVNRT
TLTITQPRPTLTLSQAPQPGPRTPGLLKVPGSIALPVQTLVSARAAAPPQPSPPPTKFIVMSSSSSAPSTQQVLSLSTSA
PGSGSTTTSPVTTTVPSVQPIVKLVSTATTAPPSTAPSGPGSVQKYIVVSLPPTGEGKGGPTSHPSPVPPPASSPSPLSG
SALCGGKQEAGDSPPPAPGTPKANGSQPNSGSPQPAP
;
H
6 'polypeptide(L)'
;MESGKTASPKSMPKDAQMMAQILKDMGITEYEPRVINQMLEFAFRYVTTILDDAKIYSSHAKKATVDADDVRLAIQCRAD
QSFTSPPPRDFLLDIARQRNQTPLPLIKP(UNK)(UNK)(UNK)(UNK)(UNK)(UNK)(UNK)PDRYCLTAPNYRLKSL
QKKASTSAGRITVPRLSVGSVTSRPSTPTLGTPTPQTMSVSTKVGTPMSLTGQRFTVQMPTSQSPAVKASIPATSAVQNV
LINPSLIGSKNILITTNMMSSQNTANESSNALKRKREDDDDDDDDDDDYDNL
;
L
7 'polypeptide(L)'
;MSCSGSGADPEAAPASAASAPGPAPPVSAPAALPSSTAAENKASPAGTAGGPGAGAAAGGTGPLAARAGEPAERRGAAPV
SAGGAAPPEGAISNGVYVLPSAANGDVKPVVSSTPLVDFLMQLEDYTPTIPDAVTGYYLNRAGFEASDPRIIRLISLAAQ
KFISDIANDALQHCKMKGTASGSSRSKSKDRKYTLTMEDLTPALSEYGINVKKPHYFT
;
N
8 'polypeptide(L)'
;MDDAHESPSDKGGETGESDETAAVPGDPGATDTDGIPEETDGDADVDLKEAAAEEGELESQDVSDLTTVEREDSSLLNPA
AKKLKIDTKEKKEKKQKVDEDEIQKMQILVSSFSEEQLNRYEMYRRSAFPKAAIKRLIQSITGTSVSQNVVIAMSGISKV
FVGEVVEEALDVCEKWGEMPPLQPKHMREAVRRLKSKGQIPNSKHKKIIFF
;
P
9 'polypeptide(L)'
;MNQFGPSALINLSNFSSIKPEPASTPPQGSMANSTAVVKIPGTPGAGGRLSPENNQVLTKKKLQDLVREVDPNEQLDEDV
EEMLLQIADDFIESVVTAACQLARHRKSSTLEVKDVQLHLERQWNMWIPGFGSEEIRPYKKACTTEAHKQRMALIRKTTK
K
;
Q
10 'polypeptide(L)'
;MADEEEDPTFEEENEEIGGGAEGGQGKRKRLFSKELRCMMYGFGDDQNPYTESVDILEDLVIEFITEMTHKAMSIGRQGR
VQVEDIVFLIRKDPRKFARVKDLLTMNEELKRARKAFDEANYGS
;
S
11 'polypeptide(L)'
;MDQNNSLPPYAQGLASPQGAMTPGIPIFSPMMPYGTGLTPQPIQNTNSLSILEEQQRQQQQQQQQQQQQQQQQQQQQQQQ
QQQQQQQQQQQQQQQAVAAAAVQQSTSQQATQGTSGQAPQLFHSQTLTTAPLPGTTPLYPSPMTPMTPITPATPASESSG
IVPQLQNIVSTVNLGCKLDLKTIALRARNAEYNPKRFAAVIMRIREPRTTALIFSSGKMVCTGAKSEEQSRLAARKYARV
VQKLGFPAKFLDFKIQNMVGSCDVKFPIRLEGLVLTHQQFSSYEPELFPGLIYRMIKPRIVLLIFVSGKVVLTGAKVRAE
IYEAFENIYPILKGFRKTT
;
T
12 'polypeptide(L)'
;(UNK)(UNK)(UNK)(UNK)(UNK)(UNK)(UNK)(UNK)(UNK)(UNK)(UNK)(UNK)(UNK)(UNK)(UNK)(UNK)
(UNK)(UNK)(UNK)(UNK)(UNK)(UNK)(UNK)(UNK)(UNK)(UNK)(UNK)(UNK)(UNK)(UNK)(UNK)(UNK)
(UNK)(UNK)(UNK)(UNK)(UNK)(UNK)(UNK)(UNK)(UNK)(UNK)(UNK)(UNK)(UNK)(UNK)(UNK)(UNK)
(UNK)(UNK)(UNK)(UNK)(UNK)(UNK)(UNK)(UNK)(UNK)(UNK)(UNK)(UNK)(UNK)(UNK)(UNK)(UNK)
(UNK)(UNK)(UNK)(UNK)(UNK)(UNK)(UNK)(UNK)(UNK)(UNK)(UNK)(UNK)(UNK)(UNK)(UNK)(UNK)
(UNK)(UNK)(UNK)(UNK)(UNK)(UNK)(UNK)(UNK)(UNK)(UNK)(UNK)(UNK)(UNK)(UNK)(UNK)(UNK)
;
Y
#
# COMPACT_ATOMS: atom_id res chain seq x y z
N PHE A 16 7.79 52.79 -23.72
CA PHE A 16 6.65 52.06 -24.25
C PHE A 16 7.17 50.95 -25.16
N SER A 17 6.52 49.80 -25.14
CA SER A 17 7.08 48.55 -25.67
C SER A 17 6.90 48.53 -27.19
N LEU A 18 7.87 49.11 -27.89
CA LEU A 18 7.89 49.16 -29.35
C LEU A 18 8.73 48.05 -29.99
N ALA A 19 8.73 46.82 -29.44
CA ALA A 19 9.44 45.71 -30.07
C ALA A 19 8.88 45.37 -31.45
N GLY A 20 7.56 45.50 -31.62
CA GLY A 20 6.98 45.24 -32.93
C GLY A 20 7.20 46.38 -33.91
N PHE A 21 7.53 47.57 -33.41
CA PHE A 21 7.66 48.77 -34.24
C PHE A 21 8.83 48.62 -35.20
N LEU A 22 9.94 48.08 -34.73
CA LEU A 22 10.98 47.70 -35.67
C LEU A 22 10.53 46.57 -36.58
N PHE A 23 9.74 45.62 -36.06
CA PHE A 23 9.44 44.42 -36.83
C PHE A 23 8.41 44.66 -37.94
N GLY A 24 7.73 45.80 -37.95
CA GLY A 24 6.79 46.06 -39.04
C GLY A 24 5.33 46.23 -38.69
N ASN A 25 4.85 47.48 -38.79
CA ASN A 25 3.45 47.86 -38.66
C ASN A 25 2.76 47.42 -37.36
N ILE A 26 3.15 48.01 -36.23
CA ILE A 26 2.33 47.93 -35.02
C ILE A 26 1.85 49.33 -34.67
N ASN A 27 0.90 49.38 -33.74
CA ASN A 27 0.29 50.65 -33.37
C ASN A 27 1.06 51.36 -32.27
N GLY A 28 1.88 50.64 -31.52
CA GLY A 28 2.41 51.17 -30.28
C GLY A 28 1.80 50.47 -29.08
N ALA A 29 0.54 50.06 -29.22
CA ALA A 29 -0.09 49.24 -28.20
C ALA A 29 0.48 47.83 -28.20
N GLY A 30 0.90 47.32 -29.36
CA GLY A 30 1.48 46.00 -29.43
C GLY A 30 0.77 45.03 -30.36
N GLN A 31 -0.10 45.54 -31.22
CA GLN A 31 -0.84 44.70 -32.18
C GLN A 31 -0.18 44.79 -33.55
N LEU A 32 0.17 43.64 -34.12
CA LEU A 32 0.95 43.58 -35.34
C LEU A 32 0.05 43.58 -36.57
N GLU A 33 0.48 44.33 -37.58
CA GLU A 33 -0.12 44.36 -38.90
C GLU A 33 0.97 44.00 -39.93
N GLY A 34 0.54 43.60 -41.12
CA GLY A 34 1.52 43.28 -42.15
C GLY A 34 0.99 43.26 -43.57
N GLU A 35 1.74 43.84 -44.51
CA GLU A 35 1.46 43.63 -45.92
C GLU A 35 1.77 42.19 -46.32
N SER A 36 2.97 41.72 -45.97
CA SER A 36 3.25 40.30 -45.94
C SER A 36 2.81 39.73 -44.60
N VAL A 37 2.77 38.40 -44.50
CA VAL A 37 2.29 37.72 -43.31
C VAL A 37 3.45 36.93 -42.72
N LEU A 38 3.89 37.32 -41.52
CA LEU A 38 4.85 36.54 -40.77
C LEU A 38 4.13 35.48 -39.94
N ASP A 39 4.91 34.56 -39.38
CA ASP A 39 4.35 33.52 -38.54
C ASP A 39 3.94 34.11 -37.18
N ASP A 40 3.04 33.40 -36.49
CA ASP A 40 2.59 33.87 -35.17
C ASP A 40 3.64 33.74 -34.09
N GLU A 41 4.68 32.91 -34.32
CA GLU A 41 5.83 32.89 -33.42
C GLU A 41 6.50 34.25 -33.34
N CYS A 42 6.49 34.99 -34.46
CA CYS A 42 7.04 36.35 -34.48
C CYS A 42 6.27 37.27 -33.54
N LYS A 43 4.93 37.22 -33.56
CA LYS A 43 4.13 38.13 -32.74
C LYS A 43 4.14 37.74 -31.26
N LYS A 44 3.88 36.46 -30.97
CA LYS A 44 3.91 35.97 -29.59
C LYS A 44 5.29 36.10 -28.97
N HIS A 45 6.30 35.55 -29.64
CA HIS A 45 7.65 35.61 -29.11
C HIS A 45 8.24 37.01 -29.26
N LEU A 46 7.60 37.90 -30.05
CA LEU A 46 7.92 39.33 -30.05
C LEU A 46 7.54 39.99 -28.73
N ALA A 47 6.32 39.71 -28.27
CA ALA A 47 5.91 40.08 -26.90
C ALA A 47 6.86 39.47 -25.88
N GLY A 48 7.42 38.29 -26.18
CA GLY A 48 8.56 37.82 -25.41
C GLY A 48 9.87 38.57 -25.66
N LEU A 49 10.09 39.03 -26.91
CA LEU A 49 11.36 39.66 -27.33
C LEU A 49 11.57 41.01 -26.67
N GLY A 50 10.52 41.60 -26.11
CA GLY A 50 10.66 42.87 -25.40
C GLY A 50 11.69 42.91 -24.28
N ALA A 51 12.06 41.74 -23.73
CA ALA A 51 13.02 41.71 -22.63
C ALA A 51 14.47 41.49 -23.09
N LEU A 52 14.68 40.59 -24.05
CA LEU A 52 15.97 39.89 -24.17
C LEU A 52 17.10 40.76 -24.72
N GLY A 53 16.83 42.00 -25.13
CA GLY A 53 17.88 42.81 -25.73
C GLY A 53 17.36 43.72 -26.82
N LEU A 54 16.13 43.47 -27.25
CA LEU A 54 15.44 44.36 -28.17
C LEU A 54 15.08 45.69 -27.52
N GLY A 55 15.09 45.75 -26.17
CA GLY A 55 14.72 46.97 -25.46
C GLY A 55 15.63 48.16 -25.75
N SER A 56 16.88 47.91 -26.11
CA SER A 56 17.77 49.00 -26.53
C SER A 56 17.27 49.67 -27.80
N LEU A 57 16.88 48.86 -28.79
CA LEU A 57 16.29 49.40 -29.99
C LEU A 57 14.89 49.96 -29.74
N ILE A 58 14.20 49.48 -28.71
CA ILE A 58 12.92 50.08 -28.30
C ILE A 58 13.13 51.49 -27.78
N THR A 59 14.13 51.67 -26.90
CA THR A 59 14.49 53.00 -26.41
C THR A 59 15.04 53.90 -27.50
N GLU A 60 15.66 53.31 -28.54
CA GLU A 60 15.94 54.07 -29.75
C GLU A 60 14.66 54.54 -30.43
N LEU A 61 13.66 53.65 -30.53
CA LEU A 61 12.47 53.96 -31.31
C LEU A 61 11.52 54.90 -30.59
N THR A 62 11.55 54.95 -29.26
CA THR A 62 10.79 55.99 -28.55
C THR A 62 11.73 57.06 -28.02
N ASN A 76 -13.50 46.01 -29.16
CA ASN A 76 -14.08 46.63 -27.98
C ASN A 76 -15.09 47.71 -28.38
N ASP A 77 -16.31 47.58 -27.88
CA ASP A 77 -17.35 48.55 -28.20
C ASP A 77 -17.10 49.88 -27.50
N GLU A 78 -16.69 49.84 -26.23
CA GLU A 78 -16.37 51.08 -25.52
C GLU A 78 -15.04 51.68 -25.95
N GLY A 79 -14.19 50.94 -26.67
CA GLY A 79 -12.95 51.52 -27.13
C GLY A 79 -13.01 52.04 -28.54
N TRP A 80 -13.29 53.34 -28.66
CA TRP A 80 -13.25 54.07 -29.93
C TRP A 80 -12.89 55.50 -29.62
N VAL A 81 -12.01 56.07 -30.42
CA VAL A 81 -11.49 57.41 -30.17
C VAL A 81 -12.47 58.44 -30.69
N ARG A 82 -12.87 59.37 -29.82
CA ARG A 82 -13.88 60.36 -30.16
C ARG A 82 -13.34 61.37 -31.16
N SER A 83 -14.21 61.83 -32.05
CA SER A 83 -13.86 62.77 -33.10
C SER A 83 -14.95 63.81 -33.26
N THR A 84 -14.59 64.93 -33.86
CA THR A 84 -15.57 65.95 -34.23
C THR A 84 -16.48 65.44 -35.34
N GLU A 85 -17.66 66.07 -35.46
CA GLU A 85 -18.66 65.64 -36.42
C GLU A 85 -18.19 65.81 -37.87
N ASP A 86 -17.42 66.86 -38.14
CA ASP A 86 -16.94 67.15 -39.49
C ASP A 86 -15.50 66.70 -39.71
N ALA A 87 -15.13 65.53 -39.18
CA ALA A 87 -13.77 65.03 -39.31
C ALA A 87 -13.51 64.50 -40.72
N VAL A 88 -12.31 64.80 -41.23
CA VAL A 88 -11.89 64.46 -42.59
C VAL A 88 -11.03 63.19 -42.58
N ASP A 89 -11.20 62.33 -43.61
CA ASP A 89 -10.26 61.26 -43.90
C ASP A 89 -8.98 61.88 -44.47
N TYR A 90 -7.91 61.84 -43.68
CA TYR A 90 -6.58 62.25 -44.12
C TYR A 90 -5.73 61.06 -44.57
N SER A 91 -6.31 59.87 -44.65
CA SER A 91 -5.57 58.70 -45.12
C SER A 91 -5.27 58.76 -46.60
N ASP A 92 -6.09 59.48 -47.38
CA ASP A 92 -6.00 59.43 -48.83
C ASP A 92 -5.38 60.69 -49.44
N ILE A 93 -4.59 61.45 -48.66
CA ILE A 93 -3.92 62.63 -49.17
C ILE A 93 -2.97 62.29 -50.31
N ASN A 94 -3.08 63.02 -51.41
CA ASN A 94 -2.27 62.79 -52.60
C ASN A 94 -1.28 63.91 -52.89
N GLU A 95 -1.27 64.98 -52.10
CA GLU A 95 -0.39 66.12 -52.32
C GLU A 95 1.05 65.82 -51.90
N VAL A 96 1.96 66.72 -52.26
CA VAL A 96 3.34 66.65 -51.82
C VAL A 96 3.64 67.88 -50.96
N ALA A 97 4.12 67.64 -49.75
CA ALA A 97 4.61 68.72 -48.90
C ALA A 97 6.08 68.99 -49.18
N GLU A 98 6.52 70.21 -48.85
CA GLU A 98 7.88 70.66 -49.15
C GLU A 98 8.95 69.88 -48.38
N ASP A 99 10.15 69.84 -48.94
CA ASP A 99 11.29 69.18 -48.33
C ASP A 99 11.84 70.03 -47.18
N MET B 1 -0.60 6.12 27.77
CA MET B 1 -0.34 7.48 28.20
C MET B 1 1.16 7.76 28.22
N CYS B 2 1.97 6.72 28.02
CA CYS B 2 3.42 6.88 27.98
C CYS B 2 3.98 6.86 26.57
N GLU B 3 3.27 6.27 25.60
CA GLU B 3 3.69 6.36 24.20
C GLU B 3 3.51 7.76 23.65
N SER B 4 2.66 8.58 24.28
CA SER B 4 2.38 9.93 23.80
C SER B 4 3.58 10.86 23.92
N TYR B 5 4.54 10.54 24.82
CA TYR B 5 5.71 11.40 24.95
C TYR B 5 6.60 11.34 23.71
N SER B 6 6.78 10.15 23.14
CA SER B 6 7.56 10.02 21.92
C SER B 6 6.85 10.64 20.74
N ARG B 7 5.51 10.59 20.74
CA ARG B 7 4.73 11.31 19.74
C ARG B 7 4.90 12.81 19.86
N SER B 8 4.94 13.33 21.09
CA SER B 8 5.16 14.75 21.31
C SER B 8 6.58 15.17 20.91
N LEU B 9 7.56 14.29 21.12
CA LEU B 9 8.93 14.58 20.69
C LEU B 9 9.04 14.61 19.17
N LEU B 10 8.30 13.73 18.49
CA LEU B 10 8.25 13.81 17.02
C LEU B 10 7.53 15.08 16.56
N ARG B 11 6.51 15.52 17.30
CA ARG B 11 5.88 16.82 17.03
C ARG B 11 6.86 17.98 17.22
N VAL B 12 7.73 17.88 18.22
CA VAL B 12 8.79 18.88 18.42
C VAL B 12 9.77 18.87 17.25
N SER B 13 10.08 17.69 16.72
CA SER B 13 10.98 17.61 15.56
C SER B 13 10.33 18.23 14.31
N VAL B 14 9.03 18.01 14.13
CA VAL B 14 8.29 18.64 13.02
C VAL B 14 8.29 20.16 13.19
N ALA B 15 8.09 20.63 14.43
CA ALA B 15 8.14 22.06 14.72
C ALA B 15 9.53 22.64 14.49
N GLN B 16 10.58 21.86 14.74
CA GLN B 16 11.95 22.32 14.47
C GLN B 16 12.22 22.40 12.97
N ILE B 17 11.68 21.46 12.19
CA ILE B 17 11.83 21.55 10.73
C ILE B 17 11.04 22.75 10.18
N CYS B 18 9.88 23.05 10.79
CA CYS B 18 9.14 24.24 10.39
C CYS B 18 9.85 25.53 10.82
N GLN B 19 10.57 25.50 11.96
CA GLN B 19 11.39 26.64 12.34
C GLN B 19 12.54 26.84 11.37
N ALA B 20 13.12 25.76 10.87
CA ALA B 20 14.15 25.87 9.84
C ALA B 20 13.57 26.42 8.54
N LEU B 21 12.33 26.03 8.21
CA LEU B 21 11.70 26.52 6.99
C LEU B 21 11.07 27.89 7.19
N GLY B 22 10.56 28.16 8.38
CA GLY B 22 10.10 29.49 8.72
C GLY B 22 8.60 29.69 8.81
N TRP B 23 7.85 28.70 9.26
CA TRP B 23 6.40 28.81 9.35
C TRP B 23 5.99 29.63 10.57
N ASP B 24 5.12 30.62 10.37
CA ASP B 24 4.63 31.44 11.47
C ASP B 24 3.48 30.74 12.19
N SER B 25 2.40 30.46 11.47
CA SER B 25 1.25 29.76 12.01
C SER B 25 1.01 28.47 11.22
N VAL B 26 0.18 27.61 11.79
CA VAL B 26 0.00 26.24 11.32
C VAL B 26 -1.35 25.75 11.83
N GLN B 27 -2.01 24.88 11.05
CA GLN B 27 -3.16 24.12 11.51
C GLN B 27 -2.64 22.92 12.29
N LEU B 28 -3.03 22.83 13.56
CA LEU B 28 -2.42 21.86 14.48
C LEU B 28 -2.75 20.43 14.09
N SER B 29 -3.99 20.18 13.67
CA SER B 29 -4.42 18.83 13.29
C SER B 29 -3.67 18.34 12.06
N ALA B 30 -3.24 19.26 11.19
CA ALA B 30 -2.39 18.89 10.05
C ALA B 30 -1.04 18.35 10.53
N CYS B 31 -0.44 18.98 11.54
CA CYS B 31 0.83 18.46 12.07
C CYS B 31 0.64 17.16 12.83
N HIS B 32 -0.51 16.99 13.53
CA HIS B 32 -0.76 15.70 14.17
C HIS B 32 -0.91 14.58 13.15
N LEU B 33 -1.60 14.85 12.03
CA LEU B 33 -1.72 13.88 10.96
C LEU B 33 -0.37 13.63 10.28
N LEU B 34 0.46 14.68 10.15
CA LEU B 34 1.78 14.49 9.54
C LEU B 34 2.74 13.73 10.45
N THR B 35 2.61 13.87 11.77
CA THR B 35 3.37 13.01 12.67
C THR B 35 2.89 11.56 12.58
N ASP B 36 1.58 11.35 12.41
CA ASP B 36 1.08 10.01 12.12
C ASP B 36 1.64 9.46 10.81
N VAL B 37 1.74 10.31 9.78
CA VAL B 37 2.34 9.95 8.50
C VAL B 37 3.83 9.63 8.67
N LEU B 38 4.52 10.35 9.55
CA LEU B 38 5.92 10.04 9.86
C LEU B 38 6.07 8.68 10.51
N GLN B 39 5.23 8.39 11.49
CA GLN B 39 5.33 7.10 12.19
C GLN B 39 4.98 5.94 11.25
N ARG B 40 3.99 6.15 10.37
CA ARG B 40 3.65 5.13 9.38
C ARG B 40 4.75 4.98 8.32
N TYR B 41 5.43 6.08 7.97
CA TYR B 41 6.51 6.01 6.97
C TYR B 41 7.74 5.32 7.55
N LEU B 42 8.05 5.59 8.82
CA LEU B 42 9.14 4.89 9.50
C LEU B 42 8.85 3.40 9.61
N GLN B 43 7.60 3.06 9.94
CA GLN B 43 7.23 1.65 9.99
C GLN B 43 7.23 1.00 8.60
N GLN B 44 6.92 1.76 7.54
CA GLN B 44 7.03 1.22 6.19
C GLN B 44 8.48 0.99 5.79
N LEU B 45 9.38 1.91 6.17
CA LEU B 45 10.81 1.72 5.95
C LEU B 45 11.32 0.48 6.68
N GLY B 46 10.90 0.30 7.93
CA GLY B 46 11.30 -0.87 8.69
C GLY B 46 10.80 -2.17 8.10
N ARG B 47 9.51 -2.21 7.73
CA ARG B 47 8.93 -3.40 7.10
C ARG B 47 9.57 -3.70 5.75
N GLY B 48 9.90 -2.67 4.98
CA GLY B 48 10.59 -2.88 3.72
C GLY B 48 11.98 -3.44 3.92
N CYS B 49 12.70 -2.94 4.94
CA CYS B 49 14.01 -3.47 5.26
C CYS B 49 13.95 -4.93 5.72
N HIS B 50 12.94 -5.29 6.52
CA HIS B 50 12.85 -6.68 6.98
C HIS B 50 12.45 -7.62 5.84
N ARG B 51 11.50 -7.20 5.00
CA ARG B 51 11.12 -8.02 3.86
C ARG B 51 12.25 -8.13 2.84
N TYR B 52 13.14 -7.13 2.79
CA TYR B 52 14.34 -7.26 1.97
C TYR B 52 15.40 -8.14 2.63
N SER B 53 15.48 -8.16 3.96
CA SER B 53 16.57 -8.80 4.66
C SER B 53 16.28 -10.24 5.10
N GLU B 54 15.01 -10.65 5.14
CA GLU B 54 14.68 -12.04 5.41
C GLU B 54 14.89 -12.92 4.19
N LEU B 55 15.10 -12.31 3.01
CA LEU B 55 15.53 -13.04 1.83
C LEU B 55 17.00 -13.45 1.91
N TYR B 56 17.76 -12.87 2.84
CA TYR B 56 19.04 -13.43 3.25
C TYR B 56 18.80 -14.51 4.29
N GLY B 57 19.72 -15.48 4.35
CA GLY B 57 19.68 -16.45 5.43
C GLY B 57 19.98 -15.87 6.79
N ARG B 58 20.72 -14.76 6.83
CA ARG B 58 21.03 -14.05 8.06
C ARG B 58 20.11 -12.84 8.23
N THR B 59 20.26 -12.16 9.37
CA THR B 59 19.37 -11.08 9.77
C THR B 59 19.93 -9.69 9.52
N ASP B 60 21.26 -9.54 9.56
CA ASP B 60 22.03 -8.28 9.60
C ASP B 60 21.67 -7.26 8.51
N PRO B 61 21.11 -6.10 8.90
CA PRO B 61 20.86 -5.03 7.93
C PRO B 61 22.11 -4.22 7.62
N ILE B 62 22.49 -4.16 6.34
CA ILE B 62 23.71 -3.47 5.92
C ILE B 62 23.26 -2.15 5.29
N LEU B 63 24.21 -1.24 5.04
CA LEU B 63 23.88 0.10 4.54
C LEU B 63 23.34 0.06 3.12
N ASP B 64 23.87 -0.85 2.28
CA ASP B 64 23.39 -0.95 0.90
C ASP B 64 21.96 -1.46 0.84
N ASP B 65 21.56 -2.30 1.80
CA ASP B 65 20.19 -2.77 1.89
C ASP B 65 19.22 -1.61 2.18
N VAL B 66 19.60 -0.74 3.11
CA VAL B 66 18.75 0.40 3.45
C VAL B 66 18.75 1.43 2.32
N GLY B 67 19.87 1.58 1.63
CA GLY B 67 19.91 2.47 0.47
C GLY B 67 19.04 2.00 -0.66
N GLU B 68 19.05 0.69 -0.94
CA GLU B 68 18.14 0.13 -1.93
C GLU B 68 16.70 0.16 -1.46
N ALA B 69 16.47 0.14 -0.14
CA ALA B 69 15.12 0.30 0.38
C ALA B 69 14.59 1.71 0.14
N PHE B 70 15.45 2.73 0.30
CA PHE B 70 15.04 4.09 -0.04
C PHE B 70 14.87 4.29 -1.53
N GLN B 71 15.73 3.67 -2.36
CA GLN B 71 15.56 3.77 -3.79
C GLN B 71 14.33 3.01 -4.29
N LEU B 72 13.94 1.96 -3.57
CA LEU B 72 12.66 1.29 -3.85
C LEU B 72 11.49 2.21 -3.54
N MET B 73 11.56 2.96 -2.44
CA MET B 73 10.50 3.85 -2.03
C MET B 73 10.69 5.28 -2.52
N GLY B 74 11.56 5.49 -3.51
CA GLY B 74 11.67 6.78 -4.16
C GLY B 74 12.36 7.88 -3.39
N VAL B 75 13.66 7.73 -3.15
CA VAL B 75 14.47 8.76 -2.49
C VAL B 75 15.79 8.88 -3.26
N SER B 76 16.10 10.10 -3.71
CA SER B 76 17.36 10.41 -4.37
C SER B 76 18.39 10.73 -3.30
N LEU B 77 19.41 9.87 -3.18
CA LEU B 77 20.25 9.84 -1.99
C LEU B 77 21.35 10.91 -1.97
N HIS B 78 21.74 11.45 -3.13
CA HIS B 78 22.91 12.32 -3.21
C HIS B 78 22.69 13.62 -2.45
N GLU B 79 21.48 14.16 -2.54
CA GLU B 79 21.09 15.40 -1.88
C GLU B 79 21.06 15.26 -0.36
N LEU B 80 21.09 14.01 0.16
CA LEU B 80 21.20 13.77 1.59
C LEU B 80 22.41 14.48 2.17
N GLU B 81 23.56 14.43 1.44
CA GLU B 81 24.73 15.18 1.89
C GLU B 81 24.45 16.66 1.99
N ASP B 82 23.86 17.24 0.93
CA ASP B 82 23.51 18.65 0.94
C ASP B 82 22.48 18.94 2.01
N TYR B 83 21.56 17.98 2.23
CA TYR B 83 20.50 18.21 3.20
C TYR B 83 21.05 18.27 4.61
N ILE B 84 22.10 17.51 4.90
CA ILE B 84 22.68 17.56 6.24
C ILE B 84 23.38 18.90 6.44
N HIS B 85 24.01 19.42 5.38
CA HIS B 85 24.61 20.73 5.49
C HIS B 85 23.56 21.83 5.51
N ASN B 86 22.32 21.49 5.11
CA ASN B 86 21.20 22.39 5.35
C ASN B 86 20.78 22.38 6.82
N ILE B 87 20.82 21.22 7.46
CA ILE B 87 20.07 21.02 8.69
C ILE B 87 20.95 21.06 9.94
N GLU B 88 21.92 20.15 10.05
CA GLU B 88 22.67 19.95 11.28
C GLU B 88 23.55 21.11 11.78
N PRO B 89 24.07 22.01 10.93
CA PRO B 89 24.61 23.27 11.50
C PRO B 89 23.58 24.37 11.69
N VAL B 90 22.32 24.14 11.37
CA VAL B 90 21.28 25.18 11.51
C VAL B 90 20.21 24.81 12.53
N THR B 91 19.87 23.54 12.73
CA THR B 91 18.86 23.14 13.70
C THR B 91 19.55 22.45 14.87
N PHE B 92 19.24 22.89 16.08
CA PHE B 92 19.89 22.35 17.26
C PHE B 92 19.16 21.09 17.74
N PRO B 93 19.87 20.01 18.09
CA PRO B 93 19.25 18.77 18.57
C PRO B 93 18.63 18.92 19.96
N GLU C 870 2.02 -6.72 -30.74
CA GLU C 870 1.67 -7.57 -31.86
C GLU C 870 1.45 -9.02 -31.41
N THR C 871 0.23 -9.28 -30.93
CA THR C 871 -0.24 -10.60 -30.47
C THR C 871 0.68 -11.20 -29.40
N PHE C 872 0.71 -10.53 -28.24
CA PHE C 872 1.51 -11.01 -27.13
C PHE C 872 0.91 -12.27 -26.52
N LEU C 873 -0.33 -12.19 -26.04
CA LEU C 873 -1.09 -13.36 -25.68
C LEU C 873 -1.67 -14.00 -26.94
N LEU C 874 -2.31 -15.16 -26.77
CA LEU C 874 -3.01 -15.79 -27.89
C LEU C 874 -4.37 -15.13 -28.05
N GLN C 875 -4.58 -14.48 -29.19
CA GLN C 875 -5.75 -13.62 -29.36
C GLN C 875 -7.04 -14.43 -29.50
N ALA C 876 -7.00 -15.53 -30.26
CA ALA C 876 -8.23 -16.27 -30.55
C ALA C 876 -8.82 -17.02 -29.35
N PRO C 877 -8.08 -17.87 -28.59
CA PRO C 877 -8.77 -18.55 -27.48
C PRO C 877 -9.10 -17.63 -26.32
N LEU C 878 -8.26 -16.63 -26.05
CA LEU C 878 -8.59 -15.66 -25.01
C LEU C 878 -9.79 -14.81 -25.41
N GLN C 879 -9.88 -14.44 -26.70
CA GLN C 879 -11.01 -13.67 -27.19
C GLN C 879 -12.30 -14.48 -27.13
N ARG C 880 -12.21 -15.80 -27.40
CA ARG C 880 -13.37 -16.67 -27.24
C ARG C 880 -13.79 -16.78 -25.77
N ARG C 881 -12.82 -16.84 -24.86
CA ARG C 881 -13.17 -16.91 -23.43
C ARG C 881 -13.74 -15.59 -22.92
N ILE C 882 -13.24 -14.46 -23.43
CA ILE C 882 -13.78 -13.15 -23.05
C ILE C 882 -15.21 -13.00 -23.55
N LEU C 883 -15.47 -13.38 -24.81
CA LEU C 883 -16.83 -13.38 -25.34
C LEU C 883 -17.74 -14.36 -24.59
N GLU C 884 -17.19 -15.51 -24.16
CA GLU C 884 -17.96 -16.49 -23.40
C GLU C 884 -18.42 -15.92 -22.06
N ILE C 885 -17.47 -15.41 -21.27
CA ILE C 885 -17.79 -14.86 -19.95
C ILE C 885 -18.64 -13.59 -20.07
N GLY C 886 -18.49 -12.84 -21.17
CA GLY C 886 -19.35 -11.70 -21.40
C GLY C 886 -20.78 -12.08 -21.74
N LYS C 887 -20.95 -13.09 -22.60
CA LYS C 887 -22.29 -13.55 -22.96
C LYS C 887 -22.98 -14.25 -21.79
N LYS C 888 -22.21 -14.82 -20.86
CA LYS C 888 -22.82 -15.31 -19.63
C LYS C 888 -23.26 -14.18 -18.71
N HIS C 889 -22.73 -12.97 -18.89
CA HIS C 889 -23.12 -11.82 -18.08
C HIS C 889 -23.73 -10.70 -18.90
N GLY C 890 -24.04 -10.95 -20.17
CA GLY C 890 -24.80 -10.00 -20.96
C GLY C 890 -24.02 -9.14 -21.93
N ILE C 891 -22.77 -9.49 -22.24
CA ILE C 891 -21.93 -8.68 -23.13
C ILE C 891 -21.76 -9.45 -24.42
N THR C 892 -22.33 -8.93 -25.51
CA THR C 892 -22.35 -9.66 -26.78
C THR C 892 -21.00 -9.57 -27.50
N GLU C 893 -20.48 -8.37 -27.68
CA GLU C 893 -19.34 -8.12 -28.56
C GLU C 893 -18.20 -7.45 -27.82
N LEU C 894 -17.16 -7.10 -28.59
CA LEU C 894 -15.97 -6.42 -28.11
C LEU C 894 -15.46 -5.52 -29.23
N HIS C 895 -14.24 -5.00 -29.06
CA HIS C 895 -13.56 -4.23 -30.08
C HIS C 895 -12.12 -4.76 -30.13
N PRO C 896 -11.57 -5.06 -31.34
CA PRO C 896 -10.42 -5.98 -31.43
C PRO C 896 -9.09 -5.49 -30.85
N ASP C 897 -8.68 -4.27 -31.20
CA ASP C 897 -7.45 -3.73 -30.64
C ASP C 897 -7.59 -3.38 -29.17
N VAL C 898 -8.82 -3.18 -28.68
CA VAL C 898 -9.02 -2.94 -27.25
C VAL C 898 -8.81 -4.23 -26.46
N VAL C 899 -9.20 -5.38 -27.02
CA VAL C 899 -8.93 -6.66 -26.37
C VAL C 899 -7.45 -7.01 -26.50
N SER C 900 -6.82 -6.61 -27.60
CA SER C 900 -5.36 -6.67 -27.67
C SER C 900 -4.72 -5.76 -26.61
N TYR C 901 -5.39 -4.65 -26.27
CA TYR C 901 -4.90 -3.80 -25.21
C TYR C 901 -5.13 -4.41 -23.82
N VAL C 902 -6.13 -5.27 -23.69
CA VAL C 902 -6.29 -6.04 -22.45
C VAL C 902 -5.12 -7.01 -22.29
N SER C 903 -4.78 -7.72 -23.37
CA SER C 903 -3.59 -8.56 -23.44
C SER C 903 -2.31 -7.77 -23.15
N HIS C 904 -2.32 -6.51 -23.54
CA HIS C 904 -1.16 -5.64 -23.51
C HIS C 904 -0.84 -5.20 -22.08
N ALA C 905 -1.87 -4.75 -21.35
CA ALA C 905 -1.72 -4.47 -19.93
C ALA C 905 -1.41 -5.74 -19.13
N THR C 906 -1.88 -6.90 -19.59
CA THR C 906 -1.46 -8.16 -18.94
C THR C 906 0.05 -8.43 -19.10
N GLN C 907 0.60 -8.19 -20.30
CA GLN C 907 1.99 -8.56 -20.54
C GLN C 907 2.94 -7.63 -19.80
N GLN C 908 2.54 -6.39 -19.54
CA GLN C 908 3.40 -5.69 -18.58
C GLN C 908 2.93 -5.79 -17.12
N ARG C 909 1.79 -6.41 -16.83
CA ARG C 909 1.67 -6.96 -15.49
C ARG C 909 2.73 -8.04 -15.26
N LEU C 910 2.99 -8.84 -16.30
CA LEU C 910 4.14 -9.76 -16.24
C LEU C 910 5.47 -9.02 -16.15
N GLN C 911 5.65 -7.88 -16.81
CA GLN C 911 6.95 -7.19 -16.63
C GLN C 911 7.03 -6.43 -15.30
N ASN C 912 5.90 -6.09 -14.68
CA ASN C 912 5.97 -5.62 -13.28
C ASN C 912 6.51 -6.72 -12.39
N LEU C 913 6.06 -7.95 -12.62
CA LEU C 913 6.69 -9.11 -11.99
C LEU C 913 8.17 -9.22 -12.37
N VAL C 914 8.54 -8.88 -13.61
CA VAL C 914 9.94 -8.96 -14.05
C VAL C 914 10.80 -7.83 -13.45
N GLU C 915 10.20 -6.67 -13.17
CA GLU C 915 10.93 -5.63 -12.44
C GLU C 915 11.20 -6.07 -11.02
N LYS C 916 10.24 -6.77 -10.41
CA LYS C 916 10.50 -7.42 -9.14
C LYS C 916 11.55 -8.54 -9.26
N ILE C 917 11.57 -9.24 -10.40
CA ILE C 917 12.59 -10.26 -10.67
C ILE C 917 13.97 -9.63 -10.77
N SER C 918 14.06 -8.46 -11.40
CA SER C 918 15.33 -7.73 -11.49
C SER C 918 15.79 -7.22 -10.13
N GLU C 919 14.83 -6.83 -9.27
CA GLU C 919 15.17 -6.49 -7.90
C GLU C 919 15.70 -7.71 -7.14
N THR C 920 15.07 -8.87 -7.32
CA THR C 920 15.61 -10.09 -6.70
C THR C 920 16.90 -10.57 -7.36
N ALA C 921 17.18 -10.13 -8.59
CA ALA C 921 18.45 -10.44 -9.22
C ALA C 921 19.56 -9.55 -8.67
N GLN C 922 19.22 -8.30 -8.31
CA GLN C 922 20.16 -7.49 -7.53
C GLN C 922 20.33 -8.05 -6.12
N GLN C 923 19.29 -8.69 -5.58
CA GLN C 923 19.43 -9.45 -4.35
C GLN C 923 20.37 -10.65 -4.53
N LYS C 924 20.35 -11.27 -5.72
CA LYS C 924 21.33 -12.30 -6.06
C LYS C 924 22.73 -11.72 -6.25
N ASN C 925 22.84 -10.41 -6.51
CA ASN C 925 24.11 -9.72 -6.68
C ASN C 925 24.68 -9.21 -5.36
N PHE C 926 24.33 -9.83 -4.25
CA PHE C 926 24.79 -9.42 -2.93
C PHE C 926 26.28 -9.65 -2.79
N SER C 927 27.04 -8.56 -2.69
CA SER C 927 28.49 -8.63 -2.57
C SER C 927 28.84 -8.63 -1.08
N TYR C 928 28.89 -9.83 -0.50
CA TYR C 928 29.24 -9.98 0.91
C TYR C 928 30.75 -10.00 1.14
N LYS C 929 31.55 -10.02 0.07
CA LYS C 929 32.99 -9.93 0.16
C LYS C 929 33.51 -8.57 -0.29
N ASP C 930 32.67 -7.54 -0.24
CA ASP C 930 33.04 -6.20 -0.66
C ASP C 930 33.75 -5.48 0.49
N ASP C 931 33.92 -4.17 0.37
CA ASP C 931 34.61 -3.36 1.38
C ASP C 931 33.68 -3.18 2.59
N ASP C 932 33.63 -4.24 3.40
CA ASP C 932 32.75 -4.28 4.57
C ASP C 932 33.50 -3.82 5.82
N ARG C 933 34.01 -2.59 5.76
CA ARG C 933 34.66 -1.99 6.92
C ARG C 933 33.66 -1.53 7.96
N TYR C 934 32.41 -1.31 7.57
CA TYR C 934 31.39 -0.84 8.51
C TYR C 934 30.70 -2.00 9.21
N GLU C 935 30.07 -2.89 8.45
CA GLU C 935 29.30 -4.00 8.99
C GLU C 935 30.12 -5.29 8.96
N GLN C 936 29.75 -6.21 9.85
CA GLN C 936 30.40 -7.52 9.93
C GLN C 936 29.73 -8.53 8.99
N ALA C 937 28.39 -8.55 8.98
CA ALA C 937 27.56 -9.44 8.16
C ALA C 937 27.85 -10.92 8.41
N SER C 938 28.15 -11.27 9.66
CA SER C 938 28.47 -12.65 10.02
C SER C 938 27.80 -13.02 11.34
N ASP C 939 28.23 -14.15 11.93
CA ASP C 939 27.90 -14.61 13.27
C ASP C 939 26.41 -15.01 13.40
N VAL C 940 25.77 -15.34 12.30
CA VAL C 940 24.45 -15.95 12.34
C VAL C 940 24.51 -17.27 11.58
N ARG C 941 24.86 -17.21 10.30
CA ARG C 941 25.16 -18.42 9.55
C ARG C 941 26.50 -19.01 9.99
N ALA C 942 27.45 -18.16 10.40
CA ALA C 942 28.66 -18.65 11.05
C ALA C 942 28.33 -19.28 12.40
N GLN C 943 27.40 -18.69 13.14
CA GLN C 943 26.92 -19.30 14.37
C GLN C 943 26.13 -20.58 14.08
N LEU C 944 25.47 -20.65 12.92
CA LEU C 944 24.83 -21.89 12.50
C LEU C 944 25.85 -22.97 12.19
N LYS C 945 26.99 -22.58 11.60
CA LYS C 945 28.07 -23.55 11.37
C LYS C 945 28.74 -23.97 12.67
N PHE C 946 28.80 -23.06 13.66
CA PHE C 946 29.33 -23.44 14.96
C PHE C 946 28.39 -24.39 15.70
N PHE C 947 27.07 -24.16 15.58
CA PHE C 947 26.09 -25.09 16.12
C PHE C 947 26.13 -26.43 15.40
N GLU C 948 26.38 -26.42 14.08
CA GLU C 948 26.57 -27.65 13.34
C GLU C 948 27.85 -28.38 13.75
N GLN C 949 28.89 -27.64 14.11
CA GLN C 949 30.11 -28.28 14.61
C GLN C 949 29.91 -28.89 15.99
N LEU C 950 29.17 -28.20 16.86
CA LEU C 950 28.82 -28.78 18.16
C LEU C 950 27.93 -30.00 18.01
N ASP C 951 26.98 -29.96 17.08
CA ASP C 951 26.14 -31.11 16.80
C ASP C 951 26.92 -32.25 16.15
N GLN C 952 27.96 -31.92 15.37
CA GLN C 952 28.81 -32.96 14.80
C GLN C 952 29.67 -33.60 15.86
N ILE C 953 30.11 -32.82 16.85
CA ILE C 953 30.83 -33.38 18.00
C ILE C 953 29.91 -34.30 18.80
N GLU C 954 28.64 -33.87 18.99
CA GLU C 954 27.68 -34.72 19.69
C GLU C 954 27.32 -35.97 18.90
N LYS C 955 27.26 -35.87 17.58
CA LYS C 955 26.99 -37.04 16.75
C LYS C 955 28.18 -37.99 16.69
N GLN C 956 29.41 -37.46 16.72
CA GLN C 956 30.58 -38.31 16.83
C GLN C 956 30.64 -38.99 18.19
N ARG C 957 30.21 -38.28 19.25
CA ARG C 957 30.10 -38.90 20.56
C ARG C 957 29.02 -39.97 20.60
N LYS C 958 27.92 -39.78 19.87
CA LYS C 958 26.86 -40.79 19.81
C LYS C 958 27.29 -42.01 19.01
N ASP C 959 28.04 -41.79 17.93
CA ASP C 959 28.59 -42.91 17.17
C ASP C 959 29.65 -43.65 17.97
N GLU C 960 30.44 -42.91 18.77
CA GLU C 960 31.40 -43.55 19.67
C GLU C 960 30.70 -44.32 20.78
N GLN C 961 29.54 -43.84 21.24
CA GLN C 961 28.78 -44.59 22.24
C GLN C 961 28.15 -45.84 21.63
N GLU C 962 27.72 -45.78 20.37
CA GLU C 962 27.23 -46.96 19.68
C GLU C 962 28.36 -47.99 19.48
N ARG C 963 29.54 -47.50 19.10
CA ARG C 963 30.70 -48.39 18.98
C ARG C 963 31.15 -48.93 20.34
N GLU C 964 30.95 -48.16 21.40
CA GLU C 964 31.27 -48.65 22.74
C GLU C 964 30.29 -49.71 23.20
N ILE C 965 29.02 -49.56 22.83
CA ILE C 965 28.03 -50.61 23.11
C ILE C 965 28.34 -51.87 22.29
N LEU C 966 28.79 -51.70 21.04
CA LEU C 966 29.20 -52.85 20.24
C LEU C 966 30.45 -53.52 20.79
N MET C 967 31.37 -52.74 21.36
CA MET C 967 32.57 -53.32 21.97
C MET C 967 32.25 -53.98 23.32
N ARG C 968 31.28 -53.45 24.06
CA ARG C 968 30.84 -54.10 25.28
C ARG C 968 30.10 -55.40 24.98
N ALA C 969 29.39 -55.44 23.84
CA ALA C 969 28.87 -56.71 23.35
C ALA C 969 30.01 -57.64 22.93
N ALA C 970 31.07 -57.08 22.37
CA ALA C 970 32.26 -57.86 22.04
C ALA C 970 33.09 -58.20 23.26
N LYS C 971 32.95 -57.45 24.36
CA LYS C 971 33.71 -57.71 25.57
C LYS C 971 33.16 -58.93 26.30
N ASP D 210 -42.85 -18.75 -1.69
CA ASP D 210 -43.12 -17.52 -0.96
C ASP D 210 -42.47 -17.61 0.42
N PRO D 211 -41.47 -16.76 0.67
CA PRO D 211 -40.79 -16.79 1.98
C PRO D 211 -41.64 -16.26 3.13
N THR D 212 -42.60 -15.37 2.85
CA THR D 212 -43.44 -14.84 3.92
C THR D 212 -44.43 -15.89 4.42
N MET D 213 -44.95 -16.73 3.51
CA MET D 213 -45.73 -17.89 3.90
C MET D 213 -44.92 -18.83 4.78
N TYR D 214 -43.63 -18.98 4.47
CA TYR D 214 -42.72 -19.75 5.33
C TYR D 214 -42.50 -19.06 6.67
N GLU D 215 -42.57 -17.72 6.72
CA GLU D 215 -42.48 -17.02 7.99
C GLU D 215 -43.68 -17.30 8.88
N GLU D 216 -44.89 -17.26 8.31
CA GLU D 216 -46.05 -17.67 9.10
C GLU D 216 -46.06 -19.17 9.42
N TYR D 217 -45.43 -19.99 8.57
CA TYR D 217 -45.26 -21.41 8.90
C TYR D 217 -44.33 -21.59 10.10
N TYR D 218 -43.26 -20.81 10.16
CA TYR D 218 -42.39 -20.81 11.34
C TYR D 218 -43.13 -20.32 12.58
N SER D 219 -43.99 -19.32 12.42
CA SER D 219 -44.80 -18.83 13.53
C SER D 219 -45.74 -19.91 14.06
N GLY D 220 -46.41 -20.62 13.16
CA GLY D 220 -47.30 -21.70 13.56
C GLY D 220 -46.56 -22.87 14.17
N LEU D 221 -45.39 -23.21 13.64
CA LEU D 221 -44.59 -24.29 14.21
C LEU D 221 -44.01 -23.90 15.57
N LYS D 222 -43.64 -22.62 15.74
CA LYS D 222 -43.17 -22.13 17.04
C LYS D 222 -44.26 -22.21 18.09
N HIS D 223 -45.48 -21.79 17.73
CA HIS D 223 -46.60 -21.90 18.67
C HIS D 223 -46.99 -23.35 18.92
N PHE D 224 -46.80 -24.23 17.93
CA PHE D 224 -47.11 -25.65 18.11
C PHE D 224 -46.13 -26.33 19.05
N ILE D 225 -44.84 -26.00 18.94
CA ILE D 225 -43.86 -26.55 19.87
C ILE D 225 -44.03 -25.93 21.26
N GLU D 226 -44.49 -24.67 21.32
CA GLU D 226 -44.87 -24.09 22.60
C GLU D 226 -46.13 -24.72 23.18
N CYS D 227 -46.97 -25.35 22.36
CA CYS D 227 -48.14 -26.09 22.82
C CYS D 227 -47.84 -27.58 23.03
N SER D 228 -46.59 -27.93 23.33
CA SER D 228 -46.21 -29.30 23.61
C SER D 228 -46.18 -29.53 25.12
N LEU D 229 -45.68 -30.70 25.51
CA LEU D 229 -45.61 -31.08 26.92
C LEU D 229 -44.28 -30.62 27.52
N ASP D 230 -43.95 -31.15 28.70
CA ASP D 230 -42.79 -30.66 29.46
C ASP D 230 -41.48 -31.11 28.82
N CYS D 231 -41.27 -32.42 28.72
CA CYS D 231 -40.02 -32.94 28.17
C CYS D 231 -39.87 -32.63 26.69
N HIS D 232 -40.98 -32.53 25.96
CA HIS D 232 -40.95 -32.20 24.55
C HIS D 232 -40.41 -30.78 24.33
N ARG D 233 -40.97 -29.80 25.04
CA ARG D 233 -40.48 -28.43 24.93
C ARG D 233 -39.07 -28.30 25.50
N ALA D 234 -38.76 -29.07 26.56
CA ALA D 234 -37.43 -29.03 27.15
C ALA D 234 -36.37 -29.60 26.22
N GLU D 235 -36.74 -30.52 25.33
CA GLU D 235 -35.80 -31.07 24.37
C GLU D 235 -35.91 -30.47 22.98
N LEU D 236 -36.87 -29.59 22.72
CA LEU D 236 -36.90 -28.87 21.44
C LEU D 236 -36.66 -27.37 21.61
N SER D 237 -36.31 -26.93 22.82
CA SER D 237 -35.73 -25.60 23.00
C SER D 237 -34.43 -25.45 22.19
N GLN D 238 -33.70 -26.54 22.00
CA GLN D 238 -32.59 -26.57 21.07
C GLN D 238 -33.05 -26.59 19.60
N LEU D 239 -34.30 -26.96 19.31
CA LEU D 239 -34.77 -26.83 17.93
C LEU D 239 -35.23 -25.43 17.59
N PHE D 240 -35.60 -24.64 18.61
CA PHE D 240 -36.11 -23.28 18.36
C PHE D 240 -35.09 -22.38 17.65
N TYR D 241 -33.79 -22.51 17.96
CA TYR D 241 -32.81 -21.58 17.44
C TYR D 241 -32.40 -21.82 15.96
N PRO D 242 -31.81 -22.99 15.60
CA PRO D 242 -31.17 -23.06 14.28
C PRO D 242 -32.15 -23.13 13.13
N LEU D 243 -33.40 -23.51 13.40
CA LEU D 243 -34.46 -23.39 12.40
C LEU D 243 -34.66 -21.94 12.00
N PHE D 244 -34.78 -21.05 13.00
CA PHE D 244 -34.87 -19.61 12.75
C PHE D 244 -33.62 -19.08 12.06
N VAL D 245 -32.45 -19.61 12.41
CA VAL D 245 -31.20 -19.17 11.80
C VAL D 245 -31.15 -19.54 10.31
N HIS D 246 -31.53 -20.78 9.98
CA HIS D 246 -31.51 -21.21 8.60
C HIS D 246 -32.61 -20.55 7.78
N MET D 247 -33.76 -20.23 8.41
CA MET D 247 -34.78 -19.50 7.68
C MET D 247 -34.36 -18.06 7.41
N TYR D 248 -33.64 -17.43 8.33
CA TYR D 248 -33.12 -16.09 8.04
C TYR D 248 -32.01 -16.14 7.00
N LEU D 249 -31.25 -17.24 6.96
CA LEU D 249 -30.31 -17.48 5.86
C LEU D 249 -31.04 -17.55 4.53
N GLU D 250 -32.16 -18.29 4.48
CA GLU D 250 -32.94 -18.39 3.25
C GLU D 250 -33.54 -17.04 2.86
N LEU D 251 -33.91 -16.23 3.84
CA LEU D 251 -34.40 -14.88 3.58
C LEU D 251 -33.33 -13.99 2.98
N VAL D 252 -32.10 -14.05 3.52
CA VAL D 252 -31.00 -13.27 2.96
C VAL D 252 -30.60 -13.79 1.57
N TYR D 253 -30.65 -15.11 1.36
CA TYR D 253 -30.29 -15.70 0.08
C TYR D 253 -31.32 -15.38 -0.99
N ASN D 254 -32.59 -15.23 -0.62
CA ASN D 254 -33.60 -14.75 -1.54
C ASN D 254 -33.54 -13.25 -1.77
N GLN D 255 -32.75 -12.52 -0.96
CA GLN D 255 -32.48 -11.09 -1.10
C GLN D 255 -33.75 -10.24 -0.99
N HIS D 256 -34.49 -10.47 0.10
CA HIS D 256 -35.65 -9.66 0.47
C HIS D 256 -35.31 -8.96 1.77
N GLU D 257 -35.09 -7.64 1.69
CA GLU D 257 -34.47 -6.92 2.80
C GLU D 257 -35.47 -6.66 3.93
N ASN D 258 -36.57 -5.96 3.63
CA ASN D 258 -37.45 -5.48 4.68
C ASN D 258 -38.30 -6.60 5.29
N GLU D 259 -38.60 -7.64 4.51
CA GLU D 259 -39.33 -8.79 5.05
C GLU D 259 -38.48 -9.54 6.07
N ALA D 260 -37.22 -9.80 5.73
CA ALA D 260 -36.28 -10.41 6.66
C ALA D 260 -36.02 -9.50 7.86
N LYS D 261 -36.01 -8.18 7.64
CA LYS D 261 -35.82 -7.23 8.74
C LYS D 261 -36.97 -7.30 9.74
N SER D 262 -38.21 -7.27 9.24
CA SER D 262 -39.38 -7.35 10.11
C SER D 262 -39.47 -8.71 10.81
N PHE D 263 -39.08 -9.78 10.11
CA PHE D 263 -39.14 -11.11 10.70
C PHE D 263 -38.07 -11.29 11.78
N PHE D 264 -36.88 -10.72 11.57
CA PHE D 264 -35.85 -10.73 12.60
C PHE D 264 -36.25 -9.88 13.79
N GLU D 265 -36.81 -8.68 13.54
CA GLU D 265 -37.24 -7.82 14.64
C GLU D 265 -38.43 -8.40 15.39
N LYS D 266 -39.19 -9.31 14.79
CA LYS D 266 -40.26 -9.96 15.53
C LYS D 266 -39.79 -11.20 16.28
N PHE D 267 -38.91 -12.02 15.70
CA PHE D 267 -38.58 -13.31 16.27
C PHE D 267 -37.11 -13.47 16.66
N HIS D 268 -36.44 -12.41 17.12
CA HIS D 268 -35.08 -12.60 17.65
C HIS D 268 -35.09 -12.77 19.17
N GLY D 269 -36.00 -12.10 19.87
CA GLY D 269 -36.00 -12.13 21.33
C GLY D 269 -36.77 -13.28 21.93
N ASP D 270 -36.48 -14.50 21.47
CA ASP D 270 -37.20 -15.69 21.91
C ASP D 270 -36.30 -16.82 22.38
N GLN D 271 -35.00 -16.77 22.10
CA GLN D 271 -34.09 -17.87 22.36
C GLN D 271 -33.44 -17.71 23.73
N GLU D 272 -32.40 -18.51 23.98
CA GLU D 272 -31.68 -18.46 25.25
C GLU D 272 -30.71 -17.28 25.29
N CYS D 273 -29.91 -17.22 26.35
CA CYS D 273 -29.08 -16.05 26.65
C CYS D 273 -27.59 -16.27 26.35
N TYR D 274 -27.26 -17.02 25.29
CA TYR D 274 -25.85 -17.20 24.94
C TYR D 274 -25.58 -17.09 23.45
N TYR D 275 -26.48 -16.50 22.68
CA TYR D 275 -26.36 -16.44 21.23
C TYR D 275 -25.88 -15.09 20.71
N GLN D 276 -25.14 -14.34 21.54
CA GLN D 276 -25.00 -12.89 21.35
C GLN D 276 -24.23 -12.51 20.09
N ASP D 277 -23.09 -13.17 19.84
CA ASP D 277 -22.27 -12.78 18.69
C ASP D 277 -22.91 -13.20 17.38
N ASP D 278 -23.56 -14.38 17.35
CA ASP D 278 -24.31 -14.77 16.17
C ASP D 278 -25.55 -13.92 15.98
N LEU D 279 -26.14 -13.39 17.06
CA LEU D 279 -27.22 -12.43 16.92
C LEU D 279 -26.73 -11.11 16.30
N ARG D 280 -25.53 -10.67 16.68
CA ARG D 280 -24.97 -9.45 16.08
C ARG D 280 -24.67 -9.65 14.59
N VAL D 281 -24.03 -10.78 14.26
CA VAL D 281 -23.72 -11.10 12.86
C VAL D 281 -25.01 -11.25 12.06
N LEU D 282 -26.04 -11.87 12.66
CA LEU D 282 -27.30 -12.11 11.98
C LEU D 282 -28.08 -10.81 11.81
N SER D 283 -27.94 -9.86 12.74
CA SER D 283 -28.51 -8.53 12.57
C SER D 283 -27.75 -7.74 11.51
N SER D 284 -26.51 -8.10 11.22
CA SER D 284 -25.71 -7.40 10.22
C SER D 284 -25.71 -8.10 8.86
N LEU D 285 -26.87 -8.52 8.35
CA LEU D 285 -26.94 -9.25 7.08
C LEU D 285 -27.87 -8.54 6.10
N THR D 286 -27.38 -8.30 4.88
CA THR D 286 -28.25 -7.93 3.77
C THR D 286 -28.14 -8.86 2.57
N LYS D 287 -26.94 -9.06 2.02
CA LYS D 287 -26.78 -9.77 0.74
C LYS D 287 -25.56 -10.68 0.79
N LYS D 288 -25.11 -11.11 -0.39
CA LYS D 288 -24.13 -12.17 -0.56
C LYS D 288 -22.69 -11.74 -0.30
N GLU D 289 -22.43 -10.43 -0.15
CA GLU D 289 -21.10 -10.01 0.29
C GLU D 289 -20.83 -10.49 1.72
N HIS D 290 -21.88 -10.52 2.54
CA HIS D 290 -21.78 -11.09 3.88
C HIS D 290 -21.55 -12.60 3.81
N MET D 291 -22.13 -13.26 2.80
CA MET D 291 -21.84 -14.67 2.56
C MET D 291 -20.40 -14.89 2.13
N LYS D 292 -19.82 -13.93 1.39
CA LYS D 292 -18.41 -14.02 1.03
C LYS D 292 -17.50 -13.82 2.23
N GLY D 293 -17.76 -12.77 3.02
CA GLY D 293 -16.96 -12.49 4.20
C GLY D 293 -17.15 -13.50 5.31
N ASN D 294 -18.37 -13.56 5.85
CA ASN D 294 -18.72 -14.57 6.84
C ASN D 294 -19.17 -15.82 6.09
N GLU D 295 -18.25 -16.78 5.92
CA GLU D 295 -18.59 -18.07 5.36
C GLU D 295 -19.29 -18.97 6.38
N THR D 296 -19.30 -18.54 7.66
CA THR D 296 -20.13 -19.15 8.71
C THR D 296 -21.57 -19.35 8.25
N MET D 297 -22.12 -18.34 7.55
CA MET D 297 -23.47 -18.35 6.99
C MET D 297 -23.74 -19.54 6.07
N LEU D 298 -22.71 -20.18 5.53
CA LEU D 298 -22.90 -21.46 4.89
C LEU D 298 -22.44 -22.61 5.77
N ASP D 299 -21.27 -22.48 6.41
CA ASP D 299 -20.64 -23.65 7.01
C ASP D 299 -21.18 -23.99 8.39
N PHE D 300 -21.76 -23.02 9.10
CA PHE D 300 -22.58 -23.35 10.26
C PHE D 300 -23.96 -23.87 9.84
N ARG D 301 -24.34 -23.64 8.59
CA ARG D 301 -25.68 -23.93 8.09
C ARG D 301 -25.67 -25.11 7.11
N THR D 302 -24.74 -26.05 7.30
CA THR D 302 -24.53 -27.16 6.37
C THR D 302 -24.65 -28.46 7.17
N SER D 303 -25.81 -28.61 7.82
CA SER D 303 -26.24 -29.76 8.61
C SER D 303 -25.47 -29.86 9.92
N LYS D 304 -25.04 -28.71 10.47
CA LYS D 304 -24.55 -28.64 11.84
C LYS D 304 -25.74 -28.41 12.76
N PHE D 305 -26.46 -29.49 13.05
CA PHE D 305 -27.56 -29.47 14.01
C PHE D 305 -27.17 -30.34 15.20
N VAL D 306 -26.87 -29.69 16.33
CA VAL D 306 -26.69 -30.44 17.57
C VAL D 306 -28.10 -30.84 18.04
N LEU D 307 -28.48 -32.08 17.79
CA LEU D 307 -29.82 -32.56 18.08
C LEU D 307 -29.75 -33.59 19.19
N ARG D 308 -30.11 -33.17 20.40
CA ARG D 308 -30.22 -34.07 21.54
C ARG D 308 -31.68 -34.52 21.72
N ILE D 309 -32.23 -35.10 20.67
CA ILE D 309 -33.68 -35.18 20.52
C ILE D 309 -34.14 -36.60 20.80
N SER D 310 -35.46 -36.78 20.86
CA SER D 310 -36.06 -38.06 21.17
C SER D 310 -36.79 -38.62 19.94
N ARG D 311 -37.38 -39.81 20.11
CA ARG D 311 -38.11 -40.46 19.03
C ARG D 311 -39.50 -39.87 18.86
N ASP D 312 -40.22 -39.68 19.97
CA ASP D 312 -41.54 -39.08 19.92
C ASP D 312 -41.51 -37.61 19.51
N SER D 313 -40.36 -36.94 19.66
CA SER D 313 -40.17 -35.62 19.07
C SER D 313 -40.26 -35.67 17.55
N TYR D 314 -39.60 -36.65 16.94
CA TYR D 314 -39.71 -36.84 15.49
C TYR D 314 -41.09 -37.35 15.10
N GLN D 315 -41.77 -38.07 16.00
CA GLN D 315 -43.14 -38.49 15.73
C GLN D 315 -44.09 -37.30 15.67
N LEU D 316 -43.98 -36.39 16.64
CA LEU D 316 -44.74 -35.14 16.63
C LEU D 316 -44.36 -34.28 15.43
N LEU D 317 -43.08 -34.30 15.04
CA LEU D 317 -42.61 -33.54 13.89
C LEU D 317 -43.22 -34.07 12.60
N LYS D 318 -43.29 -35.40 12.45
CA LYS D 318 -43.91 -35.98 11.26
C LYS D 318 -45.41 -35.73 11.24
N ARG D 319 -46.08 -35.89 12.40
CA ARG D 319 -47.52 -35.68 12.47
C ARG D 319 -47.91 -34.22 12.28
N HIS D 320 -47.00 -33.28 12.53
CA HIS D 320 -47.31 -31.89 12.25
C HIS D 320 -46.92 -31.48 10.83
N LEU D 321 -45.77 -31.96 10.32
CA LEU D 321 -45.33 -31.55 8.99
C LEU D 321 -46.02 -32.32 7.86
N GLN D 322 -46.79 -33.37 8.16
CA GLN D 322 -47.65 -33.92 7.11
C GLN D 322 -48.80 -33.00 6.76
N GLU D 323 -49.16 -32.07 7.64
CA GLU D 323 -50.19 -31.08 7.32
C GLU D 323 -49.71 -30.09 6.28
N LYS D 324 -48.39 -29.85 6.20
CA LYS D 324 -47.83 -28.82 5.35
C LYS D 324 -47.38 -29.41 4.01
N GLN D 325 -47.53 -28.64 2.94
CA GLN D 325 -47.10 -29.03 1.61
C GLN D 325 -46.22 -27.95 1.03
N ASN D 326 -45.35 -28.35 0.08
CA ASN D 326 -44.22 -27.56 -0.41
C ASN D 326 -43.37 -27.04 0.75
N ASN D 327 -43.08 -27.94 1.68
CA ASN D 327 -42.60 -27.57 3.00
C ASN D 327 -41.07 -27.44 2.98
N GLN D 328 -40.57 -26.22 3.16
CA GLN D 328 -39.13 -26.00 3.30
C GLN D 328 -38.60 -26.50 4.63
N ILE D 329 -39.43 -26.49 5.68
CA ILE D 329 -39.05 -27.06 6.97
C ILE D 329 -38.82 -28.55 6.84
N TRP D 330 -39.63 -29.22 6.03
CA TRP D 330 -39.40 -30.63 5.73
C TRP D 330 -38.13 -30.83 4.90
N ASN D 331 -37.76 -29.85 4.07
CA ASN D 331 -36.47 -29.93 3.38
C ASN D 331 -35.29 -29.75 4.34
N ILE D 332 -35.47 -28.97 5.41
CA ILE D 332 -34.45 -28.86 6.44
C ILE D 332 -34.35 -30.18 7.22
N VAL D 333 -35.50 -30.82 7.46
CA VAL D 333 -35.54 -32.17 8.04
C VAL D 333 -34.84 -33.19 7.14
N GLN D 334 -34.98 -33.04 5.82
CA GLN D 334 -34.31 -33.95 4.89
C GLN D 334 -32.80 -33.77 4.90
N GLU D 335 -32.31 -32.57 4.60
CA GLU D 335 -30.88 -32.41 4.33
C GLU D 335 -30.05 -31.86 5.49
N HIS D 336 -30.64 -31.56 6.65
CA HIS D 336 -29.87 -30.86 7.67
C HIS D 336 -29.79 -31.54 9.03
N LEU D 337 -30.55 -32.60 9.29
CA LEU D 337 -30.60 -33.16 10.65
C LEU D 337 -29.35 -33.99 10.96
N TYR D 338 -28.85 -33.83 12.18
CA TYR D 338 -27.78 -34.67 12.74
C TYR D 338 -28.27 -35.14 14.11
N ILE D 339 -28.91 -36.31 14.14
CA ILE D 339 -29.78 -36.74 15.24
C ILE D 339 -28.97 -37.53 16.28
N ASP D 340 -29.25 -37.28 17.57
CA ASP D 340 -28.74 -38.07 18.67
C ASP D 340 -29.89 -38.36 19.62
N ILE D 341 -30.20 -39.64 19.81
CA ILE D 341 -31.40 -40.07 20.53
C ILE D 341 -31.13 -40.00 22.04
N PHE D 342 -31.67 -38.97 22.69
CA PHE D 342 -31.82 -38.99 24.15
C PHE D 342 -33.22 -39.47 24.52
N ASP D 343 -33.28 -40.37 25.49
CA ASP D 343 -34.56 -40.86 26.01
C ASP D 343 -34.60 -40.76 27.53
N LEU D 458 0.77 -25.20 54.08
CA LEU D 458 0.38 -23.79 54.09
C LEU D 458 0.44 -23.19 52.67
N PRO D 459 -0.69 -23.19 51.98
CA PRO D 459 -0.76 -22.51 50.68
C PRO D 459 -0.67 -21.00 50.86
N SER D 460 0.27 -20.38 50.13
CA SER D 460 0.49 -18.94 50.20
C SER D 460 1.14 -18.48 48.91
N ILE D 461 0.80 -17.27 48.47
CA ILE D 461 1.34 -16.71 47.24
C ILE D 461 2.60 -15.93 47.60
N CYS D 462 3.76 -16.53 47.33
CA CYS D 462 5.00 -15.78 47.41
C CYS D 462 5.18 -14.92 46.16
N PHE D 463 5.96 -13.86 46.28
CA PHE D 463 6.11 -12.89 45.21
C PHE D 463 7.52 -12.92 44.64
N TYR D 464 7.63 -12.48 43.39
CA TYR D 464 8.88 -12.10 42.75
C TYR D 464 8.82 -10.61 42.42
N THR D 465 9.85 -10.10 41.75
CA THR D 465 9.85 -8.71 41.30
C THR D 465 10.74 -8.60 40.07
N PHE D 466 10.13 -8.22 38.95
CA PHE D 466 10.81 -8.00 37.67
C PHE D 466 10.54 -6.56 37.22
N LEU D 467 10.91 -6.26 35.98
CA LEU D 467 10.90 -4.90 35.47
C LEU D 467 9.46 -4.46 35.18
N ASN D 468 9.25 -3.13 35.19
CA ASN D 468 7.96 -2.51 35.50
C ASN D 468 7.10 -2.18 34.30
N ALA D 469 7.43 -2.63 33.10
CA ALA D 469 6.76 -2.12 31.90
C ALA D 469 5.39 -2.78 31.71
N TYR D 470 4.72 -2.40 30.63
CA TYR D 470 3.38 -2.85 30.28
C TYR D 470 3.40 -3.37 28.85
N GLN D 471 2.20 -3.51 28.23
CA GLN D 471 1.95 -4.06 26.88
C GLN D 471 2.21 -5.55 26.80
N GLY D 472 2.15 -6.26 27.93
CA GLY D 472 2.34 -7.70 27.89
C GLY D 472 1.13 -8.40 27.28
N LEU D 473 1.41 -9.40 26.44
CA LEU D 473 0.38 -10.10 25.68
C LEU D 473 0.26 -11.57 26.07
N THR D 474 1.37 -12.31 26.05
CA THR D 474 1.35 -13.72 26.44
C THR D 474 2.70 -14.09 27.02
N ALA D 475 2.71 -15.09 27.90
CA ALA D 475 3.95 -15.55 28.53
C ALA D 475 3.82 -17.01 28.93
N VAL D 476 4.72 -17.84 28.43
CA VAL D 476 4.72 -19.28 28.67
C VAL D 476 6.11 -19.72 29.11
N ASP D 477 6.18 -20.50 30.18
CA ASP D 477 7.40 -21.17 30.63
C ASP D 477 7.19 -22.68 30.60
N VAL D 478 8.29 -23.42 30.54
CA VAL D 478 8.20 -24.88 30.47
C VAL D 478 8.95 -25.55 31.60
N THR D 479 10.27 -25.30 31.71
CA THR D 479 11.07 -26.09 32.64
C THR D 479 11.69 -25.18 33.71
N ASP D 480 10.91 -24.19 34.18
CA ASP D 480 11.02 -23.51 35.46
C ASP D 480 12.26 -22.61 35.62
N ASP D 481 13.22 -22.62 34.70
CA ASP D 481 14.41 -21.79 34.88
C ASP D 481 14.33 -20.46 34.16
N SER D 482 13.31 -20.24 33.34
CA SER D 482 13.18 -19.04 32.52
C SER D 482 11.77 -18.95 31.95
N SER D 483 11.35 -17.71 31.68
CA SER D 483 10.02 -17.42 31.15
C SER D 483 10.15 -16.58 29.90
N LEU D 484 9.07 -16.52 29.13
CA LEU D 484 9.05 -15.83 27.84
C LEU D 484 7.98 -14.77 27.83
N ILE D 485 8.29 -13.57 28.33
CA ILE D 485 7.31 -12.50 28.41
C ILE D 485 7.25 -11.87 27.02
N ALA D 486 6.39 -12.41 26.16
CA ALA D 486 6.21 -11.89 24.82
C ALA D 486 5.43 -10.58 24.89
N GLY D 487 6.15 -9.45 24.88
CA GLY D 487 5.58 -8.22 25.39
C GLY D 487 5.26 -7.10 24.42
N GLY D 488 6.12 -6.08 24.37
CA GLY D 488 5.73 -4.73 23.94
C GLY D 488 5.45 -4.49 22.47
N PHE D 489 4.54 -5.29 21.89
CA PHE D 489 3.88 -5.12 20.60
C PHE D 489 4.79 -5.36 19.39
N ALA D 490 6.11 -5.45 19.62
CA ALA D 490 7.03 -6.15 18.72
C ALA D 490 8.24 -6.51 19.60
N ASP D 491 8.19 -7.70 20.19
CA ASP D 491 9.14 -8.08 21.25
C ASP D 491 8.92 -9.54 21.59
N SER D 492 9.95 -10.17 22.13
CA SER D 492 9.83 -11.43 22.86
C SER D 492 10.89 -11.39 23.96
N THR D 493 10.50 -10.91 25.13
CA THR D 493 11.45 -10.68 26.23
C THR D 493 11.64 -11.97 27.01
N VAL D 494 12.89 -12.26 27.32
CA VAL D 494 13.28 -13.50 28.00
C VAL D 494 13.84 -13.12 29.36
N ARG D 495 13.24 -13.65 30.42
CA ARG D 495 13.69 -13.41 31.79
C ARG D 495 14.15 -14.72 32.41
N VAL D 496 15.09 -14.61 33.34
CA VAL D 496 15.78 -15.78 33.88
C VAL D 496 15.44 -15.99 35.36
N UNK D 497 14.96 -17.19 35.69
CA UNK D 497 14.61 -17.53 37.06
C UNK D 497 15.68 -18.40 37.72
N UNK D 498 16.10 -18.00 38.93
CA UNK D 498 17.05 -18.71 39.78
C UNK D 498 18.40 -19.02 39.14
N UNK D 499 18.81 -18.20 38.17
CA UNK D 499 20.10 -18.37 37.52
C UNK D 499 20.65 -17.01 37.11
N UNK D 500 21.96 -16.94 36.91
CA UNK D 500 22.63 -15.68 36.58
C UNK D 500 22.44 -15.31 35.12
N UNK D 501 23.43 -15.63 34.29
CA UNK D 501 23.39 -15.30 32.88
C UNK D 501 24.16 -16.34 32.07
N UNK D 502 23.89 -16.39 30.77
CA UNK D 502 24.57 -17.33 29.88
C UNK D 502 24.66 -16.77 28.47
N UNK D 503 25.85 -16.86 27.88
CA UNK D 503 26.09 -16.39 26.51
C UNK D 503 27.01 -17.36 25.78
N UNK D 504 26.42 -18.32 25.09
CA UNK D 504 27.19 -19.38 24.43
C UNK D 504 27.50 -19.05 22.98
N UNK D 505 27.35 -17.78 22.60
CA UNK D 505 27.64 -17.36 21.24
C UNK D 505 28.99 -16.67 21.16
N UNK D 506 29.65 -16.50 22.30
CA UNK D 506 30.98 -15.89 22.32
C UNK D 506 32.01 -16.86 21.76
N UNK D 507 31.73 -18.16 21.91
CA UNK D 507 32.55 -19.18 21.28
C UNK D 507 32.20 -19.27 19.81
N UNK D 508 30.96 -18.90 19.48
CA UNK D 508 30.49 -18.89 18.11
C UNK D 508 30.73 -17.54 17.44
N UNK D 509 31.21 -16.57 18.22
CA UNK D 509 31.50 -15.24 17.72
C UNK D 509 32.72 -15.25 16.81
N UNK D 510 33.66 -16.14 17.11
CA UNK D 510 34.85 -16.30 16.29
C UNK D 510 35.05 -17.77 15.95
N UNK D 511 35.64 -18.03 14.79
CA UNK D 511 35.90 -19.40 14.34
C UNK D 511 37.01 -20.03 15.17
N UNK D 512 37.93 -19.20 15.64
CA UNK D 512 39.02 -19.67 16.50
C UNK D 512 38.50 -19.93 17.91
N UNK D 513 37.44 -19.21 18.28
CA UNK D 513 36.80 -19.39 19.58
C UNK D 513 36.00 -20.69 19.58
N UNK D 514 35.51 -21.08 18.42
CA UNK D 514 34.82 -22.36 18.26
C UNK D 514 35.84 -23.48 18.20
N UNK D 515 37.04 -23.17 17.71
CA UNK D 515 38.14 -24.11 17.66
C UNK D 515 38.72 -24.31 19.06
N UNK D 516 38.61 -23.27 19.88
CA UNK D 516 39.05 -23.35 21.27
C UNK D 516 38.04 -24.16 22.08
N UNK D 517 36.78 -24.11 21.65
CA UNK D 517 35.72 -24.88 22.28
C UNK D 517 35.74 -26.32 21.77
N UNK D 518 36.38 -26.52 20.62
CA UNK D 518 36.55 -27.85 20.05
C UNK D 518 37.81 -28.50 20.60
N UNK D 519 38.65 -27.71 21.26
CA UNK D 519 39.84 -28.22 21.92
C UNK D 519 39.45 -28.90 23.23
N UNK D 520 38.35 -28.43 23.81
CA UNK D 520 37.79 -29.04 25.01
C UNK D 520 36.48 -29.72 24.66
N UNK D 521 36.48 -30.45 23.54
CA UNK D 521 35.29 -31.15 23.09
C UNK D 521 35.33 -32.62 23.52
N UNK D 522 36.19 -32.93 24.47
CA UNK D 522 36.30 -34.29 25.00
C UNK D 522 35.10 -34.58 25.90
N UNK D 523 34.98 -33.82 26.98
CA UNK D 523 33.88 -33.96 27.93
C UNK D 523 33.67 -32.66 28.70
N UNK D 524 33.27 -31.61 27.99
CA UNK D 524 33.06 -30.31 28.61
C UNK D 524 31.97 -29.52 27.91
N UNK D 525 30.76 -29.57 28.46
CA UNK D 525 29.64 -28.82 27.91
C UNK D 525 29.56 -27.44 28.56
N UNK D 526 30.31 -27.24 29.63
CA UNK D 526 30.33 -25.97 30.34
C UNK D 526 31.40 -25.04 29.74
N UNK D 527 32.25 -25.60 28.89
CA UNK D 527 33.30 -24.82 28.24
C UNK D 527 32.85 -24.36 26.86
N UNK D 528 31.61 -24.66 26.51
CA UNK D 528 31.04 -24.24 25.24
C UNK D 528 30.28 -22.93 25.40
N UNK D 529 30.24 -22.43 26.64
CA UNK D 529 29.53 -21.20 26.94
C UNK D 529 30.42 -19.98 26.74
N UNK D 530 31.33 -19.75 27.69
CA UNK D 530 32.14 -18.53 27.82
C UNK D 530 31.24 -17.30 27.82
N UNK D 531 30.41 -17.20 28.85
CA UNK D 531 29.39 -16.16 28.95
C UNK D 531 30.00 -14.77 29.11
N UNK D 532 29.66 -13.88 28.18
CA UNK D 532 30.19 -12.52 28.18
C UNK D 532 29.07 -11.50 28.03
N UNK D 533 27.84 -11.92 28.31
CA UNK D 533 26.69 -11.03 28.26
C UNK D 533 25.94 -11.08 29.58
N UNK D 534 24.74 -10.50 29.60
CA UNK D 534 23.92 -10.48 30.81
C UNK D 534 22.62 -11.25 30.60
N UNK D 535 21.62 -10.91 31.40
CA UNK D 535 20.29 -11.53 31.28
C UNK D 535 19.24 -10.47 30.99
N UNK D 536 17.97 -10.88 31.09
CA UNK D 536 16.79 -10.04 30.82
C UNK D 536 16.83 -9.39 29.44
N LYS D 537 17.15 -10.20 28.42
CA LYS D 537 17.33 -9.70 27.07
C LYS D 537 16.00 -9.57 26.33
N ILE D 538 15.97 -8.68 25.34
CA ILE D 538 14.81 -8.48 24.49
C ILE D 538 15.12 -9.00 23.09
N LEU D 539 14.19 -9.75 22.51
CA LEU D 539 14.38 -10.41 21.23
C LEU D 539 13.21 -10.05 20.33
N TYR D 540 13.50 -9.49 19.16
CA TYR D 540 12.44 -8.99 18.29
C TYR D 540 12.95 -8.86 16.86
N GLY D 541 12.15 -9.35 15.92
CA GLY D 541 12.32 -9.09 14.50
C GLY D 541 10.96 -8.83 13.87
N HIS D 542 9.92 -9.04 14.67
CA HIS D 542 8.54 -8.92 14.22
C HIS D 542 8.14 -7.45 14.12
N SER D 543 7.09 -7.18 13.35
CA SER D 543 6.49 -5.85 13.27
C SER D 543 5.02 -5.88 13.66
N GLY D 544 4.61 -6.91 14.40
CA GLY D 544 3.25 -7.06 14.85
C GLY D 544 3.19 -7.55 16.28
N PRO D 545 2.04 -7.38 16.93
CA PRO D 545 1.89 -7.85 18.33
C PRO D 545 1.85 -9.37 18.45
N VAL D 546 2.88 -9.91 19.12
CA VAL D 546 3.04 -11.35 19.27
C VAL D 546 1.92 -11.94 20.13
N TYR D 547 1.41 -13.09 19.70
CA TYR D 547 0.24 -13.72 20.30
C TYR D 547 0.51 -15.10 20.89
N GLY D 548 1.73 -15.64 20.76
CA GLY D 548 2.04 -16.95 21.29
C GLY D 548 3.52 -17.24 21.43
N ALA D 549 3.87 -18.07 22.42
CA ALA D 549 5.26 -18.46 22.64
C ALA D 549 5.27 -19.76 23.44
N SER D 550 6.41 -20.45 23.38
CA SER D 550 6.71 -21.65 24.17
C SER D 550 8.19 -21.98 24.03
N PHE D 551 8.71 -22.72 25.01
CA PHE D 551 10.03 -23.33 24.88
C PHE D 551 9.94 -24.66 24.14
N SER D 552 11.04 -25.03 23.50
CA SER D 552 11.26 -26.43 23.18
C SER D 552 11.47 -27.20 24.48
N PRO D 553 11.03 -28.46 24.54
CA PRO D 553 11.20 -29.23 25.79
C PRO D 553 12.63 -29.64 26.09
N ASP D 554 13.57 -29.45 25.16
CA ASP D 554 14.98 -29.76 25.40
C ASP D 554 15.80 -28.48 25.55
N ARG D 555 15.13 -27.33 25.74
CA ARG D 555 15.74 -26.01 25.98
C ARG D 555 16.65 -25.59 24.82
N ASN D 556 16.15 -25.73 23.60
CA ASN D 556 16.98 -25.44 22.44
C ASN D 556 16.32 -24.47 21.46
N TYR D 557 14.99 -24.51 21.36
CA TYR D 557 14.27 -23.81 20.29
C TYR D 557 13.19 -22.92 20.91
N LEU D 558 13.47 -21.62 20.98
CA LEU D 558 12.44 -20.62 21.20
C LEU D 558 11.46 -20.55 20.03
N LEU D 559 10.25 -20.09 20.31
CA LEU D 559 9.22 -19.90 19.29
C LEU D 559 8.44 -18.64 19.61
N SER D 560 8.25 -17.78 18.61
CA SER D 560 7.41 -16.59 18.72
C SER D 560 6.30 -16.65 17.66
N SER D 561 5.19 -15.95 17.93
CA SER D 561 4.00 -16.02 17.06
C SER D 561 3.36 -14.64 16.97
N SER D 562 3.70 -13.89 15.93
CA SER D 562 3.21 -12.52 15.76
C SER D 562 1.93 -12.51 14.90
N GLU D 563 1.41 -11.30 14.66
CA GLU D 563 0.24 -11.10 13.82
C GLU D 563 0.61 -11.07 12.34
N ASP D 564 1.86 -10.72 12.04
CA ASP D 564 2.38 -10.44 10.70
C ASP D 564 2.24 -11.57 9.68
N GLY D 565 1.95 -12.78 10.13
CA GLY D 565 1.99 -13.96 9.31
C GLY D 565 3.26 -14.75 9.49
N THR D 566 4.33 -14.10 9.96
CA THR D 566 5.59 -14.76 10.22
C THR D 566 5.48 -15.67 11.45
N VAL D 567 6.45 -16.57 11.55
CA VAL D 567 6.65 -17.43 12.72
C VAL D 567 8.14 -17.75 12.76
N ARG D 568 8.73 -17.73 13.95
CA ARG D 568 10.19 -17.73 14.08
C ARG D 568 10.62 -18.72 15.13
N LEU D 569 11.57 -19.58 14.77
CA LEU D 569 12.35 -20.32 15.75
C LEU D 569 13.59 -19.50 16.09
N TRP D 570 13.68 -19.02 17.34
CA TRP D 570 14.80 -18.23 17.80
C TRP D 570 15.84 -19.12 18.47
N SER D 571 17.05 -18.61 18.59
CA SER D 571 18.16 -19.37 19.14
C SER D 571 18.07 -19.43 20.67
N LEU D 572 18.79 -20.40 21.24
CA LEU D 572 19.03 -20.48 22.68
C LEU D 572 20.47 -20.22 23.06
N GLN D 573 21.35 -20.01 22.09
CA GLN D 573 22.73 -19.64 22.38
C GLN D 573 23.14 -18.32 21.73
N THR D 574 22.68 -18.05 20.50
CA THR D 574 22.96 -16.78 19.86
C THR D 574 21.89 -15.74 20.20
N PHE D 575 20.70 -16.23 20.59
CA PHE D 575 19.48 -15.45 20.79
C PHE D 575 19.16 -14.61 19.56
N THR D 576 19.19 -15.25 18.39
CA THR D 576 18.78 -14.64 17.14
C THR D 576 17.85 -15.62 16.40
N CYS D 577 17.23 -15.10 15.33
CA CYS D 577 16.29 -15.86 14.53
C CYS D 577 17.03 -16.92 13.73
N LEU D 578 16.89 -18.19 14.12
CA LEU D 578 17.40 -19.30 13.32
C LEU D 578 16.67 -19.38 11.99
N VAL D 579 15.36 -19.65 12.03
CA VAL D 579 14.54 -19.64 10.82
C VAL D 579 13.34 -18.73 11.05
N GLY D 580 12.94 -18.05 9.99
CA GLY D 580 11.76 -17.22 9.99
C GLY D 580 11.08 -17.31 8.64
N TYR D 581 9.81 -17.66 8.62
CA TYR D 581 9.15 -17.99 7.37
C TYR D 581 7.66 -17.69 7.50
N LYS D 582 6.87 -18.13 6.53
CA LYS D 582 5.50 -17.67 6.37
C LYS D 582 4.64 -18.87 6.00
N GLY D 583 3.44 -18.57 5.50
CA GLY D 583 2.39 -19.56 5.31
C GLY D 583 1.05 -18.92 5.59
N HIS D 584 1.10 -17.68 6.07
CA HIS D 584 -0.10 -16.88 6.28
C HIS D 584 0.20 -15.43 5.91
N ASN D 585 -0.84 -14.76 5.42
CA ASN D 585 -0.91 -13.30 5.38
C ASN D 585 -1.89 -12.79 6.42
N TYR D 586 -1.95 -13.49 7.55
CA TYR D 586 -3.06 -13.44 8.49
C TYR D 586 -2.51 -13.54 9.90
N PRO D 587 -3.28 -13.10 10.90
CA PRO D 587 -2.84 -13.24 12.30
C PRO D 587 -2.74 -14.69 12.76
N VAL D 588 -1.58 -15.05 13.30
CA VAL D 588 -1.32 -16.40 13.80
C VAL D 588 -1.32 -16.37 15.32
N TRP D 589 -2.43 -16.78 15.94
CA TRP D 589 -2.58 -16.62 17.38
C TRP D 589 -1.75 -17.63 18.17
N ASP D 590 -2.07 -18.92 18.06
CA ASP D 590 -1.51 -19.92 18.97
C ASP D 590 -0.58 -20.88 18.24
N THR D 591 0.52 -21.21 18.89
CA THR D 591 1.47 -22.23 18.48
C THR D 591 1.91 -23.00 19.73
N GLN D 592 2.36 -24.24 19.53
CA GLN D 592 2.71 -25.12 20.64
C GLN D 592 3.63 -26.22 20.15
N PHE D 593 4.79 -26.37 20.78
CA PHE D 593 5.69 -27.49 20.50
C PHE D 593 5.09 -28.82 20.93
N SER D 594 5.65 -29.89 20.36
CA SER D 594 5.42 -31.23 20.87
C SER D 594 6.08 -31.40 22.24
N PRO D 595 5.65 -32.38 23.03
CA PRO D 595 6.40 -32.72 24.26
C PRO D 595 7.78 -33.30 23.98
N TYR D 596 8.06 -33.76 22.76
CA TYR D 596 9.39 -34.20 22.36
C TYR D 596 10.14 -33.13 21.58
N GLY D 597 9.46 -32.42 20.69
CA GLY D 597 9.97 -31.19 20.12
C GLY D 597 10.34 -31.18 18.65
N TYR D 598 10.09 -32.27 17.92
CA TYR D 598 10.43 -32.27 16.50
C TYR D 598 9.37 -31.55 15.67
N TYR D 599 8.10 -31.64 16.06
CA TYR D 599 7.00 -30.98 15.36
C TYR D 599 6.39 -29.89 16.23
N PHE D 600 5.64 -29.00 15.59
CA PHE D 600 4.77 -28.07 16.31
C PHE D 600 3.59 -27.70 15.41
N VAL D 601 2.64 -26.97 16.00
CA VAL D 601 1.39 -26.60 15.32
C VAL D 601 1.34 -25.09 15.16
N SER D 602 0.49 -24.64 14.25
CA SER D 602 0.25 -23.22 14.03
C SER D 602 -1.17 -23.02 13.52
N GLY D 603 -2.00 -22.36 14.31
CA GLY D 603 -3.36 -22.00 13.93
C GLY D 603 -3.48 -20.50 13.80
N GLY D 604 -4.30 -20.04 12.84
CA GLY D 604 -4.36 -18.62 12.52
C GLY D 604 -5.77 -18.12 12.28
N HIS D 605 -5.88 -17.22 11.29
CA HIS D 605 -7.09 -16.48 10.97
C HIS D 605 -7.89 -17.12 9.85
N ASP D 606 -7.23 -17.89 8.99
CA ASP D 606 -7.85 -18.48 7.81
C ASP D 606 -8.40 -19.87 8.06
N ARG D 607 -8.91 -20.13 9.28
CA ARG D 607 -9.63 -21.34 9.71
C ARG D 607 -8.89 -22.66 9.39
N VAL D 608 -7.57 -22.62 9.39
CA VAL D 608 -6.78 -23.84 9.24
C VAL D 608 -5.91 -24.04 10.48
N ALA D 609 -5.23 -25.19 10.53
CA ALA D 609 -4.22 -25.48 11.53
C ALA D 609 -3.14 -26.26 10.82
N ARG D 610 -1.87 -25.92 11.08
CA ARG D 610 -0.78 -26.37 10.23
C ARG D 610 0.33 -26.98 11.07
N LEU D 611 0.74 -28.20 10.71
CA LEU D 611 1.93 -28.79 11.30
C LEU D 611 3.17 -28.20 10.64
N TRP D 612 4.28 -28.25 11.37
CA TRP D 612 5.56 -27.79 10.87
C TRP D 612 6.66 -28.66 11.47
N ALA D 613 7.65 -28.98 10.65
CA ALA D 613 8.84 -29.66 11.14
C ALA D 613 9.88 -28.61 11.53
N THR D 614 11.07 -29.08 11.92
CA THR D 614 12.15 -28.13 12.24
C THR D 614 12.74 -27.52 10.99
N ASP D 615 12.96 -28.35 9.96
CA ASP D 615 13.72 -27.96 8.78
C ASP D 615 12.90 -27.82 7.50
N HIS D 616 11.67 -28.34 7.48
CA HIS D 616 11.00 -28.61 6.21
C HIS D 616 10.42 -27.37 5.54
N TYR D 617 10.12 -26.32 6.33
CA TYR D 617 9.61 -24.99 5.89
C TYR D 617 8.43 -25.05 4.92
N GLN D 618 7.65 -26.13 4.96
CA GLN D 618 6.53 -26.34 4.06
C GLN D 618 5.50 -27.01 4.94
N PRO D 619 4.20 -26.68 4.80
CA PRO D 619 3.19 -27.32 5.65
C PRO D 619 3.03 -28.80 5.37
N LEU D 620 3.46 -29.63 6.33
CA LEU D 620 3.35 -31.08 6.19
C LEU D 620 1.91 -31.56 6.32
N ARG D 621 1.04 -30.77 6.96
CA ARG D 621 -0.35 -31.17 7.15
C ARG D 621 -1.17 -29.91 7.44
N ILE D 622 -2.41 -29.92 6.96
CA ILE D 622 -3.34 -28.83 7.19
C ILE D 622 -4.59 -29.42 7.82
N PHE D 623 -5.25 -28.63 8.66
CA PHE D 623 -6.41 -29.09 9.42
C PHE D 623 -7.58 -28.15 9.21
N ALA D 624 -7.91 -27.88 7.95
CA ALA D 624 -8.99 -26.95 7.58
C ALA D 624 -10.33 -27.61 7.87
N GLY D 625 -10.75 -27.51 9.13
CA GLY D 625 -12.04 -28.03 9.52
C GLY D 625 -12.95 -26.98 10.12
N HIS D 626 -12.36 -25.95 10.73
CA HIS D 626 -13.15 -24.88 11.33
C HIS D 626 -13.58 -23.87 10.26
N LEU D 627 -14.21 -22.78 10.71
CA LEU D 627 -14.79 -21.79 9.82
C LEU D 627 -14.63 -20.37 10.35
N ALA D 628 -13.71 -20.16 11.29
CA ALA D 628 -13.50 -18.86 11.93
C ALA D 628 -12.07 -18.80 12.45
N ASP D 629 -11.77 -17.82 13.29
CA ASP D 629 -10.42 -17.62 13.80
C ASP D 629 -10.05 -18.72 14.79
N VAL D 630 -8.97 -19.44 14.51
CA VAL D 630 -8.48 -20.47 15.42
C VAL D 630 -7.89 -19.82 16.66
N ASN D 631 -8.40 -20.22 17.82
CA ASN D 631 -7.97 -19.63 19.09
C ASN D 631 -6.84 -20.42 19.74
N CYS D 632 -7.07 -21.69 20.02
CA CYS D 632 -6.09 -22.52 20.73
C CYS D 632 -5.83 -23.82 19.98
N THR D 633 -4.59 -24.31 20.11
CA THR D 633 -4.19 -25.59 19.53
C THR D 633 -2.98 -26.13 20.30
N ARG D 634 -3.11 -27.35 20.83
CA ARG D 634 -2.06 -27.95 21.65
C ARG D 634 -1.98 -29.46 21.36
N PHE D 635 -0.78 -30.02 21.58
CA PHE D 635 -0.52 -31.43 21.38
C PHE D 635 -1.08 -32.30 22.51
N HIS D 636 -1.05 -33.61 22.26
CA HIS D 636 -1.23 -34.66 23.25
C HIS D 636 0.13 -34.94 23.88
N PRO D 637 0.19 -35.65 25.04
CA PRO D 637 1.47 -36.21 25.52
C PRO D 637 2.31 -36.95 24.49
N ASN D 638 1.71 -37.77 23.63
CA ASN D 638 2.42 -38.22 22.45
C ASN D 638 2.23 -37.22 21.32
N SER D 639 3.19 -37.20 20.39
CA SER D 639 3.25 -36.18 19.35
C SER D 639 2.29 -36.42 18.19
N ASN D 640 1.34 -37.36 18.31
CA ASN D 640 0.47 -37.66 17.18
C ASN D 640 -0.77 -36.77 17.14
N TYR D 641 -1.48 -36.63 18.26
CA TYR D 641 -2.81 -36.03 18.25
C TYR D 641 -2.76 -34.61 18.80
N VAL D 642 -3.57 -33.73 18.20
CA VAL D 642 -3.73 -32.35 18.66
C VAL D 642 -5.21 -32.06 18.80
N ALA D 643 -5.50 -30.99 19.54
CA ALA D 643 -6.83 -30.41 19.62
C ALA D 643 -6.80 -29.03 18.99
N THR D 644 -7.96 -28.54 18.57
CA THR D 644 -8.05 -27.20 17.99
C THR D 644 -9.33 -26.55 18.45
N GLY D 645 -9.20 -25.40 19.11
CA GLY D 645 -10.34 -24.58 19.46
C GLY D 645 -10.29 -23.29 18.68
N SER D 646 -11.48 -22.79 18.32
CA SER D 646 -11.58 -21.69 17.39
C SER D 646 -12.72 -20.78 17.83
N ALA D 647 -13.03 -19.78 16.98
CA ALA D 647 -14.05 -18.79 17.30
C ALA D 647 -15.46 -19.31 17.05
N ASP D 648 -15.59 -20.43 16.34
CA ASP D 648 -16.88 -21.05 16.08
C ASP D 648 -17.30 -22.01 17.17
N ARG D 649 -16.73 -21.82 18.38
CA ARG D 649 -17.16 -22.36 19.67
C ARG D 649 -16.86 -23.84 19.85
N THR D 650 -16.42 -24.53 18.81
CA THR D 650 -16.33 -25.99 18.81
C THR D 650 -14.88 -26.46 18.88
N VAL D 651 -14.71 -27.68 19.40
CA VAL D 651 -13.41 -28.34 19.49
C VAL D 651 -13.36 -29.46 18.46
N ARG D 652 -12.25 -29.55 17.74
CA ARG D 652 -12.04 -30.59 16.73
C ARG D 652 -10.67 -31.23 16.95
N LEU D 653 -10.67 -32.56 17.10
CA LEU D 653 -9.45 -33.33 17.24
C LEU D 653 -8.91 -33.71 15.87
N TRP D 654 -7.60 -33.99 15.80
CA TRP D 654 -6.95 -34.19 14.52
C TRP D 654 -5.92 -35.31 14.65
N ASP D 655 -5.69 -35.98 13.52
CA ASP D 655 -4.77 -37.10 13.42
C ASP D 655 -3.42 -36.58 12.88
N VAL D 656 -2.47 -37.48 12.67
CA VAL D 656 -1.16 -37.12 12.12
C VAL D 656 -0.83 -37.86 10.84
N LEU D 657 -1.49 -38.97 10.52
CA LEU D 657 -1.18 -39.77 9.33
C LEU D 657 -2.05 -39.41 8.13
N ASN D 658 -3.33 -39.11 8.34
CA ASN D 658 -4.24 -38.71 7.27
C ASN D 658 -4.77 -37.30 7.40
N GLY D 659 -4.86 -36.76 8.62
CA GLY D 659 -5.21 -35.38 8.83
C GLY D 659 -6.70 -35.08 8.91
N ASN D 660 -7.56 -36.08 8.83
CA ASN D 660 -8.99 -35.84 8.94
C ASN D 660 -9.39 -35.60 10.39
N CYS D 661 -10.57 -34.98 10.55
CA CYS D 661 -11.12 -34.71 11.88
C CYS D 661 -11.63 -36.00 12.48
N VAL D 662 -10.94 -36.52 13.50
CA VAL D 662 -11.33 -37.79 14.09
C VAL D 662 -12.51 -37.61 15.03
N ARG D 663 -12.56 -36.52 15.79
CA ARG D 663 -13.63 -36.30 16.77
C ARG D 663 -14.03 -34.84 16.78
N ILE D 664 -15.30 -34.60 17.13
CA ILE D 664 -15.85 -33.26 17.27
C ILE D 664 -16.49 -33.17 18.66
N PHE D 665 -16.10 -32.15 19.42
CA PHE D 665 -16.72 -31.87 20.71
C PHE D 665 -17.64 -30.68 20.56
N THR D 666 -18.78 -30.72 21.26
CA THR D 666 -19.89 -29.83 20.99
C THR D 666 -19.55 -28.39 21.38
N GLY D 667 -19.93 -27.45 20.51
CA GLY D 667 -19.71 -26.02 20.69
C GLY D 667 -20.30 -25.44 21.97
N HIS D 668 -19.43 -24.99 22.87
CA HIS D 668 -19.86 -24.59 24.21
C HIS D 668 -20.00 -23.07 24.30
N LYS D 669 -21.05 -22.59 23.62
CA LYS D 669 -21.86 -21.42 24.01
C LYS D 669 -21.03 -20.14 24.19
N GLY D 670 -20.01 -19.98 23.35
CA GLY D 670 -19.10 -18.85 23.44
C GLY D 670 -17.74 -19.21 22.88
N PRO D 671 -17.00 -18.20 22.42
CA PRO D 671 -15.69 -18.48 21.79
C PRO D 671 -14.65 -18.96 22.81
N ILE D 672 -13.89 -19.97 22.39
CA ILE D 672 -12.98 -20.69 23.27
C ILE D 672 -11.75 -19.83 23.54
N HIS D 673 -11.30 -19.82 24.79
CA HIS D 673 -10.09 -19.12 25.17
C HIS D 673 -9.01 -20.02 25.77
N SER D 674 -9.32 -21.28 26.09
CA SER D 674 -8.35 -22.16 26.73
C SER D 674 -8.71 -23.62 26.46
N LEU D 675 -7.69 -24.46 26.47
CA LEU D 675 -7.84 -25.92 26.37
C LEU D 675 -6.55 -26.55 26.90
N THR D 676 -6.70 -27.64 27.65
CA THR D 676 -5.57 -28.40 28.15
C THR D 676 -5.86 -29.90 28.04
N PHE D 677 -4.80 -30.69 28.12
CA PHE D 677 -4.88 -32.14 28.23
C PHE D 677 -4.35 -32.57 29.60
N SER D 678 -4.32 -33.87 29.82
CA SER D 678 -3.91 -34.49 31.07
C SER D 678 -2.51 -35.08 30.95
N PRO D 679 -1.77 -35.21 32.07
CA PRO D 679 -0.43 -35.80 31.99
C PRO D 679 -0.42 -37.27 31.60
N ASN D 680 -1.42 -38.04 32.01
CA ASN D 680 -1.56 -39.40 31.50
C ASN D 680 -2.17 -39.46 30.11
N GLY D 681 -2.66 -38.33 29.60
CA GLY D 681 -3.16 -38.24 28.24
C GLY D 681 -4.53 -38.85 28.05
N ARG D 682 -5.47 -38.53 28.94
CA ARG D 682 -6.79 -39.14 28.88
C ARG D 682 -7.90 -38.10 28.96
N PHE D 683 -7.67 -37.00 29.67
CA PHE D 683 -8.72 -36.08 30.06
C PHE D 683 -8.47 -34.69 29.51
N LEU D 684 -9.51 -33.84 29.58
CA LEU D 684 -9.48 -32.51 28.98
C LEU D 684 -10.14 -31.50 29.91
N ALA D 685 -9.62 -30.27 29.91
CA ALA D 685 -10.29 -29.11 30.48
C ALA D 685 -10.41 -28.03 29.40
N THR D 686 -11.64 -27.57 29.16
CA THR D 686 -11.93 -26.59 28.11
C THR D 686 -12.68 -25.41 28.70
N GLY D 687 -12.01 -24.26 28.79
CA GLY D 687 -12.61 -23.04 29.31
C GLY D 687 -13.14 -22.17 28.18
N ALA D 688 -14.27 -21.51 28.44
CA ALA D 688 -14.97 -20.74 27.41
C ALA D 688 -15.34 -19.37 27.94
N THR D 689 -15.98 -18.58 27.07
CA THR D 689 -16.41 -17.22 27.36
C THR D 689 -17.62 -17.18 28.30
N ASP D 690 -18.19 -18.34 28.66
CA ASP D 690 -19.14 -18.36 29.76
C ASP D 690 -18.48 -18.31 31.13
N GLY D 691 -17.16 -18.33 31.20
CA GLY D 691 -16.50 -18.57 32.46
C GLY D 691 -16.70 -19.98 32.97
N ARG D 692 -16.82 -20.94 32.06
CA ARG D 692 -17.24 -22.29 32.39
C ARG D 692 -16.30 -23.30 31.77
N VAL D 693 -15.81 -24.24 32.59
CA VAL D 693 -14.87 -25.26 32.16
C VAL D 693 -15.59 -26.59 32.05
N LEU D 694 -15.39 -27.30 30.94
CA LEU D 694 -16.00 -28.60 30.69
C LEU D 694 -14.95 -29.69 30.78
N LEU D 695 -15.18 -30.66 31.66
CA LEU D 695 -14.36 -31.86 31.69
C LEU D 695 -14.79 -32.82 30.59
N TRP D 696 -13.89 -33.07 29.63
CA TRP D 696 -14.16 -33.95 28.51
C TRP D 696 -13.37 -35.25 28.63
N ASP D 697 -13.84 -36.26 27.91
CA ASP D 697 -13.09 -37.50 27.69
C ASP D 697 -12.84 -37.65 26.20
N ILE D 698 -11.75 -38.33 25.86
CA ILE D 698 -11.38 -38.50 24.46
C ILE D 698 -12.03 -39.75 23.88
N GLY D 699 -11.89 -40.91 24.54
CA GLY D 699 -12.37 -42.15 23.99
C GLY D 699 -13.88 -42.28 23.95
N HIS D 700 -14.59 -41.61 24.86
CA HIS D 700 -16.05 -41.65 24.87
C HIS D 700 -16.69 -40.39 24.29
N GLY D 701 -15.99 -39.25 24.34
CA GLY D 701 -16.54 -38.00 23.85
C GLY D 701 -17.71 -37.49 24.66
N LEU D 702 -17.54 -37.36 25.98
CA LEU D 702 -18.61 -37.01 26.90
C LEU D 702 -18.27 -35.74 27.64
N MET D 703 -19.24 -34.83 27.71
CA MET D 703 -19.14 -33.64 28.56
C MET D 703 -19.39 -34.01 30.02
N VAL D 704 -18.33 -34.41 30.72
CA VAL D 704 -18.48 -35.07 32.02
C VAL D 704 -18.79 -34.04 33.11
N GLY D 705 -17.85 -33.14 33.38
CA GLY D 705 -17.95 -32.25 34.52
C GLY D 705 -18.11 -30.81 34.12
N GLU D 706 -18.85 -30.07 34.95
CA GLU D 706 -19.09 -28.64 34.74
C GLU D 706 -18.60 -27.86 35.95
N LEU D 707 -17.92 -26.75 35.70
CA LEU D 707 -17.40 -25.85 36.73
C LEU D 707 -17.64 -24.43 36.25
N LYS D 708 -18.04 -23.54 37.16
CA LYS D 708 -18.36 -22.18 36.76
C LYS D 708 -18.08 -21.20 37.90
N GLY D 709 -18.09 -19.92 37.55
CA GLY D 709 -17.82 -18.85 38.49
C GLY D 709 -16.62 -17.98 38.15
N HIS D 710 -15.90 -18.27 37.06
CA HIS D 710 -14.73 -17.49 36.68
C HIS D 710 -15.06 -16.13 36.05
N THR D 711 -16.34 -15.86 35.80
CA THR D 711 -16.86 -14.60 35.25
C THR D 711 -16.26 -14.31 33.86
N ASP D 712 -16.68 -15.15 32.92
CA ASP D 712 -16.81 -14.90 31.49
C ASP D 712 -15.54 -14.90 30.64
N THR D 713 -14.34 -15.09 31.20
CA THR D 713 -13.13 -15.21 30.38
C THR D 713 -12.12 -16.13 31.09
N VAL D 714 -12.12 -17.40 30.70
CA VAL D 714 -11.18 -18.37 31.25
C VAL D 714 -9.90 -18.29 30.42
N CYS D 715 -8.84 -17.71 30.99
CA CYS D 715 -7.60 -17.49 30.25
C CYS D 715 -6.54 -18.55 30.47
N SER D 716 -6.42 -19.09 31.68
CA SER D 716 -5.30 -19.98 32.02
C SER D 716 -5.83 -21.22 32.74
N LEU D 717 -5.80 -22.35 32.05
CA LEU D 717 -6.08 -23.66 32.65
C LEU D 717 -4.82 -24.49 32.69
N ARG D 718 -4.77 -25.44 33.63
CA ARG D 718 -3.67 -26.40 33.72
C ARG D 718 -4.11 -27.61 34.54
N PHE D 719 -4.12 -28.78 33.91
CA PHE D 719 -4.05 -30.03 34.67
C PHE D 719 -2.66 -30.15 35.29
N SER D 720 -2.60 -30.18 36.61
CA SER D 720 -1.35 -30.23 37.36
C SER D 720 -0.78 -31.65 37.43
N ARG D 721 0.15 -31.86 38.36
CA ARG D 721 0.71 -33.16 38.72
C ARG D 721 -0.38 -34.24 38.85
N ASP D 722 -0.04 -35.45 38.40
CA ASP D 722 -0.88 -36.47 37.78
C ASP D 722 -2.32 -36.61 38.27
N GLY D 723 -2.56 -36.43 39.57
CA GLY D 723 -3.92 -36.46 40.08
C GLY D 723 -4.76 -35.29 39.58
N GLU D 724 -6.08 -35.44 39.71
CA GLU D 724 -7.01 -34.44 39.19
C GLU D 724 -7.07 -33.24 40.13
N ILE D 725 -6.08 -32.37 40.01
CA ILE D 725 -6.00 -31.14 40.78
C ILE D 725 -5.86 -30.02 39.76
N LEU D 726 -6.95 -29.35 39.42
CA LEU D 726 -6.91 -28.23 38.50
C LEU D 726 -6.29 -27.00 39.15
N ALA D 727 -5.47 -26.29 38.37
CA ALA D 727 -5.19 -24.90 38.59
C ALA D 727 -5.86 -24.10 37.48
N SER D 728 -6.48 -22.98 37.85
CA SER D 728 -7.29 -22.25 36.89
C SER D 728 -7.22 -20.76 37.19
N GLY D 729 -7.43 -19.97 36.15
CA GLY D 729 -7.34 -18.52 36.29
C GLY D 729 -8.17 -17.82 35.23
N SER D 730 -8.57 -16.59 35.54
CA SER D 730 -9.48 -15.84 34.71
C SER D 730 -9.08 -14.38 34.65
N MET D 731 -9.68 -13.66 33.69
CA MET D 731 -9.53 -12.22 33.48
C MET D 731 -9.74 -11.37 34.73
N ASP D 732 -10.67 -11.76 35.59
CA ASP D 732 -11.06 -10.95 36.74
C ASP D 732 -10.19 -11.19 37.98
N ASN D 733 -8.94 -11.63 37.78
CA ASN D 733 -7.90 -11.71 38.82
C ASN D 733 -8.26 -12.74 39.88
N THR D 734 -8.77 -13.89 39.45
CA THR D 734 -9.18 -14.96 40.35
C THR D 734 -8.38 -16.22 40.06
N VAL D 735 -8.00 -16.93 41.11
CA VAL D 735 -7.33 -18.22 41.01
C VAL D 735 -8.22 -19.24 41.71
N ARG D 736 -8.74 -20.20 40.96
CA ARG D 736 -9.53 -21.28 41.54
C ARG D 736 -8.81 -22.60 41.34
N LEU D 737 -8.53 -23.27 42.45
CA LEU D 737 -8.16 -24.67 42.39
C LEU D 737 -9.42 -25.52 42.32
N TRP D 738 -9.27 -26.79 41.95
CA TRP D 738 -10.40 -27.72 41.90
C TRP D 738 -9.92 -29.09 42.36
N ASP D 739 -10.25 -29.44 43.60
CA ASP D 739 -10.02 -30.79 44.12
C ASP D 739 -11.28 -31.60 43.87
N ALA D 740 -11.35 -32.24 42.70
CA ALA D 740 -12.56 -32.94 42.29
C ALA D 740 -12.14 -34.19 41.52
N ILE D 741 -12.15 -35.33 42.20
CA ILE D 741 -11.76 -36.60 41.58
C ILE D 741 -13.01 -37.16 40.89
N LYS D 742 -13.09 -36.96 39.58
CA LYS D 742 -14.23 -37.42 38.79
C LYS D 742 -13.74 -38.45 37.79
N ALA D 743 -14.26 -39.68 37.90
CA ALA D 743 -13.87 -40.76 37.02
C ALA D 743 -14.99 -41.79 37.00
N PHE D 744 -15.50 -42.12 35.82
CA PHE D 744 -16.57 -43.08 35.66
C PHE D 744 -16.56 -43.59 34.23
N GLU D 745 -17.49 -44.49 33.92
CA GLU D 745 -17.62 -45.03 32.57
C GLU D 745 -19.07 -45.51 32.41
N ASP D 746 -19.85 -44.79 31.62
CA ASP D 746 -21.26 -45.11 31.41
C ASP D 746 -21.69 -44.48 30.09
N LEU D 747 -23.01 -44.43 29.86
CA LEU D 747 -23.54 -43.82 28.66
C LEU D 747 -23.84 -42.34 28.83
N GLU D 748 -24.31 -41.93 30.01
CA GLU D 748 -24.55 -40.53 30.32
C GLU D 748 -24.13 -40.25 31.75
N THR D 749 -23.92 -38.99 32.06
CA THR D 749 -23.39 -38.60 33.36
C THR D 749 -23.79 -37.17 33.68
N ASP D 750 -23.69 -36.83 34.97
CA ASP D 750 -23.92 -35.49 35.47
C ASP D 750 -23.10 -35.31 36.73
N ASP D 751 -22.92 -34.05 37.13
CA ASP D 751 -22.04 -33.75 38.26
C ASP D 751 -22.62 -32.57 39.01
N PHE D 752 -21.81 -31.97 39.90
CA PHE D 752 -22.28 -30.88 40.75
C PHE D 752 -21.12 -29.95 41.07
N THR D 753 -21.45 -28.81 41.68
CA THR D 753 -20.52 -27.75 42.00
C THR D 753 -19.90 -27.98 43.38
N THR D 754 -19.27 -26.94 43.93
CA THR D 754 -18.72 -26.85 45.29
C THR D 754 -17.63 -27.90 45.54
N ALA D 755 -16.52 -27.72 44.81
CA ALA D 755 -15.34 -28.55 44.99
C ALA D 755 -14.27 -27.86 45.83
N THR D 756 -13.77 -26.70 45.39
CA THR D 756 -12.68 -26.01 46.07
C THR D 756 -12.95 -24.51 45.96
N GLY D 757 -12.31 -23.72 46.81
CA GLY D 757 -12.51 -22.29 46.88
C GLY D 757 -11.41 -21.51 46.17
N HIS D 758 -11.65 -20.19 46.06
CA HIS D 758 -10.83 -19.32 45.22
C HIS D 758 -9.79 -18.55 46.03
N ILE D 759 -8.84 -17.93 45.31
CA ILE D 759 -7.91 -16.96 45.87
C ILE D 759 -7.86 -15.79 44.87
N ASN D 760 -7.95 -14.56 45.38
CA ASN D 760 -8.08 -13.37 44.56
C ASN D 760 -6.73 -12.67 44.40
N LEU D 761 -6.77 -11.50 43.74
CA LEU D 761 -5.56 -10.78 43.36
C LEU D 761 -5.89 -9.30 43.32
N PRO D 762 -4.85 -8.43 43.24
CA PRO D 762 -5.06 -7.07 42.72
C PRO D 762 -5.12 -7.07 41.19
N GLU D 763 -5.12 -5.88 40.57
CA GLU D 763 -5.26 -5.82 39.11
C GLU D 763 -4.00 -6.29 38.40
N ASN D 764 -3.94 -7.58 38.06
CA ASN D 764 -2.90 -8.11 37.17
C ASN D 764 -3.43 -9.39 36.50
N SER D 765 -3.82 -9.26 35.23
CA SER D 765 -4.47 -10.35 34.51
C SER D 765 -3.49 -11.48 34.21
N GLN D 766 -4.03 -12.65 33.90
CA GLN D 766 -3.25 -13.88 33.80
C GLN D 766 -3.25 -14.38 32.36
N GLU D 767 -2.07 -14.44 31.76
CA GLU D 767 -1.95 -14.86 30.38
C GLU D 767 -2.00 -16.38 30.25
N LEU D 768 -1.06 -17.09 30.88
CA LEU D 768 -1.13 -18.55 30.97
C LEU D 768 -0.71 -18.97 32.37
N LEU D 769 -0.27 -20.22 32.48
CA LEU D 769 -0.18 -20.94 33.74
C LEU D 769 0.72 -22.14 33.57
N LEU D 770 1.35 -22.57 34.65
CA LEU D 770 2.19 -23.77 34.62
C LEU D 770 2.10 -24.48 35.96
N GLY D 771 1.44 -25.64 35.97
CA GLY D 771 1.60 -26.59 37.05
C GLY D 771 3.00 -27.13 37.01
N THR D 772 3.73 -27.03 38.11
CA THR D 772 5.19 -27.17 38.13
C THR D 772 5.67 -28.57 37.80
N TYR D 773 6.43 -28.69 36.71
CA TYR D 773 7.24 -29.86 36.46
C TYR D 773 8.27 -30.00 37.57
N MET D 774 8.34 -31.21 38.17
CA MET D 774 9.25 -31.70 39.22
C MET D 774 8.91 -31.25 40.65
N THR D 775 7.87 -30.44 40.86
CA THR D 775 7.58 -29.92 42.20
C THR D 775 6.06 -29.70 42.32
N LYS D 776 5.53 -29.90 43.54
CA LYS D 776 4.16 -29.48 43.85
C LYS D 776 4.15 -27.97 44.11
N SER D 777 4.04 -27.20 43.04
CA SER D 777 3.96 -25.74 43.12
C SER D 777 3.13 -25.23 41.96
N THR D 778 2.87 -23.92 41.95
CA THR D 778 2.11 -23.28 40.87
C THR D 778 2.56 -21.82 40.74
N PRO D 779 3.42 -21.52 39.76
CA PRO D 779 3.66 -20.11 39.42
C PRO D 779 2.68 -19.64 38.36
N VAL D 780 2.22 -18.39 38.45
CA VAL D 780 1.31 -17.81 37.48
C VAL D 780 1.95 -16.50 37.00
N VAL D 781 1.59 -16.08 35.79
CA VAL D 781 2.13 -14.86 35.19
C VAL D 781 1.05 -13.80 35.23
N HIS D 782 1.43 -12.59 35.61
CA HIS D 782 0.48 -11.53 35.98
C HIS D 782 0.87 -10.25 35.26
N LEU D 783 0.00 -9.73 34.38
CA LEU D 783 0.31 -8.53 33.60
C LEU D 783 -0.87 -7.56 33.51
N HIS D 784 -0.97 -6.67 34.50
CA HIS D 784 -1.53 -5.33 34.33
C HIS D 784 -0.73 -4.25 35.03
N PHE D 785 0.14 -4.60 35.97
CA PHE D 785 1.01 -3.67 36.68
C PHE D 785 2.49 -3.86 36.34
N THR D 786 3.01 -5.07 36.54
CA THR D 786 4.44 -5.37 36.51
C THR D 786 4.57 -6.83 36.10
N ARG D 787 5.69 -7.16 35.43
CA ARG D 787 5.94 -8.51 34.91
C ARG D 787 6.31 -9.50 36.01
N ARG D 788 5.41 -9.67 36.98
CA ARG D 788 5.71 -10.40 38.21
C ARG D 788 5.12 -11.80 38.15
N ASN D 789 5.98 -12.78 37.83
CA ASN D 789 5.69 -14.19 38.04
C ASN D 789 5.46 -14.46 39.53
N LEU D 790 4.27 -14.87 39.91
CA LEU D 790 3.95 -15.12 41.32
C LEU D 790 3.65 -16.59 41.53
N VAL D 791 4.22 -17.15 42.61
CA VAL D 791 4.23 -18.59 42.85
C VAL D 791 3.31 -18.90 44.03
N LEU D 792 2.52 -19.96 43.90
CA LEU D 792 1.59 -20.35 44.95
C LEU D 792 1.60 -21.87 45.07
N ALA D 793 0.98 -22.37 46.15
CA ALA D 793 1.05 -23.79 46.45
C ALA D 793 -0.33 -24.43 46.61
N ALA D 794 -0.34 -25.70 47.02
CA ALA D 794 -1.54 -26.51 47.16
C ALA D 794 -1.24 -27.63 48.16
N GLY D 795 -2.10 -28.64 48.19
CA GLY D 795 -1.86 -29.76 49.09
C GLY D 795 -3.04 -30.13 49.97
N ALA D 796 -4.24 -29.70 49.57
CA ALA D 796 -5.45 -30.05 50.30
C ALA D 796 -5.94 -31.46 49.95
N LYS E 6 -34.29 -10.97 24.81
CA LYS E 6 -33.85 -10.18 25.97
C LYS E 6 -33.01 -8.99 25.52
N LEU E 7 -32.65 -8.99 24.24
CA LEU E 7 -31.84 -7.91 23.68
C LEU E 7 -32.27 -7.67 22.23
N LYS E 8 -32.15 -6.42 21.80
CA LYS E 8 -32.53 -6.03 20.44
C LYS E 8 -31.42 -5.16 19.88
N LEU E 9 -30.84 -5.60 18.75
CA LEU E 9 -29.74 -4.90 18.11
C LEU E 9 -30.26 -4.31 16.80
N SER E 10 -30.79 -3.09 16.88
CA SER E 10 -31.21 -2.39 15.69
C SER E 10 -30.00 -1.88 14.91
N ASN E 11 -30.22 -1.61 13.63
CA ASN E 11 -29.16 -1.08 12.78
C ASN E 11 -28.95 0.39 13.10
N THR E 12 -27.75 0.74 13.56
CA THR E 12 -27.41 2.13 13.85
C THR E 12 -27.20 2.84 12.51
N VAL E 13 -28.20 3.58 12.06
CA VAL E 13 -28.22 4.17 10.73
C VAL E 13 -28.06 5.67 10.88
N LEU E 14 -27.01 6.21 10.27
CA LEU E 14 -26.76 7.64 10.30
C LEU E 14 -27.87 8.38 9.54
N PRO E 15 -28.24 9.59 9.97
CA PRO E 15 -29.29 10.35 9.24
C PRO E 15 -28.81 10.75 7.85
N SER E 16 -29.61 10.38 6.85
CA SER E 16 -29.20 10.51 5.45
C SER E 16 -29.10 11.96 4.99
N GLU E 17 -29.76 12.90 5.66
CA GLU E 17 -29.67 14.31 5.28
C GLU E 17 -28.30 14.88 5.61
N SER E 18 -27.75 14.53 6.78
CA SER E 18 -26.39 14.94 7.12
C SER E 18 -25.37 14.26 6.20
N MET E 19 -25.67 13.04 5.77
CA MET E 19 -24.81 12.37 4.80
C MET E 19 -24.87 13.05 3.44
N LYS E 20 -26.03 13.60 3.06
CA LYS E 20 -26.13 14.40 1.85
C LYS E 20 -25.39 15.72 2.00
N VAL E 21 -25.34 16.28 3.21
CA VAL E 21 -24.54 17.47 3.48
C VAL E 21 -23.05 17.17 3.28
N VAL E 22 -22.59 16.04 3.83
CA VAL E 22 -21.19 15.62 3.65
C VAL E 22 -20.89 15.31 2.17
N ALA E 23 -21.87 14.75 1.45
CA ALA E 23 -21.68 14.46 0.03
C ALA E 23 -21.61 15.72 -0.81
N GLU E 24 -22.59 16.61 -0.65
CA GLU E 24 -22.67 17.86 -1.40
C GLU E 24 -21.67 18.91 -0.91
N SER E 25 -20.92 18.65 0.16
CA SER E 25 -19.73 19.45 0.44
C SER E 25 -18.70 19.30 -0.67
N MET E 26 -18.61 18.10 -1.27
CA MET E 26 -17.84 17.91 -2.49
C MET E 26 -18.61 18.31 -3.74
N GLY E 27 -19.92 18.52 -3.63
CA GLY E 27 -20.74 18.94 -4.75
C GLY E 27 -20.95 17.87 -5.81
N ILE E 28 -21.72 16.83 -5.48
CA ILE E 28 -21.89 15.71 -6.40
C ILE E 28 -23.09 15.97 -7.30
N ALA E 29 -24.29 15.99 -6.72
CA ALA E 29 -25.55 16.03 -7.46
C ALA E 29 -26.68 16.23 -6.46
N GLN E 30 -27.91 16.17 -6.96
CA GLN E 30 -29.10 16.06 -6.12
C GLN E 30 -29.37 14.58 -5.84
N ILE E 31 -29.35 14.21 -4.57
CA ILE E 31 -29.31 12.81 -4.15
C ILE E 31 -30.66 12.44 -3.53
N GLN E 32 -31.12 11.23 -3.81
CA GLN E 32 -32.31 10.68 -3.18
C GLN E 32 -31.95 10.01 -1.85
N GLU E 33 -32.98 9.74 -1.05
CA GLU E 33 -32.77 9.34 0.34
C GLU E 33 -32.28 7.90 0.46
N GLU E 34 -32.90 6.97 -0.29
CA GLU E 34 -32.66 5.54 -0.09
C GLU E 34 -31.25 5.13 -0.49
N THR E 35 -30.63 5.85 -1.42
CA THR E 35 -29.23 5.61 -1.77
C THR E 35 -28.31 5.85 -0.57
N CYS E 36 -28.45 7.01 0.07
CA CYS E 36 -27.65 7.30 1.26
C CYS E 36 -28.03 6.40 2.43
N GLN E 37 -29.29 5.97 2.51
CA GLN E 37 -29.69 5.02 3.55
C GLN E 37 -28.96 3.68 3.39
N LEU E 38 -28.94 3.14 2.17
CA LEU E 38 -28.21 1.91 1.92
C LEU E 38 -26.70 2.08 2.07
N LEU E 39 -26.18 3.27 1.76
CA LEU E 39 -24.76 3.54 1.99
C LEU E 39 -24.41 3.52 3.48
N THR E 40 -25.25 4.17 4.31
CA THR E 40 -25.05 4.13 5.76
C THR E 40 -25.20 2.71 6.30
N ASP E 41 -26.11 1.92 5.72
CA ASP E 41 -26.26 0.51 6.10
C ASP E 41 -24.98 -0.27 5.83
N GLU E 42 -24.45 -0.18 4.61
CA GLU E 42 -23.28 -0.95 4.20
C GLU E 42 -22.03 -0.53 4.97
N VAL E 43 -21.85 0.78 5.16
CA VAL E 43 -20.73 1.27 5.96
C VAL E 43 -20.87 0.83 7.42
N SER E 44 -22.09 0.78 7.95
CA SER E 44 -22.30 0.30 9.31
C SER E 44 -21.99 -1.19 9.43
N TYR E 45 -22.31 -1.99 8.40
CA TYR E 45 -21.95 -3.41 8.42
C TYR E 45 -20.44 -3.58 8.44
N ARG E 46 -19.73 -2.81 7.61
CA ARG E 46 -18.27 -2.91 7.59
C ARG E 46 -17.65 -2.45 8.91
N ILE E 47 -18.20 -1.39 9.52
CA ILE E 47 -17.70 -0.90 10.80
C ILE E 47 -17.91 -1.93 11.90
N LYS E 48 -19.10 -2.56 11.93
CA LYS E 48 -19.36 -3.54 12.98
C LYS E 48 -18.58 -4.84 12.76
N GLU E 49 -18.30 -5.21 11.51
CA GLU E 49 -17.47 -6.38 11.24
C GLU E 49 -16.01 -6.15 11.66
N ILE E 50 -15.47 -4.97 11.32
CA ILE E 50 -14.11 -4.63 11.78
C ILE E 50 -14.08 -4.48 13.30
N ALA E 51 -15.19 -4.07 13.91
CA ALA E 51 -15.29 -4.00 15.37
C ALA E 51 -15.26 -5.39 15.98
N GLN E 52 -16.00 -6.35 15.39
CA GLN E 52 -15.93 -7.75 15.85
C GLN E 52 -14.53 -8.32 15.71
N ASP E 53 -13.84 -7.95 14.62
CA ASP E 53 -12.47 -8.42 14.41
C ASP E 53 -11.52 -7.86 15.47
N ALA E 54 -11.61 -6.55 15.76
CA ALA E 54 -10.76 -5.94 16.77
C ALA E 54 -11.10 -6.41 18.18
N LEU E 55 -12.36 -6.75 18.45
CA LEU E 55 -12.71 -7.31 19.75
C LEU E 55 -12.17 -8.73 19.90
N LYS E 56 -12.15 -9.50 18.80
CA LYS E 56 -11.48 -10.81 18.84
C LYS E 56 -9.98 -10.66 19.06
N PHE E 57 -9.38 -9.63 18.44
CA PHE E 57 -7.96 -9.32 18.68
C PHE E 57 -7.69 -9.02 20.16
N MET E 58 -8.42 -8.08 20.74
CA MET E 58 -8.09 -7.70 22.11
C MET E 58 -8.70 -8.60 23.17
N HIS E 59 -9.55 -9.55 22.81
CA HIS E 59 -9.84 -10.67 23.69
C HIS E 59 -8.91 -11.85 23.44
N MET E 60 -8.02 -11.73 22.44
CA MET E 60 -6.79 -12.51 22.41
C MET E 60 -5.57 -11.69 22.76
N GLY E 61 -5.65 -10.36 22.72
CA GLY E 61 -4.70 -9.51 23.40
C GLY E 61 -4.94 -9.38 24.89
N LYS E 62 -6.10 -9.84 25.36
CA LYS E 62 -6.46 -9.99 26.78
C LYS E 62 -6.47 -8.65 27.52
N ARG E 63 -7.11 -7.65 26.89
CA ARG E 63 -7.45 -6.39 27.54
C ARG E 63 -8.84 -5.98 27.09
N GLN E 64 -9.62 -5.44 28.02
CA GLN E 64 -11.00 -5.04 27.74
C GLN E 64 -11.12 -3.62 27.19
N LYS E 65 -10.01 -3.02 26.75
CA LYS E 65 -10.02 -1.70 26.16
C LYS E 65 -9.46 -1.77 24.75
N LEU E 66 -9.98 -0.92 23.86
CA LEU E 66 -9.54 -0.86 22.47
C LEU E 66 -8.80 0.46 22.23
N THR E 67 -7.56 0.36 21.80
CA THR E 67 -6.78 1.54 21.43
C THR E 67 -6.82 1.76 19.91
N THR E 68 -6.17 2.84 19.46
CA THR E 68 -6.10 3.14 18.04
C THR E 68 -5.29 2.10 17.28
N SER E 69 -4.19 1.65 17.89
CA SER E 69 -3.29 0.69 17.24
C SER E 69 -3.95 -0.67 17.05
N ASP E 70 -4.93 -1.01 17.90
CA ASP E 70 -5.64 -2.28 17.76
C ASP E 70 -6.43 -2.34 16.47
N ILE E 71 -7.19 -1.28 16.16
CA ILE E 71 -7.93 -1.25 14.92
C ILE E 71 -6.98 -0.98 13.74
N ASP E 72 -5.85 -0.31 14.00
CA ASP E 72 -4.83 -0.14 12.96
C ASP E 72 -4.25 -1.48 12.50
N TYR E 73 -3.98 -2.39 13.44
CA TYR E 73 -3.62 -3.75 13.05
C TYR E 73 -4.81 -4.55 12.54
N ALA E 74 -6.04 -4.17 12.91
CA ALA E 74 -7.23 -4.78 12.33
C ALA E 74 -7.51 -4.30 10.91
N LEU E 75 -6.78 -3.28 10.43
CA LEU E 75 -6.90 -2.79 9.06
C LEU E 75 -5.96 -3.49 8.09
N LYS E 76 -5.63 -4.76 8.33
CA LYS E 76 -4.76 -5.54 7.45
C LYS E 76 -5.54 -6.34 6.42
N LEU E 77 -6.70 -5.86 6.01
CA LEU E 77 -7.52 -6.58 5.03
C LEU E 77 -7.55 -5.85 3.70
N PRO F 13 -20.45 15.21 19.41
CA PRO F 13 -21.80 15.65 19.02
C PRO F 13 -22.77 14.49 18.86
N LYS F 14 -23.51 14.47 17.76
CA LYS F 14 -24.43 13.37 17.49
C LYS F 14 -23.69 12.09 17.12
N ASP F 15 -22.51 12.21 16.51
CA ASP F 15 -21.75 11.05 16.08
C ASP F 15 -21.22 10.24 17.27
N ALA F 16 -20.94 10.92 18.39
CA ALA F 16 -20.61 10.20 19.63
C ALA F 16 -21.80 9.39 20.14
N GLN F 17 -23.01 9.91 19.99
CA GLN F 17 -24.21 9.15 20.36
C GLN F 17 -24.42 7.97 19.42
N MET F 18 -24.11 8.15 18.13
CA MET F 18 -24.24 7.04 17.17
C MET F 18 -23.24 5.93 17.47
N MET F 19 -21.99 6.30 17.78
CA MET F 19 -21.00 5.32 18.20
C MET F 19 -21.35 4.69 19.55
N ALA F 20 -22.02 5.44 20.42
CA ALA F 20 -22.51 4.87 21.67
C ALA F 20 -23.57 3.80 21.40
N GLN F 21 -24.46 4.05 20.45
CA GLN F 21 -25.44 3.04 20.04
C GLN F 21 -24.76 1.82 19.42
N ILE F 22 -23.72 2.05 18.61
CA ILE F 22 -22.96 0.94 18.01
C ILE F 22 -22.30 0.09 19.09
N LEU F 23 -21.60 0.73 20.02
CA LEU F 23 -20.87 -0.01 21.05
C LEU F 23 -21.80 -0.61 22.10
N LYS F 24 -23.01 -0.08 22.28
CA LYS F 24 -24.03 -0.78 23.05
C LYS F 24 -24.53 -2.00 22.31
N ASP F 25 -24.62 -1.93 20.98
CA ASP F 25 -24.94 -3.13 20.20
C ASP F 25 -23.81 -4.15 20.25
N MET F 26 -22.57 -3.70 20.47
CA MET F 26 -21.45 -4.65 20.55
C MET F 26 -21.36 -5.37 21.89
N GLY F 27 -21.98 -4.82 22.94
CA GLY F 27 -22.07 -5.49 24.23
C GLY F 27 -20.85 -5.42 25.12
N ILE F 28 -19.70 -4.97 24.62
CA ILE F 28 -18.49 -4.86 25.42
C ILE F 28 -18.30 -3.37 25.74
N THR F 29 -17.73 -3.09 26.91
CA THR F 29 -18.00 -1.84 27.64
C THR F 29 -16.91 -0.77 27.52
N GLU F 30 -15.63 -1.12 27.70
CA GLU F 30 -14.61 -0.12 28.00
C GLU F 30 -13.83 0.24 26.74
N TYR F 31 -13.66 1.54 26.52
CA TYR F 31 -13.00 2.06 25.32
C TYR F 31 -12.25 3.33 25.70
N GLU F 32 -11.81 4.08 24.68
CA GLU F 32 -11.33 5.45 24.76
C GLU F 32 -12.07 6.30 23.73
N PRO F 33 -12.38 7.56 24.04
CA PRO F 33 -13.15 8.38 23.09
C PRO F 33 -12.35 8.86 21.90
N ARG F 34 -11.03 8.94 22.00
CA ARG F 34 -10.21 9.37 20.87
C ARG F 34 -10.18 8.28 19.79
N VAL F 35 -10.16 7.01 20.21
CA VAL F 35 -10.27 5.89 19.29
C VAL F 35 -11.61 5.94 18.55
N ILE F 36 -12.68 6.26 19.29
CA ILE F 36 -14.02 6.42 18.73
C ILE F 36 -14.05 7.54 17.69
N ASN F 37 -13.45 8.69 18.01
CA ASN F 37 -13.50 9.82 17.09
C ASN F 37 -12.62 9.60 15.86
N GLN F 38 -11.49 8.90 16.01
CA GLN F 38 -10.70 8.58 14.82
C GLN F 38 -11.36 7.51 13.96
N MET F 39 -12.06 6.55 14.57
CA MET F 39 -12.93 5.64 13.82
C MET F 39 -13.99 6.39 13.04
N LEU F 40 -14.61 7.39 13.66
CA LEU F 40 -15.59 8.25 12.99
C LEU F 40 -14.98 8.95 11.79
N GLU F 41 -13.81 9.59 11.97
CA GLU F 41 -13.25 10.41 10.91
C GLU F 41 -12.73 9.56 9.75
N PHE F 42 -12.06 8.44 10.05
CA PHE F 42 -11.65 7.53 8.97
C PHE F 42 -12.85 6.86 8.30
N ALA F 43 -13.93 6.58 9.04
CA ALA F 43 -15.13 6.00 8.43
C ALA F 43 -15.81 6.98 7.48
N PHE F 44 -15.93 8.26 7.88
CA PHE F 44 -16.48 9.26 6.96
C PHE F 44 -15.55 9.49 5.76
N ARG F 45 -14.23 9.32 5.95
CA ARG F 45 -13.35 9.44 4.79
C ARG F 45 -13.46 8.24 3.85
N TYR F 46 -13.75 7.04 4.37
CA TYR F 46 -14.08 5.92 3.48
C TYR F 46 -15.41 6.18 2.76
N VAL F 47 -16.37 6.82 3.45
CA VAL F 47 -17.62 7.22 2.82
C VAL F 47 -17.37 8.21 1.68
N THR F 48 -16.46 9.17 1.88
CA THR F 48 -16.16 10.11 0.81
C THR F 48 -15.40 9.45 -0.34
N THR F 49 -14.62 8.39 -0.08
CA THR F 49 -14.05 7.64 -1.19
C THR F 49 -15.11 6.85 -1.95
N ILE F 50 -16.13 6.33 -1.25
CA ILE F 50 -17.28 5.74 -1.92
C ILE F 50 -18.01 6.77 -2.78
N LEU F 51 -18.12 8.00 -2.29
CA LEU F 51 -18.74 9.08 -3.05
C LEU F 51 -17.88 9.50 -4.24
N ASP F 52 -16.56 9.41 -4.12
CA ASP F 52 -15.68 9.66 -5.26
C ASP F 52 -15.84 8.58 -6.32
N ASP F 53 -16.00 7.33 -5.89
CA ASP F 53 -16.33 6.26 -6.83
C ASP F 53 -17.69 6.48 -7.48
N ALA F 54 -18.64 7.04 -6.73
CA ALA F 54 -19.94 7.40 -7.29
C ALA F 54 -19.81 8.50 -8.34
N LYS F 55 -18.94 9.48 -8.09
CA LYS F 55 -18.63 10.50 -9.09
C LYS F 55 -18.03 9.88 -10.35
N ILE F 56 -17.10 8.94 -10.18
CA ILE F 56 -16.41 8.32 -11.30
C ILE F 56 -17.38 7.50 -12.16
N TYR F 57 -18.17 6.63 -11.52
CA TYR F 57 -19.12 5.81 -12.28
C TYR F 57 -20.39 6.55 -12.66
N SER F 58 -20.58 7.79 -12.19
CA SER F 58 -21.58 8.65 -12.80
C SER F 58 -21.02 9.34 -14.04
N SER F 59 -19.73 9.68 -14.02
CA SER F 59 -19.11 10.34 -15.17
C SER F 59 -18.93 9.37 -16.33
N HIS F 60 -18.57 8.12 -16.03
CA HIS F 60 -18.39 7.11 -17.08
C HIS F 60 -19.68 6.49 -17.55
N ALA F 61 -20.77 6.64 -16.79
CA ALA F 61 -22.10 6.33 -17.31
C ALA F 61 -22.72 7.51 -18.05
N LYS F 62 -22.05 8.66 -18.03
CA LYS F 62 -22.49 9.90 -18.67
C LYS F 62 -23.87 10.34 -18.18
N LYS F 63 -24.08 10.24 -16.88
CA LYS F 63 -25.32 10.66 -16.23
C LYS F 63 -25.00 11.52 -15.03
N ALA F 64 -25.84 12.51 -14.76
CA ALA F 64 -25.63 13.42 -13.64
C ALA F 64 -26.04 12.82 -12.30
N THR F 65 -26.79 11.72 -12.30
CA THR F 65 -27.29 11.12 -11.07
C THR F 65 -26.44 9.94 -10.65
N VAL F 66 -26.64 9.51 -9.41
CA VAL F 66 -25.99 8.34 -8.85
C VAL F 66 -27.06 7.26 -8.69
N ASP F 67 -26.97 6.20 -9.49
CA ASP F 67 -27.96 5.14 -9.46
C ASP F 67 -27.68 4.17 -8.31
N ALA F 68 -28.60 3.23 -8.13
CA ALA F 68 -28.36 2.14 -7.18
C ALA F 68 -27.29 1.20 -7.68
N ASP F 69 -27.22 0.97 -8.99
CA ASP F 69 -26.20 0.10 -9.59
C ASP F 69 -24.80 0.68 -9.42
N ASP F 70 -24.71 2.01 -9.32
CA ASP F 70 -23.45 2.68 -8.98
C ASP F 70 -22.96 2.22 -7.61
N VAL F 71 -23.86 2.24 -6.61
CA VAL F 71 -23.56 1.74 -5.27
C VAL F 71 -23.22 0.25 -5.32
N ARG F 72 -23.93 -0.51 -6.17
CA ARG F 72 -23.73 -1.96 -6.27
C ARG F 72 -22.34 -2.31 -6.77
N LEU F 73 -21.92 -1.74 -7.91
CA LEU F 73 -20.60 -2.12 -8.40
C LEU F 73 -19.49 -1.46 -7.59
N ALA F 74 -19.77 -0.32 -6.95
CA ALA F 74 -18.78 0.28 -6.05
C ALA F 74 -18.51 -0.62 -4.85
N ILE F 75 -19.57 -1.19 -4.25
CA ILE F 75 -19.33 -2.06 -3.10
C ILE F 75 -18.82 -3.42 -3.54
N GLN F 76 -19.11 -3.86 -4.78
CA GLN F 76 -18.49 -5.08 -5.29
C GLN F 76 -16.98 -4.90 -5.45
N CYS F 77 -16.55 -3.77 -6.01
CA CYS F 77 -15.13 -3.51 -6.18
C CYS F 77 -14.42 -3.32 -4.84
N ARG F 78 -15.04 -2.56 -3.92
CA ARG F 78 -14.37 -2.35 -2.65
C ARG F 78 -14.54 -3.52 -1.68
N ALA F 79 -15.43 -4.48 -1.98
CA ALA F 79 -15.38 -5.77 -1.30
C ALA F 79 -14.31 -6.67 -1.90
N ASP F 80 -14.00 -6.47 -3.19
CA ASP F 80 -12.83 -7.15 -3.75
C ASP F 80 -11.52 -6.56 -3.24
N GLN F 81 -11.51 -5.30 -2.81
CA GLN F 81 -10.26 -4.66 -2.38
C GLN F 81 -9.85 -5.04 -0.97
N SER F 82 -10.63 -4.61 0.03
CA SER F 82 -10.22 -4.69 1.42
C SER F 82 -11.19 -5.50 2.26
N PHE F 83 -11.75 -6.55 1.68
CA PHE F 83 -12.69 -7.42 2.37
C PHE F 83 -12.34 -8.87 2.06
N THR F 84 -11.05 -9.19 2.18
CA THR F 84 -10.52 -10.49 1.80
C THR F 84 -10.86 -11.54 2.86
N SER F 85 -10.81 -12.80 2.44
CA SER F 85 -11.15 -13.94 3.27
C SER F 85 -10.65 -15.21 2.57
N PRO F 86 -10.42 -16.28 3.32
CA PRO F 86 -10.00 -17.53 2.69
C PRO F 86 -11.20 -18.36 2.27
N PRO F 87 -11.16 -18.92 1.06
CA PRO F 87 -12.34 -19.64 0.55
C PRO F 87 -12.44 -21.03 1.16
N PRO F 88 -13.65 -21.47 1.52
CA PRO F 88 -13.81 -22.83 2.05
C PRO F 88 -13.65 -23.91 0.99
N ARG F 89 -13.95 -23.61 -0.27
CA ARG F 89 -13.66 -24.56 -1.35
C ARG F 89 -12.16 -24.69 -1.57
N ASP F 90 -11.44 -23.56 -1.52
CA ASP F 90 -9.98 -23.62 -1.56
C ASP F 90 -9.41 -24.25 -0.30
N PHE F 91 -10.10 -24.11 0.83
CA PHE F 91 -9.70 -24.80 2.06
C PHE F 91 -9.82 -26.30 1.91
N LEU F 92 -10.92 -26.78 1.31
CA LEU F 92 -11.08 -28.20 1.06
C LEU F 92 -10.10 -28.71 0.00
N LEU F 93 -9.77 -27.87 -0.99
CA LEU F 93 -8.78 -28.27 -2.00
C LEU F 93 -7.39 -28.40 -1.39
N ASP F 94 -6.99 -27.44 -0.55
CA ASP F 94 -5.73 -27.55 0.17
C ASP F 94 -5.74 -28.69 1.17
N ILE F 95 -6.92 -29.00 1.72
CA ILE F 95 -7.06 -30.14 2.63
C ILE F 95 -6.78 -31.44 1.89
N ALA F 96 -7.40 -31.61 0.71
CA ALA F 96 -7.16 -32.80 -0.10
C ALA F 96 -5.70 -32.87 -0.57
N ARG F 97 -5.12 -31.73 -0.95
CA ARG F 97 -3.74 -31.67 -1.43
C ARG F 97 -2.75 -32.08 -0.34
N GLN F 98 -2.79 -31.42 0.81
CA GLN F 98 -1.81 -31.69 1.86
C GLN F 98 -2.11 -32.99 2.59
N ARG F 99 -3.38 -33.26 2.91
CA ARG F 99 -3.76 -34.47 3.61
C ARG F 99 -3.64 -35.72 2.76
N ASN F 100 -3.65 -35.58 1.42
CA ASN F 100 -3.37 -36.73 0.57
C ASN F 100 -1.92 -37.18 0.70
N GLN F 101 -1.01 -36.23 0.88
CA GLN F 101 0.39 -36.54 1.13
C GLN F 101 0.55 -37.00 2.58
N THR F 102 1.11 -38.18 2.77
CA THR F 102 1.30 -38.71 4.12
C THR F 102 2.78 -39.00 4.35
N PRO F 103 3.67 -38.08 4.00
CA PRO F 103 5.11 -38.30 4.23
C PRO F 103 5.57 -37.70 5.55
N LEU F 104 6.47 -38.43 6.20
CA LEU F 104 7.04 -38.01 7.48
C LEU F 104 8.40 -38.66 7.68
N PRO F 105 9.42 -38.24 6.95
CA PRO F 105 10.73 -38.86 7.10
C PRO F 105 11.42 -38.43 8.38
N LEU F 106 12.05 -39.38 9.05
CA LEU F 106 12.77 -39.14 10.30
C LEU F 106 14.24 -39.46 10.09
N ILE F 107 15.11 -38.57 10.56
CA ILE F 107 16.55 -38.74 10.45
C ILE F 107 17.14 -38.86 11.85
N LYS F 108 18.41 -39.28 11.90
CA LYS F 108 19.12 -39.41 13.16
C LYS F 108 19.47 -38.03 13.71
N PRO F 109 20.17 -37.19 12.94
CA PRO F 109 20.49 -35.84 13.36
C PRO F 109 19.35 -34.87 13.08
N UNK F 110 18.89 -34.15 14.10
CA UNK F 110 17.80 -33.21 13.95
C UNK F 110 18.14 -31.85 14.58
N UNK F 111 19.44 -31.60 14.74
CA UNK F 111 19.89 -30.32 15.28
C UNK F 111 19.84 -29.25 14.20
N UNK F 112 20.11 -29.64 12.97
CA UNK F 112 19.99 -28.74 11.82
C UNK F 112 18.51 -28.52 11.52
N UNK F 113 18.15 -27.29 11.19
CA UNK F 113 16.75 -26.94 10.97
C UNK F 113 16.56 -25.85 9.92
N UNK F 114 17.52 -25.72 9.00
CA UNK F 114 17.46 -24.66 8.00
C UNK F 114 17.88 -25.14 6.61
N UNK F 115 17.21 -24.62 5.59
CA UNK F 115 17.54 -24.93 4.21
C UNK F 115 17.08 -23.79 3.30
N UNK F 116 17.43 -22.57 3.66
CA UNK F 116 17.02 -21.38 2.94
C UNK F 116 17.73 -21.26 1.60
N SER G 113 34.79 11.54 -7.28
CA SER G 113 35.46 10.96 -6.13
C SER G 113 34.53 10.04 -5.35
N THR G 114 33.39 9.72 -5.97
CA THR G 114 32.28 8.91 -5.46
C THR G 114 31.82 9.40 -4.09
N PRO G 115 31.06 10.50 -4.02
CA PRO G 115 30.70 11.07 -2.72
C PRO G 115 29.65 10.28 -1.95
N LEU G 116 28.94 9.33 -2.57
CA LEU G 116 27.89 8.60 -1.85
C LEU G 116 28.49 7.58 -0.90
N VAL G 117 29.50 6.83 -1.36
CA VAL G 117 30.19 5.90 -0.47
C VAL G 117 31.04 6.65 0.55
N ASP G 118 31.52 7.86 0.21
CA ASP G 118 32.20 8.70 1.20
C ASP G 118 31.22 9.20 2.26
N PHE G 119 29.98 9.48 1.86
CA PHE G 119 28.92 9.80 2.81
C PHE G 119 28.61 8.63 3.73
N LEU G 120 28.56 7.41 3.16
CA LEU G 120 28.34 6.22 3.96
C LEU G 120 29.50 5.98 4.94
N MET G 121 30.71 6.35 4.54
CA MET G 121 31.84 6.26 5.46
C MET G 121 31.76 7.31 6.57
N GLN G 122 31.44 8.57 6.21
CA GLN G 122 31.42 9.65 7.19
C GLN G 122 30.12 9.72 7.98
N LEU G 123 29.19 8.76 7.80
CA LEU G 123 28.05 8.60 8.70
C LEU G 123 28.45 8.44 10.18
N GLU G 124 29.66 7.96 10.46
CA GLU G 124 30.16 7.84 11.83
C GLU G 124 30.40 9.17 12.52
N ASP G 125 30.41 10.29 11.79
CA ASP G 125 30.72 11.59 12.35
C ASP G 125 29.50 12.42 12.72
N TYR G 126 28.35 12.16 12.11
CA TYR G 126 27.20 13.04 12.27
C TYR G 126 26.51 12.83 13.62
N THR G 127 25.75 13.85 14.04
CA THR G 127 24.90 13.84 15.22
C THR G 127 23.52 14.36 14.84
N PRO G 128 22.46 13.55 14.95
CA PRO G 128 21.15 13.95 14.43
C PRO G 128 20.45 15.02 15.27
N THR G 129 19.26 15.40 14.83
CA THR G 129 18.40 16.33 15.55
C THR G 129 17.22 15.61 16.22
N ILE G 130 16.66 14.61 15.57
CA ILE G 130 15.68 13.73 16.21
C ILE G 130 16.40 12.87 17.24
N PRO G 131 15.83 12.68 18.44
CA PRO G 131 16.44 11.76 19.41
C PRO G 131 16.52 10.34 18.88
N ASP G 132 17.75 9.80 18.89
CA ASP G 132 17.99 8.48 18.33
C ASP G 132 17.38 7.37 19.17
N ALA G 133 17.09 7.63 20.45
CA ALA G 133 16.37 6.66 21.26
C ALA G 133 14.92 6.53 20.80
N VAL G 134 14.30 7.65 20.41
CA VAL G 134 12.90 7.63 19.97
C VAL G 134 12.77 6.96 18.61
N THR G 135 13.67 7.30 17.67
CA THR G 135 13.73 6.63 16.38
C THR G 135 14.03 5.14 16.55
N GLY G 136 14.93 4.82 17.50
CA GLY G 136 15.20 3.43 17.81
C GLY G 136 14.00 2.68 18.35
N TYR G 137 13.21 3.32 19.21
CA TYR G 137 12.01 2.69 19.75
C TYR G 137 10.94 2.49 18.68
N TYR G 138 10.71 3.50 17.83
CA TYR G 138 9.75 3.34 16.75
C TYR G 138 10.22 2.35 15.69
N LEU G 139 11.54 2.11 15.61
CA LEU G 139 12.02 0.99 14.84
C LEU G 139 11.98 -0.33 15.62
N ASN G 140 11.90 -0.28 16.96
CA ASN G 140 11.68 -1.50 17.72
C ASN G 140 10.25 -2.00 17.55
N ARG G 141 9.29 -1.07 17.48
CA ARG G 141 7.95 -1.44 17.05
C ARG G 141 7.92 -1.91 15.60
N ALA G 142 8.79 -1.35 14.77
CA ALA G 142 8.95 -1.83 13.40
C ALA G 142 10.01 -2.94 13.32
N GLY G 143 10.47 -3.42 14.47
CA GLY G 143 11.29 -4.61 14.55
C GLY G 143 12.76 -4.47 14.19
N PHE G 144 13.29 -3.25 14.22
CA PHE G 144 14.61 -2.97 13.68
C PHE G 144 15.57 -2.69 14.82
N GLU G 145 16.64 -3.48 14.91
CA GLU G 145 17.60 -3.41 16.00
C GLU G 145 19.00 -3.24 15.40
N ALA G 146 19.51 -2.02 15.42
CA ALA G 146 20.85 -1.72 14.94
C ALA G 146 21.69 -1.25 16.11
N SER G 147 22.74 -2.02 16.44
CA SER G 147 23.73 -1.54 17.40
C SER G 147 24.59 -0.43 16.82
N ASP G 148 24.67 -0.35 15.49
CA ASP G 148 25.34 0.72 14.76
C ASP G 148 24.36 1.88 14.59
N PRO G 149 24.62 3.04 15.19
CA PRO G 149 23.66 4.16 15.10
C PRO G 149 23.67 4.92 13.79
N ARG G 150 24.54 4.55 12.83
CA ARG G 150 24.63 5.27 11.57
C ARG G 150 23.39 5.06 10.71
N ILE G 151 22.80 3.87 10.76
CA ILE G 151 21.56 3.62 10.03
C ILE G 151 20.41 4.40 10.66
N ILE G 152 20.43 4.56 11.98
CA ILE G 152 19.46 5.38 12.68
C ILE G 152 19.58 6.84 12.26
N ARG G 153 20.83 7.32 12.14
CA ARG G 153 21.10 8.67 11.61
C ARG G 153 20.54 8.84 10.21
N LEU G 154 20.76 7.84 9.35
CA LEU G 154 20.31 7.91 7.96
C LEU G 154 18.79 7.96 7.85
N ILE G 155 18.11 7.08 8.60
CA ILE G 155 16.65 7.03 8.58
C ILE G 155 16.03 8.29 9.17
N SER G 156 16.63 8.84 10.26
CA SER G 156 16.12 10.06 10.87
C SER G 156 16.27 11.25 9.95
N LEU G 157 17.45 11.43 9.35
CA LEU G 157 17.66 12.57 8.46
C LEU G 157 16.88 12.43 7.17
N ALA G 158 16.62 11.19 6.72
CA ALA G 158 15.77 11.00 5.55
C ALA G 158 14.31 11.32 5.85
N ALA G 159 13.83 10.99 7.06
CA ALA G 159 12.49 11.39 7.46
C ALA G 159 12.38 12.90 7.61
N GLN G 160 13.47 13.55 8.05
CA GLN G 160 13.52 15.00 8.06
C GLN G 160 13.43 15.57 6.66
N LYS G 161 14.10 14.94 5.68
CA LYS G 161 14.03 15.43 4.31
C LYS G 161 12.66 15.15 3.69
N PHE G 162 11.99 14.09 4.13
CA PHE G 162 10.62 13.82 3.74
C PHE G 162 9.68 14.94 4.20
N ILE G 163 9.78 15.31 5.49
CA ILE G 163 9.02 16.45 6.03
C ILE G 163 9.43 17.75 5.35
N SER G 164 10.70 17.90 4.99
CA SER G 164 11.15 19.13 4.35
C SER G 164 10.61 19.26 2.94
N ASP G 165 10.55 18.17 2.18
CA ASP G 165 9.98 18.23 0.83
C ASP G 165 8.47 18.45 0.86
N ILE G 166 7.76 17.82 1.81
CA ILE G 166 6.33 18.05 1.95
C ILE G 166 6.04 19.49 2.37
N ALA G 167 6.78 20.01 3.35
CA ALA G 167 6.57 21.38 3.80
C ALA G 167 7.08 22.40 2.79
N ASN G 168 8.01 22.03 1.91
CA ASN G 168 8.40 22.91 0.81
C ASN G 168 7.32 22.98 -0.26
N ASP G 169 6.65 21.86 -0.54
CA ASP G 169 5.48 21.93 -1.41
C ASP G 169 4.37 22.77 -0.77
N ALA G 170 4.20 22.64 0.55
CA ALA G 170 3.24 23.47 1.29
C ALA G 170 3.63 24.95 1.28
N LEU G 171 4.94 25.23 1.27
CA LEU G 171 5.40 26.62 1.24
C LEU G 171 5.26 27.22 -0.15
N GLN G 172 5.53 26.43 -1.20
CA GLN G 172 5.35 26.92 -2.57
C GLN G 172 3.89 27.13 -2.91
N HIS G 173 2.99 26.29 -2.39
CA HIS G 173 1.56 26.57 -2.51
C HIS G 173 1.05 27.54 -1.45
N CYS G 174 1.85 27.87 -0.45
CA CYS G 174 1.43 28.82 0.58
C CYS G 174 1.44 30.25 0.07
N LYS G 175 2.22 30.53 -0.98
CA LYS G 175 2.21 31.86 -1.59
C LYS G 175 0.92 32.14 -2.33
N MET G 176 0.19 31.11 -2.74
CA MET G 176 -1.13 31.26 -3.33
C MET G 176 -2.18 31.23 -2.23
N LYS G 177 -3.05 32.23 -2.21
CA LYS G 177 -4.09 32.32 -1.18
C LYS G 177 -5.17 31.28 -1.40
N LYS G 192 2.53 35.09 8.88
CA LYS G 192 3.14 35.42 7.59
C LYS G 192 2.92 34.27 6.59
N TYR G 193 3.06 33.04 7.07
CA TYR G 193 2.82 31.84 6.28
C TYR G 193 2.04 30.85 7.13
N THR G 194 1.07 30.17 6.50
CA THR G 194 0.18 29.28 7.25
C THR G 194 -0.01 27.97 6.50
N LEU G 195 0.26 26.87 7.18
CA LEU G 195 -0.09 25.54 6.65
C LEU G 195 -1.60 25.37 6.68
N THR G 196 -2.18 25.07 5.53
CA THR G 196 -3.63 24.98 5.39
C THR G 196 -4.01 23.64 4.78
N MET G 197 -5.32 23.41 4.71
CA MET G 197 -5.85 22.27 3.96
C MET G 197 -5.60 22.45 2.46
N GLU G 198 -5.54 23.70 1.99
CA GLU G 198 -5.10 23.98 0.63
C GLU G 198 -3.65 23.54 0.42
N ASP G 199 -2.80 23.74 1.43
CA ASP G 199 -1.42 23.29 1.34
C ASP G 199 -1.28 21.79 1.57
N LEU G 200 -2.24 21.18 2.26
CA LEU G 200 -2.18 19.75 2.53
C LEU G 200 -2.54 18.94 1.29
N THR G 201 -3.30 19.53 0.36
CA THR G 201 -3.77 18.86 -0.85
C THR G 201 -2.66 18.44 -1.83
N PRO G 202 -1.64 19.27 -2.16
CA PRO G 202 -0.53 18.70 -2.95
C PRO G 202 0.38 17.80 -2.15
N ALA G 203 0.33 17.86 -0.81
CA ALA G 203 1.07 16.92 0.02
C ALA G 203 0.46 15.53 0.03
N LEU G 204 -0.78 15.37 -0.44
CA LEU G 204 -1.44 14.07 -0.55
C LEU G 204 -1.08 13.35 -1.84
N SER G 205 -0.07 13.81 -2.58
CA SER G 205 0.30 13.18 -3.84
C SER G 205 1.01 11.84 -3.64
N GLU G 206 1.58 11.58 -2.47
CA GLU G 206 2.37 10.38 -2.29
C GLU G 206 1.50 9.16 -2.00
N TYR G 207 0.80 9.17 -0.87
CA TYR G 207 -0.18 8.12 -0.55
C TYR G 207 -1.39 8.73 0.15
N GLY G 208 -1.86 9.86 -0.36
CA GLY G 208 -3.01 10.52 0.23
C GLY G 208 -4.34 9.88 -0.14
N PHE H 113 32.06 13.67 -35.41
CA PHE H 113 30.69 13.16 -35.36
C PHE H 113 30.12 13.00 -36.77
N SER H 114 28.89 12.52 -36.87
CA SER H 114 28.31 12.09 -38.14
C SER H 114 27.17 13.00 -38.58
N GLU H 115 26.86 12.87 -39.88
CA GLU H 115 25.85 13.67 -40.56
C GLU H 115 24.43 13.32 -40.10
N GLU H 116 24.22 12.06 -39.73
CA GLU H 116 22.89 11.61 -39.33
C GLU H 116 22.57 12.06 -37.90
N GLN H 117 23.58 12.11 -37.03
CA GLN H 117 23.40 12.70 -35.70
C GLN H 117 23.08 14.19 -35.79
N LEU H 118 23.70 14.89 -36.74
CA LEU H 118 23.32 16.27 -37.07
C LEU H 118 21.84 16.39 -37.42
N ASN H 119 21.39 15.56 -38.38
CA ASN H 119 20.01 15.60 -38.85
C ASN H 119 19.02 15.22 -37.75
N ARG H 120 19.40 14.29 -36.89
CA ARG H 120 18.54 13.77 -35.86
C ARG H 120 18.42 14.71 -34.66
N TYR H 121 19.53 15.38 -34.29
CA TYR H 121 19.43 16.33 -33.17
C TYR H 121 18.75 17.62 -33.60
N GLU H 122 18.84 18.00 -34.88
CA GLU H 122 18.09 19.17 -35.32
C GLU H 122 16.59 18.88 -35.40
N MET H 123 16.22 17.68 -35.89
CA MET H 123 14.82 17.24 -35.86
C MET H 123 14.30 17.05 -34.44
N TYR H 124 15.19 16.72 -33.49
CA TYR H 124 14.84 16.81 -32.07
C TYR H 124 14.47 18.24 -31.70
N ARG H 125 15.45 19.14 -31.85
CA ARG H 125 15.41 20.52 -31.39
C ARG H 125 14.17 21.28 -31.85
N ARG H 126 13.80 21.18 -33.13
CA ARG H 126 12.68 22.00 -33.57
C ARG H 126 11.36 21.27 -33.81
N SER H 127 11.22 20.01 -33.39
CA SER H 127 9.89 19.38 -33.43
C SER H 127 8.97 20.01 -32.39
N ALA H 128 7.73 20.28 -32.80
CA ALA H 128 6.70 20.89 -31.95
C ALA H 128 5.35 20.67 -32.62
N PHE H 129 4.30 20.64 -31.79
CA PHE H 129 2.94 20.38 -32.23
C PHE H 129 2.26 21.65 -32.75
N PRO H 130 1.33 21.51 -33.69
CA PRO H 130 0.58 22.69 -34.17
C PRO H 130 -0.32 23.27 -33.09
N LYS H 131 -0.28 24.60 -32.96
CA LYS H 131 -1.03 25.30 -31.92
C LYS H 131 -2.54 25.15 -32.11
N ALA H 132 -2.98 25.07 -33.37
CA ALA H 132 -4.39 24.91 -33.69
C ALA H 132 -4.98 23.64 -33.09
N ALA H 133 -4.28 22.51 -33.23
CA ALA H 133 -4.81 21.25 -32.74
C ALA H 133 -4.74 21.12 -31.22
N ILE H 134 -3.70 21.68 -30.58
CA ILE H 134 -3.61 21.67 -29.12
C ILE H 134 -4.70 22.57 -28.53
N LYS H 135 -4.92 23.74 -29.15
CA LYS H 135 -5.96 24.65 -28.72
C LYS H 135 -7.34 24.04 -28.93
N ARG H 136 -7.53 23.33 -30.05
CA ARG H 136 -8.80 22.69 -30.35
C ARG H 136 -9.12 21.58 -29.36
N LEU H 137 -8.12 20.79 -28.97
CA LEU H 137 -8.38 19.71 -28.03
C LEU H 137 -8.62 20.23 -26.62
N ILE H 138 -7.83 21.22 -26.18
CA ILE H 138 -8.03 21.77 -24.85
C ILE H 138 -9.35 22.53 -24.75
N GLN H 139 -9.76 23.21 -25.83
CA GLN H 139 -11.07 23.85 -25.83
C GLN H 139 -12.23 22.88 -26.08
N SER H 140 -11.97 21.69 -26.59
CA SER H 140 -13.00 20.65 -26.69
C SER H 140 -12.97 19.69 -25.50
N ILE H 141 -12.18 20.01 -24.47
CA ILE H 141 -12.24 19.27 -23.22
C ILE H 141 -12.70 20.20 -22.09
N THR H 142 -12.06 21.36 -21.97
CA THR H 142 -12.49 22.36 -21.00
C THR H 142 -13.86 22.93 -21.34
N GLY H 143 -14.07 23.29 -22.61
CA GLY H 143 -15.29 23.95 -23.03
C GLY H 143 -15.26 25.46 -22.94
N THR H 144 -14.13 26.06 -22.55
CA THR H 144 -13.96 27.51 -22.52
C THR H 144 -12.66 27.87 -23.23
N SER H 145 -12.45 29.17 -23.41
CA SER H 145 -11.23 29.64 -24.03
C SER H 145 -10.05 29.52 -23.07
N VAL H 146 -8.88 29.19 -23.62
CA VAL H 146 -7.67 28.99 -22.84
C VAL H 146 -6.57 29.88 -23.39
N SER H 147 -5.66 30.32 -22.52
CA SER H 147 -4.57 31.18 -22.94
C SER H 147 -3.54 30.39 -23.76
N GLN H 148 -2.70 31.14 -24.49
CA GLN H 148 -1.77 30.54 -25.43
C GLN H 148 -0.55 29.97 -24.72
N ASN H 149 -0.25 30.48 -23.52
CA ASN H 149 0.83 29.93 -22.70
C ASN H 149 0.50 28.51 -22.26
N VAL H 150 -0.79 28.22 -22.04
CA VAL H 150 -1.23 26.85 -21.77
C VAL H 150 -0.95 25.94 -22.95
N VAL H 151 -1.08 26.45 -24.18
CA VAL H 151 -0.76 25.68 -25.38
C VAL H 151 0.73 25.40 -25.45
N ILE H 152 1.54 26.40 -25.09
CA ILE H 152 3.00 26.24 -25.05
C ILE H 152 3.39 25.17 -24.04
N ALA H 153 2.87 25.28 -22.81
CA ALA H 153 3.19 24.34 -21.74
C ALA H 153 2.72 22.92 -22.06
N MET H 154 1.51 22.79 -22.61
CA MET H 154 0.98 21.48 -22.96
C MET H 154 1.74 20.83 -24.11
N SER H 155 2.18 21.62 -25.09
CA SER H 155 2.98 21.06 -26.17
C SER H 155 4.37 20.68 -25.69
N GLY H 156 4.93 21.42 -24.74
CA GLY H 156 6.23 21.05 -24.19
C GLY H 156 6.19 19.79 -23.36
N ILE H 157 5.21 19.70 -22.45
CA ILE H 157 5.03 18.50 -21.62
C ILE H 157 4.68 17.29 -22.48
N SER H 158 3.89 17.49 -23.54
CA SER H 158 3.60 16.41 -24.49
C SER H 158 4.85 15.98 -25.25
N LYS H 159 5.73 16.94 -25.58
CA LYS H 159 6.99 16.59 -26.24
C LYS H 159 7.90 15.77 -25.32
N VAL H 160 7.95 16.15 -24.03
CA VAL H 160 8.68 15.36 -23.03
C VAL H 160 8.14 13.93 -22.97
N PHE H 161 6.80 13.80 -22.97
CA PHE H 161 6.15 12.48 -23.00
C PHE H 161 6.55 11.67 -24.23
N VAL H 162 6.46 12.28 -25.42
CA VAL H 162 6.81 11.60 -26.67
C VAL H 162 8.28 11.18 -26.67
N GLY H 163 9.16 12.06 -26.16
CA GLY H 163 10.58 11.74 -26.08
C GLY H 163 10.90 10.55 -25.19
N GLU H 164 10.32 10.53 -23.99
CA GLU H 164 10.48 9.38 -23.09
C GLU H 164 9.95 8.10 -23.74
N VAL H 165 8.85 8.21 -24.49
CA VAL H 165 8.26 7.06 -25.17
C VAL H 165 9.18 6.50 -26.24
N VAL H 166 9.72 7.37 -27.11
CA VAL H 166 10.59 6.92 -28.19
C VAL H 166 11.91 6.35 -27.64
N GLU H 167 12.45 6.97 -26.59
CA GLU H 167 13.67 6.45 -25.97
C GLU H 167 13.46 5.06 -25.36
N GLU H 168 12.33 4.86 -24.69
CA GLU H 168 12.04 3.54 -24.12
C GLU H 168 11.78 2.52 -25.23
N ALA H 169 11.21 2.98 -26.36
CA ALA H 169 10.99 2.09 -27.50
C ALA H 169 12.29 1.65 -28.13
N LEU H 170 13.27 2.56 -28.19
CA LEU H 170 14.61 2.19 -28.64
C LEU H 170 15.23 1.16 -27.72
N ASP H 171 15.06 1.35 -26.39
CA ASP H 171 15.54 0.37 -25.41
C ASP H 171 14.89 -1.00 -25.64
N VAL H 172 13.59 -1.01 -25.91
CA VAL H 172 12.84 -2.25 -26.21
C VAL H 172 13.38 -2.91 -27.47
N CYS H 173 13.41 -2.17 -28.57
CA CYS H 173 13.94 -2.58 -29.87
C CYS H 173 15.33 -3.21 -29.82
N GLU H 174 16.29 -2.51 -29.20
CA GLU H 174 17.65 -3.03 -29.18
C GLU H 174 17.79 -4.18 -28.18
N LYS H 175 16.97 -4.20 -27.13
CA LYS H 175 16.99 -5.36 -26.23
C LYS H 175 16.23 -6.55 -26.80
N TRP H 176 15.32 -6.33 -27.76
CA TRP H 176 14.73 -7.43 -28.53
C TRP H 176 15.58 -7.91 -29.71
N GLY H 177 16.73 -7.28 -29.97
CA GLY H 177 17.52 -7.71 -31.10
C GLY H 177 17.19 -7.00 -32.40
N GLU H 178 15.89 -6.76 -32.61
CA GLU H 178 15.33 -6.07 -33.79
C GLU H 178 15.91 -4.68 -33.98
N MET H 179 15.73 -4.11 -35.18
CA MET H 179 16.34 -2.85 -35.55
C MET H 179 15.22 -1.88 -35.93
N PRO H 180 15.45 -0.57 -35.78
CA PRO H 180 14.43 0.42 -36.15
C PRO H 180 14.22 0.44 -37.66
N PRO H 181 13.07 0.97 -38.17
CA PRO H 181 11.93 1.74 -37.62
C PRO H 181 11.08 1.05 -36.55
N LEU H 182 10.63 1.83 -35.57
CA LEU H 182 9.91 1.29 -34.43
C LEU H 182 8.49 0.87 -34.81
N GLN H 183 8.13 -0.32 -34.41
CA GLN H 183 6.89 -1.04 -34.66
C GLN H 183 5.86 -0.68 -33.60
N PRO H 184 4.55 -0.92 -33.86
CA PRO H 184 3.53 -0.68 -32.83
C PRO H 184 3.76 -1.36 -31.49
N LYS H 185 4.29 -2.60 -31.52
CA LYS H 185 4.59 -3.28 -30.27
C LYS H 185 5.72 -2.60 -29.52
N HIS H 186 6.67 -1.97 -30.21
CA HIS H 186 7.79 -1.31 -29.56
C HIS H 186 7.36 -0.05 -28.83
N MET H 187 6.65 0.85 -29.52
CA MET H 187 6.18 2.10 -28.91
C MET H 187 5.18 1.81 -27.80
N ARG H 188 4.24 0.91 -28.04
CA ARG H 188 3.21 0.66 -27.04
C ARG H 188 3.78 -0.09 -25.83
N GLU H 189 4.65 -1.09 -26.05
CA GLU H 189 5.53 -1.73 -25.07
C GLU H 189 6.32 -0.72 -24.26
N ALA H 190 6.74 0.40 -24.86
CA ALA H 190 7.54 1.42 -24.23
C ALA H 190 6.73 2.32 -23.30
N VAL H 191 5.55 2.79 -23.76
CA VAL H 191 4.71 3.61 -22.89
C VAL H 191 4.28 2.77 -21.70
N ARG H 192 3.93 1.49 -21.97
CA ARG H 192 3.67 0.49 -20.93
C ARG H 192 4.79 0.39 -19.90
N ARG H 193 6.04 0.24 -20.38
CA ARG H 193 7.17 0.13 -19.46
C ARG H 193 7.38 1.41 -18.67
N LEU H 194 7.13 2.58 -19.29
CA LEU H 194 7.28 3.84 -18.56
C LEU H 194 6.20 4.01 -17.49
N LYS H 195 5.04 3.36 -17.66
CA LYS H 195 4.01 3.30 -16.62
C LYS H 195 4.36 2.31 -15.54
N SER H 196 5.02 1.20 -15.91
CA SER H 196 5.36 0.16 -14.94
C SER H 196 6.42 0.62 -13.96
N LYS H 197 7.35 1.49 -14.39
CA LYS H 197 8.43 1.97 -13.54
C LYS H 197 8.00 3.04 -12.55
N GLY H 198 6.71 3.41 -12.51
CA GLY H 198 6.23 4.58 -11.82
C GLY H 198 6.91 5.85 -12.27
N GLN H 199 6.75 6.18 -13.56
CA GLN H 199 7.37 7.39 -14.10
C GLN H 199 6.42 8.24 -14.93
N ILE H 200 5.26 7.72 -15.34
CA ILE H 200 4.21 8.52 -15.98
C ILE H 200 2.84 8.16 -15.40
N PRO H 201 2.01 9.16 -15.02
CA PRO H 201 0.70 8.95 -14.38
C PRO H 201 -0.52 9.05 -15.30
N ASN I 55 -6.79 -23.95 -25.06
CA ASN I 55 -6.17 -24.29 -23.78
C ASN I 55 -5.47 -23.08 -23.18
N GLN I 56 -4.16 -23.06 -23.25
CA GLN I 56 -3.38 -21.91 -22.78
C GLN I 56 -3.55 -20.73 -23.73
N VAL I 57 -3.34 -19.53 -23.19
CA VAL I 57 -3.47 -18.29 -23.95
C VAL I 57 -2.15 -17.53 -24.03
N LEU I 58 -1.05 -18.13 -23.61
CA LEU I 58 0.25 -17.48 -23.70
C LEU I 58 1.34 -18.52 -23.93
N THR I 59 2.18 -18.25 -24.91
CA THR I 59 3.34 -19.08 -25.18
C THR I 59 4.43 -18.83 -24.14
N LYS I 60 5.30 -19.84 -23.99
CA LYS I 60 6.50 -19.66 -23.17
C LYS I 60 7.53 -18.79 -23.87
N LYS I 61 7.42 -18.68 -25.20
CA LYS I 61 8.39 -17.98 -26.03
C LYS I 61 8.46 -16.49 -25.69
N LYS I 62 7.30 -15.83 -25.66
CA LYS I 62 7.28 -14.38 -25.42
C LYS I 62 7.69 -14.06 -23.98
N LEU I 63 7.32 -14.92 -23.03
CA LEU I 63 7.77 -14.79 -21.64
C LEU I 63 9.28 -14.84 -21.53
N GLN I 64 9.90 -15.90 -22.09
CA GLN I 64 11.34 -16.03 -22.03
C GLN I 64 12.05 -14.96 -22.86
N ASP I 65 11.40 -14.45 -23.91
CA ASP I 65 11.92 -13.32 -24.66
C ASP I 65 12.01 -12.07 -23.80
N LEU I 66 10.94 -11.77 -23.05
CA LEU I 66 10.99 -10.60 -22.18
C LEU I 66 11.95 -10.80 -21.01
N VAL I 67 12.07 -12.04 -20.50
CA VAL I 67 12.94 -12.32 -19.36
C VAL I 67 14.41 -12.19 -19.75
N ARG I 68 14.83 -12.89 -20.80
CA ARG I 68 16.22 -12.75 -21.26
C ARG I 68 16.45 -11.47 -22.05
N GLU I 69 15.38 -10.74 -22.37
CA GLU I 69 15.51 -9.37 -22.84
C GLU I 69 15.95 -8.45 -21.72
N VAL I 70 15.25 -8.50 -20.58
CA VAL I 70 15.58 -7.63 -19.45
C VAL I 70 16.86 -8.10 -18.76
N ASP I 71 16.86 -9.34 -18.26
CA ASP I 71 18.01 -9.90 -17.54
C ASP I 71 18.45 -11.18 -18.24
N PRO I 72 19.35 -11.08 -19.23
CA PRO I 72 19.85 -12.30 -19.90
C PRO I 72 20.76 -13.15 -19.01
N ASN I 73 21.66 -12.52 -18.29
CA ASN I 73 22.68 -13.22 -17.51
C ASN I 73 22.24 -13.45 -16.07
N GLU I 74 21.16 -14.20 -15.92
CA GLU I 74 20.62 -14.57 -14.61
C GLU I 74 20.47 -16.08 -14.54
N GLN I 75 20.95 -16.66 -13.43
CA GLN I 75 20.64 -18.05 -13.12
C GLN I 75 19.21 -18.13 -12.59
N LEU I 76 18.27 -18.41 -13.48
CA LEU I 76 16.84 -18.40 -13.15
C LEU I 76 16.24 -19.75 -13.49
N ASP I 77 15.32 -20.22 -12.66
CA ASP I 77 14.74 -21.54 -12.79
C ASP I 77 13.52 -21.47 -13.71
N GLU I 78 12.95 -22.64 -14.04
CA GLU I 78 11.86 -22.75 -15.00
C GLU I 78 10.49 -22.74 -14.35
N ASP I 79 10.27 -23.56 -13.31
CA ASP I 79 8.94 -23.74 -12.73
C ASP I 79 8.41 -22.48 -12.08
N VAL I 80 9.31 -21.61 -11.60
CA VAL I 80 9.03 -20.24 -11.17
C VAL I 80 8.28 -19.49 -12.27
N GLU I 81 8.77 -19.62 -13.51
CA GLU I 81 8.16 -18.89 -14.61
C GLU I 81 6.78 -19.44 -14.98
N GLU I 82 6.56 -20.76 -14.88
CA GLU I 82 5.21 -21.28 -15.11
C GLU I 82 4.25 -20.90 -13.99
N MET I 83 4.73 -20.79 -12.74
CA MET I 83 3.88 -20.29 -11.68
C MET I 83 3.52 -18.81 -11.90
N LEU I 84 4.49 -18.04 -12.40
CA LEU I 84 4.21 -16.65 -12.79
C LEU I 84 3.18 -16.58 -13.92
N LEU I 85 3.26 -17.50 -14.88
CA LEU I 85 2.27 -17.54 -15.95
C LEU I 85 0.88 -17.91 -15.45
N GLN I 86 0.81 -18.83 -14.47
CA GLN I 86 -0.48 -19.23 -13.93
C GLN I 86 -1.13 -18.10 -13.13
N ILE I 87 -0.34 -17.40 -12.32
CA ILE I 87 -0.87 -16.25 -11.58
C ILE I 87 -1.19 -15.10 -12.53
N ALA I 88 -0.46 -15.00 -13.65
CA ALA I 88 -0.79 -14.00 -14.65
C ALA I 88 -2.10 -14.31 -15.36
N ASP I 89 -2.36 -15.60 -15.62
CA ASP I 89 -3.65 -15.99 -16.22
C ASP I 89 -4.80 -15.77 -15.25
N ASP I 90 -4.55 -15.94 -13.95
CA ASP I 90 -5.55 -15.55 -12.95
C ASP I 90 -5.77 -14.04 -12.95
N PHE I 91 -4.71 -13.26 -13.19
CA PHE I 91 -4.88 -11.82 -13.33
C PHE I 91 -5.65 -11.46 -14.59
N ILE I 92 -5.49 -12.26 -15.65
CA ILE I 92 -6.30 -12.11 -16.86
C ILE I 92 -7.77 -12.32 -16.54
N GLU I 93 -8.07 -13.35 -15.75
CA GLU I 93 -9.45 -13.62 -15.34
C GLU I 93 -10.01 -12.50 -14.48
N SER I 94 -9.16 -11.88 -13.64
CA SER I 94 -9.60 -10.73 -12.86
C SER I 94 -9.89 -9.51 -13.74
N VAL I 95 -9.05 -9.29 -14.76
CA VAL I 95 -9.28 -8.19 -15.70
C VAL I 95 -10.55 -8.43 -16.52
N VAL I 96 -10.82 -9.70 -16.88
CA VAL I 96 -12.05 -10.05 -17.59
C VAL I 96 -13.27 -9.80 -16.71
N THR I 97 -13.18 -10.13 -15.42
CA THR I 97 -14.28 -9.88 -14.49
C THR I 97 -14.53 -8.38 -14.34
N ALA I 98 -13.46 -7.60 -14.20
CA ALA I 98 -13.60 -6.14 -14.07
C ALA I 98 -14.13 -5.51 -15.36
N ALA I 99 -13.72 -6.03 -16.51
CA ALA I 99 -14.22 -5.51 -17.79
C ALA I 99 -15.67 -5.87 -18.02
N CYS I 100 -16.10 -7.06 -17.58
CA CYS I 100 -17.51 -7.42 -17.66
C CYS I 100 -18.36 -6.54 -16.74
N GLN I 101 -17.85 -6.25 -15.53
CA GLN I 101 -18.58 -5.37 -14.62
C GLN I 101 -18.69 -3.94 -15.17
N LEU I 102 -17.58 -3.41 -15.72
CA LEU I 102 -17.61 -2.05 -16.24
C LEU I 102 -18.25 -1.96 -17.62
N ALA I 103 -18.49 -3.08 -18.30
CA ALA I 103 -19.29 -3.06 -19.51
C ALA I 103 -20.77 -3.25 -19.20
N ARG I 104 -21.10 -3.93 -18.10
CA ARG I 104 -22.45 -3.95 -17.57
C ARG I 104 -22.83 -2.63 -16.90
N HIS I 105 -21.82 -1.81 -16.55
CA HIS I 105 -22.02 -0.44 -16.08
C HIS I 105 -22.86 0.38 -17.04
N ARG I 106 -22.39 0.53 -18.28
CA ARG I 106 -23.09 1.36 -19.27
C ARG I 106 -24.28 0.66 -19.92
N LYS I 107 -24.57 -0.60 -19.51
CA LYS I 107 -25.66 -1.41 -20.04
C LYS I 107 -25.56 -1.60 -21.56
N SER I 108 -24.34 -1.74 -22.05
CA SER I 108 -24.07 -1.97 -23.45
C SER I 108 -23.70 -3.44 -23.66
N SER I 109 -23.34 -3.79 -24.89
CA SER I 109 -22.94 -5.15 -25.20
C SER I 109 -21.67 -5.19 -26.04
N THR I 110 -20.82 -4.18 -25.89
CA THR I 110 -19.56 -4.10 -26.63
C THR I 110 -18.51 -3.46 -25.74
N LEU I 111 -17.41 -4.18 -25.50
CA LEU I 111 -16.34 -3.69 -24.65
C LEU I 111 -15.56 -2.60 -25.38
N GLU I 112 -15.23 -1.52 -24.66
CA GLU I 112 -14.60 -0.37 -25.27
C GLU I 112 -13.37 0.11 -24.49
N VAL I 113 -12.86 1.29 -24.86
CA VAL I 113 -11.61 1.81 -24.32
C VAL I 113 -11.80 2.31 -22.89
N LYS I 114 -12.98 2.87 -22.58
CA LYS I 114 -13.18 3.59 -21.32
C LYS I 114 -13.19 2.64 -20.12
N ASP I 115 -13.76 1.44 -20.28
CA ASP I 115 -13.83 0.48 -19.19
C ASP I 115 -12.45 -0.07 -18.84
N VAL I 116 -11.70 -0.45 -19.88
CA VAL I 116 -10.32 -0.89 -19.72
C VAL I 116 -9.48 0.21 -19.07
N GLN I 117 -9.66 1.45 -19.55
CA GLN I 117 -8.90 2.60 -19.04
C GLN I 117 -9.22 2.88 -17.58
N LEU I 118 -10.47 2.68 -17.15
CA LEU I 118 -10.81 2.93 -15.75
C LEU I 118 -10.27 1.84 -14.83
N HIS I 119 -10.27 0.58 -15.31
CA HIS I 119 -9.58 -0.45 -14.53
C HIS I 119 -8.07 -0.21 -14.46
N LEU I 120 -7.49 0.38 -15.51
CA LEU I 120 -6.08 0.76 -15.47
C LEU I 120 -5.84 1.92 -14.52
N GLU I 121 -6.78 2.86 -14.42
CA GLU I 121 -6.67 3.91 -13.43
C GLU I 121 -6.80 3.36 -12.01
N ARG I 122 -7.55 2.27 -11.84
CA ARG I 122 -7.48 1.53 -10.59
C ARG I 122 -6.12 0.87 -10.39
N GLN I 123 -5.44 0.49 -11.47
CA GLN I 123 -4.23 -0.32 -11.34
C GLN I 123 -2.96 0.45 -11.67
N TRP I 124 -2.85 1.06 -12.85
CA TRP I 124 -1.58 1.61 -13.29
C TRP I 124 -1.60 3.12 -13.48
N ASN I 125 -2.76 3.68 -13.81
CA ASN I 125 -2.91 5.00 -14.44
C ASN I 125 -2.01 5.09 -15.68
N MET I 126 -2.46 4.45 -16.75
CA MET I 126 -1.78 4.46 -18.03
C MET I 126 -1.91 5.84 -18.71
N TRP I 127 -1.28 5.95 -19.87
CA TRP I 127 -1.60 6.95 -20.88
C TRP I 127 -1.65 6.15 -22.17
N ILE I 128 -2.81 6.02 -22.79
CA ILE I 128 -2.78 5.80 -24.23
C ILE I 128 -3.33 7.02 -24.89
N LEU J 31 -4.05 14.47 -37.10
CA LEU J 31 -3.91 15.77 -36.44
C LEU J 31 -2.44 16.16 -36.32
N PHE J 32 -1.60 15.20 -35.97
CA PHE J 32 -0.19 15.43 -35.70
C PHE J 32 0.72 14.59 -36.58
N SER J 33 0.15 13.77 -37.48
CA SER J 33 0.81 12.71 -38.24
C SER J 33 2.06 13.12 -39.01
N LYS J 34 2.16 14.39 -39.39
CA LYS J 34 3.34 14.88 -40.11
C LYS J 34 4.35 15.54 -39.18
N GLU J 35 3.90 16.27 -38.17
CA GLU J 35 4.81 16.92 -37.23
C GLU J 35 5.33 15.95 -36.17
N LEU J 36 4.54 14.95 -35.79
CA LEU J 36 4.99 13.96 -34.82
C LEU J 36 5.97 12.97 -35.42
N ARG J 37 5.91 12.75 -36.75
CA ARG J 37 6.89 11.88 -37.40
C ARG J 37 8.28 12.49 -37.33
N CYS J 38 8.35 13.80 -37.50
CA CYS J 38 9.55 14.59 -37.31
C CYS J 38 9.94 14.73 -35.85
N MET J 39 9.06 14.34 -34.93
CA MET J 39 9.39 14.19 -33.52
C MET J 39 9.74 12.76 -33.17
N MET J 40 9.18 11.78 -33.89
CA MET J 40 9.59 10.39 -33.70
C MET J 40 11.02 10.17 -34.19
N TYR J 41 11.40 10.78 -35.31
CA TYR J 41 12.77 10.65 -35.79
C TYR J 41 13.77 11.34 -34.89
N GLY J 42 13.39 12.49 -34.31
CA GLY J 42 14.31 13.31 -33.53
C GLY J 42 14.76 12.70 -32.22
N PHE J 43 14.08 11.65 -31.74
CA PHE J 43 14.49 10.98 -30.51
C PHE J 43 15.11 9.62 -30.76
N GLY J 44 15.40 9.28 -32.02
CA GLY J 44 16.23 8.13 -32.32
C GLY J 44 15.60 7.05 -33.18
N ASP J 45 14.37 7.27 -33.63
CA ASP J 45 13.72 6.35 -34.55
C ASP J 45 14.18 6.68 -35.97
N ASP J 46 13.69 5.92 -36.95
CA ASP J 46 14.06 6.11 -38.34
C ASP J 46 13.40 7.38 -38.91
N GLN J 47 13.96 7.87 -40.01
CA GLN J 47 13.43 9.03 -40.72
C GLN J 47 12.13 8.73 -41.46
N ASN J 48 11.79 7.46 -41.64
CA ASN J 48 10.48 7.06 -42.18
C ASN J 48 9.92 5.93 -41.32
N PRO J 49 9.42 6.23 -40.11
CA PRO J 49 8.86 5.19 -39.26
C PRO J 49 7.51 4.69 -39.77
N TYR J 50 7.07 3.58 -39.20
CA TYR J 50 5.79 2.98 -39.54
C TYR J 50 4.64 3.90 -39.14
N THR J 51 3.74 4.16 -40.10
CA THR J 51 2.61 5.08 -39.88
C THR J 51 1.63 4.56 -38.83
N GLU J 52 1.58 3.24 -38.61
CA GLU J 52 0.83 2.64 -37.52
C GLU J 52 1.27 3.19 -36.16
N SER J 53 2.59 3.21 -35.93
CA SER J 53 3.13 3.82 -34.72
C SER J 53 2.85 5.32 -34.67
N VAL J 54 2.78 5.99 -35.82
CA VAL J 54 2.43 7.40 -35.87
C VAL J 54 0.97 7.63 -35.44
N ASP J 55 0.06 6.74 -35.83
CA ASP J 55 -1.34 6.88 -35.43
C ASP J 55 -1.52 6.55 -33.95
N ILE J 56 -0.86 5.48 -33.49
CA ILE J 56 -0.82 5.13 -32.08
C ILE J 56 -0.24 6.27 -31.23
N LEU J 57 0.81 6.90 -31.72
CA LEU J 57 1.47 7.95 -30.95
C LEU J 57 0.61 9.21 -30.95
N GLU J 58 -0.14 9.44 -32.03
CA GLU J 58 -1.16 10.47 -32.06
C GLU J 58 -2.25 10.22 -31.02
N ASP J 59 -2.65 8.95 -30.85
CA ASP J 59 -3.61 8.58 -29.81
C ASP J 59 -3.05 8.84 -28.41
N LEU J 60 -1.79 8.44 -28.19
CA LEU J 60 -1.00 8.74 -26.98
C LEU J 60 -1.05 10.22 -26.65
N VAL J 61 -0.86 11.07 -27.67
CA VAL J 61 -0.87 12.52 -27.48
C VAL J 61 -2.26 13.00 -27.09
N ILE J 62 -3.30 12.55 -27.80
CA ILE J 62 -4.66 13.04 -27.57
C ILE J 62 -5.16 12.71 -26.16
N GLU J 63 -5.02 11.45 -25.75
CA GLU J 63 -5.48 11.08 -24.41
C GLU J 63 -4.54 11.59 -23.32
N PHE J 64 -3.25 11.76 -23.64
CA PHE J 64 -2.31 12.42 -22.75
C PHE J 64 -2.78 13.82 -22.38
N ILE J 65 -3.06 14.64 -23.40
CA ILE J 65 -3.59 15.99 -23.21
C ILE J 65 -4.92 15.94 -22.47
N THR J 66 -5.76 14.95 -22.79
CA THR J 66 -7.07 14.78 -22.14
C THR J 66 -6.95 14.59 -20.63
N GLU J 67 -6.19 13.60 -20.19
CA GLU J 67 -6.06 13.33 -18.76
C GLU J 67 -5.25 14.43 -18.04
N MET J 68 -4.23 14.99 -18.72
CA MET J 68 -3.53 16.16 -18.16
C MET J 68 -4.47 17.33 -17.94
N THR J 69 -5.40 17.55 -18.88
CA THR J 69 -6.37 18.63 -18.75
C THR J 69 -7.35 18.34 -17.61
N HIS J 70 -7.76 17.08 -17.47
CA HIS J 70 -8.65 16.68 -16.38
C HIS J 70 -7.99 16.86 -15.02
N LYS J 71 -6.69 16.58 -14.93
CA LYS J 71 -5.97 16.83 -13.67
C LYS J 71 -5.74 18.32 -13.46
N ALA J 72 -5.56 19.09 -14.54
CA ALA J 72 -5.30 20.52 -14.42
C ALA J 72 -6.52 21.27 -13.94
N MET J 73 -7.70 20.93 -14.47
CA MET J 73 -8.94 21.60 -14.06
C MET J 73 -9.28 21.30 -12.59
N SER J 74 -8.99 20.08 -12.14
CA SER J 74 -9.29 19.61 -10.79
C SER J 74 -8.63 20.43 -9.66
N ILE J 75 -7.58 21.18 -9.98
CA ILE J 75 -6.91 21.99 -8.97
C ILE J 75 -7.12 23.48 -9.23
N SER K 159 25.52 34.09 -52.98
CA SER K 159 24.33 33.27 -53.16
C SER K 159 23.25 34.01 -53.94
N GLY K 160 22.27 33.26 -54.45
CA GLY K 160 21.13 33.83 -55.12
C GLY K 160 19.99 34.23 -54.23
N ILE K 161 20.19 34.25 -52.91
CA ILE K 161 19.18 34.67 -51.96
C ILE K 161 19.40 36.13 -51.62
N VAL K 162 18.38 36.95 -51.84
CA VAL K 162 18.42 38.38 -51.56
C VAL K 162 17.48 38.64 -50.40
N PRO K 163 17.93 39.28 -49.32
CA PRO K 163 17.02 39.62 -48.22
C PRO K 163 16.01 40.67 -48.64
N GLN K 164 14.73 40.36 -48.47
CA GLN K 164 13.65 41.26 -48.81
C GLN K 164 13.29 42.08 -47.58
N LEU K 165 13.20 43.39 -47.77
CA LEU K 165 12.94 44.28 -46.63
C LEU K 165 11.51 44.15 -46.15
N GLN K 166 11.35 44.17 -44.83
CA GLN K 166 10.03 44.11 -44.21
C GLN K 166 9.66 45.37 -43.46
N ASN K 167 10.63 46.16 -43.00
CA ASN K 167 10.31 47.41 -42.33
C ASN K 167 11.50 48.36 -42.39
N ILE K 168 11.19 49.64 -42.55
CA ILE K 168 12.13 50.75 -42.34
C ILE K 168 11.47 51.75 -41.40
N VAL K 169 12.16 52.07 -40.31
CA VAL K 169 11.64 52.87 -39.21
C VAL K 169 12.37 54.20 -39.20
N SER K 170 11.62 55.30 -39.25
CA SER K 170 12.25 56.62 -39.39
C SER K 170 11.73 57.59 -38.34
N THR K 171 12.41 58.73 -38.24
CA THR K 171 12.01 59.82 -37.37
C THR K 171 12.15 61.15 -38.11
N VAL K 172 11.39 62.14 -37.65
CA VAL K 172 11.42 63.48 -38.24
C VAL K 172 10.95 64.47 -37.18
N ASN K 173 11.37 65.72 -37.32
CA ASN K 173 10.97 66.80 -36.41
C ASN K 173 10.14 67.80 -37.20
N LEU K 174 8.89 68.01 -36.75
CA LEU K 174 8.00 68.96 -37.42
C LEU K 174 8.30 70.40 -37.06
N GLY K 175 9.15 70.65 -36.06
CA GLY K 175 9.58 71.99 -35.72
C GLY K 175 8.58 72.87 -35.02
N CYS K 176 7.48 72.32 -34.51
CA CYS K 176 6.48 73.11 -33.80
C CYS K 176 5.77 72.24 -32.79
N LYS K 177 5.39 72.85 -31.67
CA LYS K 177 4.60 72.16 -30.65
C LYS K 177 3.20 71.86 -31.17
N LEU K 178 2.66 70.72 -30.78
CA LEU K 178 1.45 70.18 -31.36
C LEU K 178 0.39 69.98 -30.29
N ASP K 179 -0.86 70.32 -30.62
CA ASP K 179 -2.00 70.02 -29.77
C ASP K 179 -2.55 68.67 -30.22
N LEU K 180 -2.24 67.62 -29.45
CA LEU K 180 -2.60 66.27 -29.85
C LEU K 180 -4.09 66.01 -29.77
N LYS K 181 -4.81 66.73 -28.89
CA LYS K 181 -6.25 66.55 -28.76
C LYS K 181 -6.98 67.06 -29.99
N THR K 182 -6.56 68.21 -30.52
CA THR K 182 -7.11 68.76 -31.76
C THR K 182 -6.89 67.81 -32.93
N ILE K 183 -5.69 67.23 -33.01
CA ILE K 183 -5.36 66.26 -34.06
C ILE K 183 -6.21 65.00 -33.93
N ALA K 184 -6.42 64.54 -32.69
CA ALA K 184 -7.23 63.33 -32.47
C ALA K 184 -8.71 63.58 -32.77
N LEU K 185 -9.20 64.79 -32.51
CA LEU K 185 -10.61 65.08 -32.74
C LEU K 185 -10.92 65.41 -34.19
N ARG K 186 -10.02 66.06 -34.92
CA ARG K 186 -10.33 66.53 -36.25
C ARG K 186 -9.93 65.57 -37.36
N ALA K 187 -8.88 64.79 -37.17
CA ALA K 187 -8.49 63.79 -38.16
C ALA K 187 -9.23 62.48 -37.91
N ARG K 188 -9.48 61.74 -39.00
CA ARG K 188 -10.03 60.40 -38.91
C ARG K 188 -8.90 59.38 -38.91
N ASN K 189 -9.20 58.18 -38.41
CA ASN K 189 -8.27 57.06 -38.22
C ASN K 189 -7.12 57.47 -37.30
N ALA K 190 -7.47 58.06 -36.16
CA ALA K 190 -6.47 58.48 -35.18
C ALA K 190 -6.79 57.90 -33.82
N GLU K 191 -5.73 57.51 -33.10
CA GLU K 191 -5.86 56.93 -31.77
C GLU K 191 -5.04 57.76 -30.78
N TYR K 192 -5.65 58.11 -29.65
CA TYR K 192 -5.00 58.93 -28.64
C TYR K 192 -5.58 58.57 -27.27
N ASN K 193 -4.73 58.04 -26.39
CA ASN K 193 -5.13 57.60 -25.06
C ASN K 193 -4.04 58.01 -24.08
N PRO K 194 -4.06 59.29 -23.63
CA PRO K 194 -2.95 59.87 -22.84
C PRO K 194 -2.65 59.18 -21.51
N LYS K 195 -3.66 58.55 -20.91
CA LYS K 195 -3.42 57.81 -19.67
C LYS K 195 -2.60 56.55 -19.90
N ARG K 196 -2.60 56.03 -21.13
CA ARG K 196 -1.81 54.84 -21.48
C ARG K 196 -0.66 55.15 -22.42
N PHE K 197 -0.86 56.00 -23.42
CA PHE K 197 0.18 56.26 -24.41
C PHE K 197 0.07 57.72 -24.83
N ALA K 198 1.15 58.48 -24.63
CA ALA K 198 1.15 59.93 -24.75
C ALA K 198 1.22 60.44 -26.19
N ALA K 199 1.10 59.58 -27.20
CA ALA K 199 1.27 60.00 -28.58
C ALA K 199 0.05 59.62 -29.41
N VAL K 200 -0.14 60.36 -30.49
CA VAL K 200 -1.21 60.05 -31.45
C VAL K 200 -0.76 58.91 -32.35
N ILE K 201 -1.61 57.89 -32.47
CA ILE K 201 -1.37 56.72 -33.30
C ILE K 201 -2.19 56.90 -34.57
N MET K 202 -1.53 57.01 -35.72
CA MET K 202 -2.24 57.30 -36.95
C MET K 202 -1.84 56.32 -38.05
N ARG K 203 -2.80 55.98 -38.92
CA ARG K 203 -2.59 55.01 -39.99
C ARG K 203 -2.94 55.66 -41.33
N ILE K 204 -2.13 55.37 -42.37
CA ILE K 204 -2.50 55.72 -43.74
C ILE K 204 -2.20 54.52 -44.63
N ARG K 205 -2.87 54.48 -45.78
CA ARG K 205 -2.96 53.26 -46.60
C ARG K 205 -1.96 53.19 -47.74
N GLU K 206 -1.48 54.32 -48.26
CA GLU K 206 -0.54 54.26 -49.37
C GLU K 206 0.64 55.16 -49.08
N PRO K 207 1.79 54.61 -48.66
CA PRO K 207 2.11 53.21 -48.33
C PRO K 207 1.46 52.78 -47.01
N ARG K 208 1.15 51.50 -46.84
CA ARG K 208 0.45 51.04 -45.64
C ARG K 208 1.37 51.23 -44.44
N THR K 209 1.21 52.36 -43.76
CA THR K 209 2.20 52.85 -42.81
C THR K 209 1.51 53.41 -41.58
N THR K 210 2.26 53.48 -40.48
CA THR K 210 1.72 53.89 -39.18
C THR K 210 2.70 54.82 -38.48
N ALA K 211 2.20 55.96 -38.00
CA ALA K 211 3.02 56.95 -37.33
C ALA K 211 2.61 57.16 -35.88
N LEU K 212 3.59 57.61 -35.09
CA LEU K 212 3.42 58.03 -33.70
C LEU K 212 3.82 59.49 -33.62
N ILE K 213 2.88 60.33 -33.19
CA ILE K 213 3.03 61.78 -33.21
C ILE K 213 3.10 62.30 -31.78
N PHE K 214 4.18 63.00 -31.45
CA PHE K 214 4.39 63.57 -30.12
C PHE K 214 3.87 65.00 -30.07
N SER K 215 3.57 65.45 -28.85
CA SER K 215 3.19 66.86 -28.64
C SER K 215 4.36 67.81 -28.86
N SER K 216 5.60 67.33 -28.75
CA SER K 216 6.76 68.20 -28.94
C SER K 216 7.02 68.50 -30.40
N GLY K 217 6.58 67.64 -31.30
CA GLY K 217 6.80 67.82 -32.73
C GLY K 217 7.65 66.76 -33.40
N LYS K 218 8.16 65.79 -32.65
CA LYS K 218 8.90 64.70 -33.25
C LYS K 218 7.96 63.53 -33.54
N MET K 219 8.20 62.87 -34.67
CA MET K 219 7.27 61.87 -35.18
C MET K 219 8.06 60.68 -35.71
N VAL K 220 7.57 59.48 -35.37
CA VAL K 220 8.29 58.23 -35.62
C VAL K 220 7.41 57.32 -36.49
N CYS K 221 8.01 56.70 -37.51
CA CYS K 221 7.28 56.08 -38.62
C CYS K 221 7.64 54.60 -38.80
N THR K 222 6.59 53.81 -39.08
CA THR K 222 6.58 52.37 -39.37
C THR K 222 5.96 52.03 -40.72
N GLY K 223 6.36 50.87 -41.22
CA GLY K 223 5.58 50.10 -42.17
C GLY K 223 6.11 50.05 -43.59
N ALA K 224 6.98 50.98 -43.98
CA ALA K 224 7.48 50.98 -45.34
C ALA K 224 8.50 49.87 -45.57
N LYS K 225 8.56 49.39 -46.81
CA LYS K 225 9.54 48.40 -47.22
C LYS K 225 10.62 49.00 -48.10
N SER K 226 10.64 50.33 -48.23
CA SER K 226 11.67 51.05 -48.96
C SER K 226 11.76 52.46 -48.40
N GLU K 227 12.91 53.10 -48.63
CA GLU K 227 13.19 54.40 -48.02
C GLU K 227 12.31 55.50 -48.60
N GLU K 228 12.05 55.45 -49.91
CA GLU K 228 11.20 56.46 -50.55
C GLU K 228 9.77 56.38 -50.05
N GLN K 229 9.27 55.16 -49.80
CA GLN K 229 7.95 54.99 -49.21
C GLN K 229 7.88 55.53 -47.79
N SER K 230 8.96 55.36 -47.01
CA SER K 230 8.98 55.90 -45.65
C SER K 230 9.03 57.42 -45.66
N ARG K 231 9.81 58.00 -46.57
CA ARG K 231 9.88 59.46 -46.67
C ARG K 231 8.56 60.05 -47.15
N LEU K 232 7.91 59.38 -48.12
CA LEU K 232 6.60 59.81 -48.60
C LEU K 232 5.54 59.71 -47.52
N ALA K 233 5.51 58.59 -46.79
CA ALA K 233 4.57 58.40 -45.70
C ALA K 233 4.76 59.43 -44.59
N ALA K 234 6.02 59.66 -44.18
CA ALA K 234 6.31 60.65 -43.16
C ALA K 234 5.94 62.05 -43.61
N ARG K 235 6.12 62.34 -44.90
CA ARG K 235 5.69 63.61 -45.47
C ARG K 235 4.15 63.71 -45.45
N LYS K 236 3.47 62.59 -45.65
CA LYS K 236 2.00 62.59 -45.63
C LYS K 236 1.45 62.83 -44.23
N TYR K 237 2.02 62.17 -43.21
CA TYR K 237 1.60 62.43 -41.82
C TYR K 237 1.93 63.86 -41.39
N ALA K 238 3.09 64.38 -41.84
CA ALA K 238 3.39 65.78 -41.65
C ALA K 238 2.38 66.68 -42.34
N ARG K 239 1.83 66.26 -43.47
CA ARG K 239 0.82 67.07 -44.14
C ARG K 239 -0.53 66.97 -43.44
N VAL K 240 -0.79 65.84 -42.77
CA VAL K 240 -1.96 65.73 -41.89
C VAL K 240 -1.85 66.75 -40.76
N VAL K 241 -0.66 66.84 -40.15
CA VAL K 241 -0.38 67.86 -39.14
C VAL K 241 -0.51 69.27 -39.74
N GLN K 242 -0.06 69.45 -40.99
CA GLN K 242 -0.07 70.76 -41.62
C GLN K 242 -1.50 71.23 -41.94
N LYS K 243 -2.33 70.35 -42.50
CA LYS K 243 -3.66 70.73 -42.95
C LYS K 243 -4.63 71.03 -41.81
N LEU K 244 -4.31 70.64 -40.57
CA LEU K 244 -5.16 70.96 -39.44
C LEU K 244 -4.93 72.37 -38.89
N GLY K 245 -4.05 73.15 -39.51
CA GLY K 245 -3.77 74.50 -39.08
C GLY K 245 -2.42 74.70 -38.43
N PHE K 246 -1.60 73.65 -38.32
CA PHE K 246 -0.33 73.78 -37.64
C PHE K 246 0.80 74.04 -38.65
N PRO K 247 1.73 74.94 -38.32
CA PRO K 247 2.86 75.21 -39.22
C PRO K 247 3.94 74.14 -39.18
N ALA K 248 3.61 72.93 -39.60
CA ALA K 248 4.57 71.83 -39.57
C ALA K 248 5.67 72.02 -40.60
N LYS K 249 6.86 71.55 -40.26
CA LYS K 249 8.02 71.54 -41.14
C LYS K 249 8.44 70.09 -41.36
N PHE K 250 9.55 69.90 -42.09
CA PHE K 250 10.11 68.58 -42.31
C PHE K 250 11.62 68.67 -42.05
N LEU K 251 12.00 68.55 -40.78
CA LEU K 251 13.38 68.76 -40.36
C LEU K 251 14.01 67.46 -39.87
N ASP K 252 15.26 67.24 -40.28
CA ASP K 252 16.15 66.17 -39.80
C ASP K 252 15.53 64.78 -39.99
N PHE K 253 15.10 64.49 -41.21
CA PHE K 253 14.64 63.14 -41.53
C PHE K 253 15.82 62.18 -41.52
N LYS K 254 15.59 60.97 -41.00
CA LYS K 254 16.64 59.98 -40.87
C LYS K 254 16.00 58.61 -40.69
N ILE K 255 16.52 57.62 -41.41
CA ILE K 255 16.13 56.23 -41.20
C ILE K 255 16.79 55.74 -39.92
N GLN K 256 15.99 55.23 -38.99
CA GLN K 256 16.48 54.84 -37.68
C GLN K 256 16.67 53.34 -37.52
N ASN K 257 15.90 52.52 -38.20
CA ASN K 257 16.01 51.08 -37.97
C ASN K 257 15.52 50.34 -39.20
N MET K 258 16.09 49.16 -39.45
CA MET K 258 15.71 48.38 -40.62
C MET K 258 15.59 46.90 -40.27
N VAL K 259 14.56 46.27 -40.83
CA VAL K 259 14.30 44.83 -40.70
C VAL K 259 14.04 44.24 -42.07
N GLY K 260 14.79 43.18 -42.40
CA GLY K 260 14.52 42.38 -43.57
C GLY K 260 14.42 40.91 -43.20
N SER K 261 14.03 40.09 -44.18
CA SER K 261 13.92 38.65 -43.97
C SER K 261 14.20 37.93 -45.27
N CYS K 262 14.58 36.66 -45.15
CA CYS K 262 14.97 35.85 -46.30
C CYS K 262 14.91 34.37 -45.93
N ASP K 263 15.16 33.50 -46.91
CA ASP K 263 15.09 32.05 -46.75
C ASP K 263 16.31 31.44 -47.43
N VAL K 264 17.09 30.66 -46.68
CA VAL K 264 18.28 30.02 -47.24
C VAL K 264 18.00 28.67 -47.88
N LYS K 265 16.79 28.13 -47.70
CA LYS K 265 16.30 26.85 -48.24
C LYS K 265 17.03 25.63 -47.68
N PHE K 266 17.52 25.70 -46.45
CA PHE K 266 18.01 24.52 -45.74
C PHE K 266 17.91 24.76 -44.23
N PRO K 267 17.65 23.73 -43.45
CA PRO K 267 17.66 23.89 -41.98
C PRO K 267 19.07 23.97 -41.43
N ILE K 268 19.16 24.54 -40.23
CA ILE K 268 20.41 25.03 -39.64
C ILE K 268 20.50 24.55 -38.19
N ARG K 269 21.68 24.07 -37.79
CA ARG K 269 21.95 23.68 -36.40
C ARG K 269 22.14 24.96 -35.57
N LEU K 270 21.11 25.31 -34.81
CA LEU K 270 21.23 26.45 -33.90
C LEU K 270 22.01 26.08 -32.64
N GLU K 271 21.79 24.87 -32.11
CA GLU K 271 22.46 24.47 -30.88
C GLU K 271 23.97 24.30 -31.07
N GLY K 272 24.38 23.73 -32.20
CA GLY K 272 25.80 23.70 -32.54
C GLY K 272 26.35 25.10 -32.74
N LEU K 273 25.52 26.00 -33.27
CA LEU K 273 25.91 27.40 -33.48
C LEU K 273 26.14 28.12 -32.15
N VAL K 274 25.27 27.91 -31.16
CA VAL K 274 25.48 28.57 -29.87
C VAL K 274 26.62 27.91 -29.11
N LEU K 275 26.89 26.62 -29.36
CA LEU K 275 28.06 26.00 -28.74
C LEU K 275 29.37 26.49 -29.37
N THR K 276 29.37 26.76 -30.67
CA THR K 276 30.60 27.17 -31.35
C THR K 276 30.75 28.67 -31.48
N HIS K 277 29.69 29.45 -31.27
CA HIS K 277 29.76 30.91 -31.33
C HIS K 277 29.12 31.51 -30.09
N GLN K 278 29.58 31.03 -28.92
CA GLN K 278 29.01 31.44 -27.64
C GLN K 278 29.30 32.89 -27.28
N GLN K 279 30.30 33.50 -27.91
CA GLN K 279 30.60 34.91 -27.67
C GLN K 279 29.78 35.84 -28.57
N PHE K 280 28.97 35.29 -29.47
CA PHE K 280 28.13 36.09 -30.35
C PHE K 280 26.65 35.75 -30.26
N SER K 281 26.27 34.63 -29.66
CA SER K 281 24.89 34.15 -29.70
C SER K 281 24.43 33.70 -28.32
N SER K 282 23.13 33.42 -28.24
CA SER K 282 22.48 32.86 -27.06
C SER K 282 21.18 32.20 -27.50
N TYR K 283 20.84 31.08 -26.86
CA TYR K 283 19.76 30.23 -27.35
C TYR K 283 19.14 29.43 -26.20
N GLU K 284 17.85 29.66 -25.95
CA GLU K 284 17.06 28.88 -25.00
C GLU K 284 15.82 28.36 -25.71
N PRO K 285 15.75 27.03 -25.95
CA PRO K 285 14.62 26.43 -26.70
C PRO K 285 13.22 26.70 -26.16
N GLU K 286 13.06 26.65 -24.84
CA GLU K 286 11.71 26.80 -24.27
C GLU K 286 11.24 28.25 -24.29
N LEU K 287 12.17 29.21 -24.18
CA LEU K 287 11.78 30.61 -24.17
C LEU K 287 11.55 31.15 -25.58
N PHE K 288 12.51 30.93 -26.48
CA PHE K 288 12.41 31.42 -27.85
C PHE K 288 13.14 30.47 -28.81
N PRO K 289 12.42 29.84 -29.77
CA PRO K 289 13.02 28.77 -30.57
C PRO K 289 14.01 29.22 -31.63
N GLY K 290 14.09 30.52 -31.91
CA GLY K 290 14.96 31.05 -32.94
C GLY K 290 16.28 31.47 -32.30
N LEU K 291 17.37 31.43 -33.06
CA LEU K 291 18.64 31.88 -32.50
C LEU K 291 18.83 33.37 -32.75
N ILE K 292 19.30 34.05 -31.71
CA ILE K 292 19.66 35.47 -31.75
C ILE K 292 21.17 35.53 -31.97
N TYR K 293 21.59 36.08 -33.10
CA TYR K 293 23.00 36.21 -33.46
C TYR K 293 23.33 37.70 -33.50
N ARG K 294 24.18 38.15 -32.58
CA ARG K 294 24.53 39.56 -32.48
C ARG K 294 25.85 39.79 -33.21
N MET K 295 25.76 40.11 -34.49
CA MET K 295 26.94 40.36 -35.32
C MET K 295 27.50 41.75 -35.04
N ILE K 296 28.83 41.83 -34.98
CA ILE K 296 29.53 43.07 -34.66
C ILE K 296 29.83 43.89 -35.91
N LYS K 297 30.24 43.26 -37.01
CA LYS K 297 30.50 44.02 -38.22
C LYS K 297 29.70 43.45 -39.38
N PRO K 298 28.58 44.10 -39.77
CA PRO K 298 27.96 45.24 -39.09
C PRO K 298 27.14 44.83 -37.85
N ARG K 299 26.74 45.81 -37.04
CA ARG K 299 26.07 45.55 -35.76
C ARG K 299 24.63 45.16 -36.05
N ILE K 300 24.39 43.88 -36.30
CA ILE K 300 23.10 43.41 -36.78
C ILE K 300 22.64 42.26 -35.89
N VAL K 301 21.36 42.26 -35.50
CA VAL K 301 20.78 41.18 -34.72
C VAL K 301 20.02 40.28 -35.68
N LEU K 302 20.25 38.97 -35.59
CA LEU K 302 19.64 38.04 -36.52
C LEU K 302 18.84 36.98 -35.76
N LEU K 303 17.72 36.59 -36.36
CA LEU K 303 16.85 35.55 -35.84
C LEU K 303 16.82 34.42 -36.85
N ILE K 304 17.30 33.24 -36.46
CA ILE K 304 17.45 32.12 -37.40
C ILE K 304 16.48 31.02 -36.99
N PHE K 305 15.77 30.48 -37.98
CA PHE K 305 14.70 29.50 -37.86
C PHE K 305 15.05 28.21 -38.60
N VAL K 306 14.26 27.15 -38.33
CA VAL K 306 14.56 25.83 -38.90
C VAL K 306 14.11 25.72 -40.35
N SER K 307 13.08 26.47 -40.76
CA SER K 307 12.63 26.41 -42.15
C SER K 307 13.62 27.06 -43.09
N GLY K 308 14.53 27.85 -42.56
CA GLY K 308 15.51 28.57 -43.34
C GLY K 308 15.32 30.06 -43.30
N LYS K 309 14.23 30.53 -42.69
CA LYS K 309 13.96 31.95 -42.63
C LYS K 309 14.91 32.62 -41.64
N VAL K 310 15.55 33.68 -42.11
CA VAL K 310 16.48 34.48 -41.32
C VAL K 310 15.96 35.91 -41.35
N VAL K 311 15.85 36.52 -40.17
CA VAL K 311 15.35 37.87 -40.00
C VAL K 311 16.49 38.74 -39.49
N LEU K 312 16.71 39.87 -40.15
CA LEU K 312 17.89 40.69 -39.93
C LEU K 312 17.42 42.08 -39.49
N THR K 313 17.91 42.56 -38.36
CA THR K 313 17.42 43.81 -37.82
C THR K 313 18.55 44.65 -37.27
N GLY K 314 18.28 45.96 -37.19
CA GLY K 314 19.18 46.89 -36.53
C GLY K 314 19.96 47.77 -37.45
N ALA K 315 19.80 47.62 -38.76
CA ALA K 315 20.60 48.36 -39.72
C ALA K 315 20.14 49.80 -39.85
N LYS K 316 21.08 50.67 -40.21
CA LYS K 316 20.77 52.03 -40.63
C LYS K 316 20.69 52.17 -42.14
N VAL K 317 21.32 51.26 -42.90
CA VAL K 317 21.31 51.26 -44.35
C VAL K 317 21.09 49.84 -44.85
N ARG K 318 20.69 49.74 -46.12
CA ARG K 318 20.43 48.46 -46.79
C ARG K 318 21.71 47.62 -46.88
N ALA K 319 22.86 48.28 -47.01
CA ALA K 319 24.14 47.59 -47.15
C ALA K 319 24.49 46.79 -45.91
N GLU K 320 24.08 47.25 -44.73
CA GLU K 320 24.33 46.49 -43.51
C GLU K 320 23.53 45.19 -43.48
N ILE K 321 22.28 45.21 -43.98
CA ILE K 321 21.47 44.00 -44.08
C ILE K 321 22.11 43.01 -45.07
N TYR K 322 22.50 43.52 -46.25
CA TYR K 322 23.09 42.65 -47.26
C TYR K 322 24.43 42.08 -46.81
N GLU K 323 25.25 42.91 -46.17
CA GLU K 323 26.53 42.47 -45.65
C GLU K 323 26.36 41.46 -44.51
N ALA K 324 25.36 41.67 -43.65
CA ALA K 324 25.13 40.73 -42.55
C ALA K 324 24.67 39.36 -43.05
N PHE K 325 23.82 39.34 -44.08
CA PHE K 325 23.41 38.04 -44.61
C PHE K 325 24.55 37.36 -45.37
N GLU K 326 25.34 38.13 -46.13
CA GLU K 326 26.50 37.54 -46.81
C GLU K 326 27.57 37.08 -45.83
N ASN K 327 27.66 37.70 -44.65
CA ASN K 327 28.58 37.23 -43.64
C ASN K 327 28.09 35.94 -42.97
N ILE K 328 26.80 35.89 -42.61
CA ILE K 328 26.34 34.74 -41.84
C ILE K 328 26.10 33.52 -42.72
N TYR K 329 25.86 33.70 -44.03
CA TYR K 329 25.49 32.60 -44.93
C TYR K 329 26.52 31.46 -45.05
N PRO K 330 27.85 31.69 -45.15
CA PRO K 330 28.75 30.52 -45.17
C PRO K 330 28.81 29.75 -43.86
N ILE K 331 28.59 30.40 -42.72
CA ILE K 331 28.46 29.69 -41.45
C ILE K 331 27.21 28.81 -41.47
N LEU K 332 26.12 29.32 -42.06
CA LEU K 332 24.89 28.54 -42.16
C LEU K 332 25.05 27.36 -43.11
N LYS K 333 25.82 27.54 -44.19
CA LYS K 333 26.17 26.40 -45.04
C LYS K 333 27.03 25.39 -44.29
N GLY K 334 27.92 25.85 -43.42
CA GLY K 334 28.66 24.95 -42.57
C GLY K 334 27.84 24.23 -41.52
N PHE K 335 26.64 24.74 -41.22
CA PHE K 335 25.76 24.12 -40.23
C PHE K 335 24.45 23.61 -40.85
N ARG K 336 24.48 23.23 -42.12
CA ARG K 336 23.32 22.75 -42.88
C ARG K 336 22.86 21.35 -42.42
N LYS K 337 21.57 21.03 -42.68
CA LYS K 337 21.09 19.65 -42.75
C LYS K 337 21.33 19.07 -44.15
N THR K 338 22.06 17.96 -44.20
CA THR K 338 21.97 16.97 -45.27
C THR K 338 22.42 15.59 -44.79
N UNK L 1 7.07 -37.07 44.98
CA UNK L 1 5.91 -36.26 44.63
C UNK L 1 6.26 -34.77 44.67
N UNK L 2 7.35 -34.44 45.35
CA UNK L 2 7.78 -33.06 45.47
C UNK L 2 9.30 -32.96 45.44
N UNK L 3 9.96 -34.07 45.76
CA UNK L 3 11.41 -34.14 45.76
C UNK L 3 11.88 -35.47 45.18
N UNK L 4 11.09 -36.52 45.40
CA UNK L 4 11.40 -37.85 44.89
C UNK L 4 11.13 -37.92 43.39
N UNK L 5 10.11 -37.18 42.94
CA UNK L 5 9.77 -37.15 41.52
C UNK L 5 10.57 -36.06 40.80
N UNK L 6 11.27 -35.25 41.58
CA UNK L 6 12.14 -34.22 41.01
C UNK L 6 13.40 -34.88 40.44
N UNK L 7 14.10 -35.64 41.28
CA UNK L 7 15.34 -36.29 40.88
C UNK L 7 15.14 -37.39 39.84
N UNK L 8 13.93 -37.94 39.79
CA UNK L 8 13.59 -38.94 38.78
C UNK L 8 13.39 -38.29 37.42
N UNK L 9 12.87 -37.07 37.42
CA UNK L 9 12.62 -36.34 36.18
C UNK L 9 13.84 -35.51 35.77
N UNK L 10 14.70 -35.19 36.73
CA UNK L 10 15.93 -34.47 36.46
C UNK L 10 16.94 -35.40 35.77
N UNK L 11 16.91 -36.67 36.17
CA UNK L 11 17.77 -37.68 35.54
C UNK L 11 17.18 -38.07 34.19
N UNK L 12 15.88 -37.91 34.05
CA UNK L 12 15.20 -38.19 32.78
C UNK L 12 15.46 -37.06 31.79
N UNK L 13 15.60 -35.84 32.31
CA UNK L 13 15.88 -34.68 31.48
C UNK L 13 17.35 -34.66 31.07
N UNK L 14 18.19 -35.28 31.89
CA UNK L 14 19.62 -35.40 31.58
C UNK L 14 19.82 -36.44 30.49
N UNK L 15 18.93 -37.42 30.45
CA UNK L 15 18.95 -38.44 29.40
C UNK L 15 18.28 -37.91 28.15
N UNK L 16 17.39 -36.93 28.33
CA UNK L 16 16.71 -36.29 27.20
C UNK L 16 17.58 -35.20 26.60
N UNK L 17 18.61 -34.80 27.34
CA UNK L 17 19.57 -33.81 26.85
C UNK L 17 20.64 -34.49 26.00
N UNK L 18 20.74 -35.81 26.15
CA UNK L 18 21.69 -36.60 25.37
C UNK L 18 21.24 -36.70 23.92
N UNK L 19 20.32 -37.62 23.65
CA UNK L 19 19.77 -37.80 22.31
C UNK L 19 18.34 -38.33 22.40
N UNK L 20 18.03 -39.29 21.52
CA UNK L 20 16.73 -39.97 21.43
C UNK L 20 15.54 -39.03 21.24
N UNK L 21 15.22 -38.75 19.98
CA UNK L 21 14.03 -37.96 19.65
C UNK L 21 13.06 -38.85 18.89
N UNK L 22 11.91 -38.29 18.51
CA UNK L 22 10.89 -39.08 17.82
C UNK L 22 10.11 -38.25 16.81
N UNK L 23 9.57 -38.93 15.81
CA UNK L 23 8.75 -38.29 14.78
C UNK L 23 7.39 -38.97 14.67
N UNK L 24 7.38 -40.13 14.02
CA UNK L 24 6.15 -40.91 13.86
C UNK L 24 6.46 -42.39 13.80
N UNK L 25 5.87 -43.15 14.71
CA UNK L 25 6.06 -44.60 14.76
C UNK L 25 4.83 -45.30 15.32
N UNK L 26 5.01 -46.53 15.81
CA UNK L 26 3.92 -47.30 16.37
C UNK L 26 3.54 -46.79 17.75
N UNK L 27 2.39 -46.15 17.85
CA UNK L 27 1.92 -45.59 19.12
C UNK L 27 0.39 -45.51 19.16
N UNK L 28 -0.10 -44.68 20.09
CA UNK L 28 -1.54 -44.44 20.33
C UNK L 28 -2.33 -45.72 20.59
N UNK L 29 -2.20 -46.24 21.81
CA UNK L 29 -2.91 -47.45 22.21
C UNK L 29 -3.26 -47.41 23.70
N UNK L 30 -3.84 -48.50 24.19
CA UNK L 30 -4.23 -48.58 25.59
C UNK L 30 -3.88 -49.93 26.21
N UNK L 31 -2.58 -50.21 26.31
CA UNK L 31 -2.11 -51.45 26.91
C UNK L 31 -1.02 -51.15 27.93
N UNK L 32 -1.37 -51.29 29.21
CA UNK L 32 -0.42 -51.02 30.29
C UNK L 32 0.54 -52.18 30.48
N UNK L 33 1.74 -51.87 30.97
CA UNK L 33 2.76 -52.88 31.21
C UNK L 33 3.44 -52.66 32.56
N UNK L 34 4.61 -53.28 32.73
CA UNK L 34 5.36 -53.15 33.97
C UNK L 34 6.29 -51.95 33.92
N UNK L 35 7.16 -51.84 34.92
CA UNK L 35 8.12 -50.74 34.99
C UNK L 35 9.42 -51.09 34.28
N UNK L 36 10.09 -50.08 33.74
CA UNK L 36 11.35 -50.30 33.04
C UNK L 36 12.27 -49.09 33.21
N UNK L 37 13.23 -48.95 32.30
CA UNK L 37 14.16 -47.83 32.34
C UNK L 37 13.53 -46.59 31.74
N UNK L 38 13.29 -46.63 30.43
CA UNK L 38 12.67 -45.51 29.73
C UNK L 38 11.63 -46.00 28.73
N UNK L 39 10.42 -45.45 28.83
CA UNK L 39 9.33 -45.83 27.94
C UNK L 39 8.64 -44.60 27.36
N UNK L 40 7.59 -44.82 26.58
CA UNK L 40 6.85 -43.72 25.96
C UNK L 40 5.52 -43.48 26.67
N UNK L 41 4.84 -42.41 26.29
CA UNK L 41 3.56 -42.06 26.89
C UNK L 41 2.43 -42.15 25.86
N UNK L 42 2.35 -43.28 25.18
CA UNK L 42 1.34 -43.48 24.14
C UNK L 42 0.04 -44.04 24.71
N UNK L 43 -0.75 -43.17 25.32
CA UNK L 43 -2.06 -43.55 25.84
C UNK L 43 -3.13 -42.67 25.21
N UNK L 44 -3.04 -42.48 23.91
CA UNK L 44 -3.94 -41.59 23.19
C UNK L 44 -5.32 -42.21 22.97
N UNK L 45 -5.39 -43.55 23.09
CA UNK L 45 -6.61 -44.35 22.89
C UNK L 45 -7.24 -44.11 21.52
N UNK L 46 -6.55 -44.54 20.47
CA UNK L 46 -6.94 -44.27 19.10
C UNK L 46 -8.21 -45.01 18.68
N UNK L 47 -9.27 -44.25 18.42
CA UNK L 47 -10.53 -44.81 17.95
C UNK L 47 -11.31 -43.76 17.17
N UNK L 48 -12.57 -44.06 16.87
CA UNK L 48 -13.43 -43.13 16.15
C UNK L 48 -14.68 -42.82 16.96
N UNK L 49 -15.19 -41.60 16.83
CA UNK L 49 -16.38 -41.18 17.56
C UNK L 49 -17.16 -40.14 16.77
N UNK L 50 -18.05 -40.59 15.90
CA UNK L 50 -18.86 -39.70 15.08
C UNK L 50 -20.34 -40.10 15.14
N UNK L 51 -21.03 -39.64 16.17
CA UNK L 51 -22.45 -39.94 16.35
C UNK L 51 -23.17 -38.80 17.04
N UNK L 52 15.21 -20.62 -3.63
CA UNK L 52 14.73 -20.59 -5.01
C UNK L 52 14.20 -19.21 -5.37
N UNK L 53 13.79 -19.06 -6.63
CA UNK L 53 13.26 -17.78 -7.11
C UNK L 53 11.74 -17.77 -7.04
N UNK L 54 11.16 -18.90 -6.66
CA UNK L 54 9.71 -19.01 -6.50
C UNK L 54 9.28 -18.32 -5.22
N UNK L 55 10.16 -18.39 -4.22
CA UNK L 55 9.96 -17.67 -2.97
C UNK L 55 10.25 -16.18 -3.18
N UNK L 56 11.10 -15.89 -4.16
CA UNK L 56 11.40 -14.51 -4.54
C UNK L 56 10.21 -13.89 -5.27
N UNK L 57 9.48 -14.73 -6.00
CA UNK L 57 8.29 -14.26 -6.70
C UNK L 57 7.11 -14.18 -5.74
N UNK L 58 7.16 -15.00 -4.69
CA UNK L 58 6.10 -15.01 -3.67
C UNK L 58 6.27 -13.82 -2.73
N UNK L 59 7.51 -13.36 -2.57
CA UNK L 59 7.79 -12.16 -1.79
C UNK L 59 7.49 -10.92 -2.63
N UNK L 60 7.45 -11.12 -3.94
CA UNK L 60 7.10 -10.05 -4.88
C UNK L 60 5.60 -9.84 -4.94
N UNK L 61 4.84 -10.87 -4.59
CA UNK L 61 3.39 -10.81 -4.63
C UNK L 61 2.84 -9.99 -3.45
N UNK L 62 3.62 -9.92 -2.38
CA UNK L 62 3.23 -9.15 -1.20
C UNK L 62 4.01 -7.84 -1.12
N UNK L 63 4.21 -7.20 -2.27
CA UNK L 63 4.92 -5.94 -2.33
C UNK L 63 4.04 -4.79 -1.83
N UNK L 64 3.16 -4.32 -2.70
CA UNK L 64 2.23 -3.25 -2.35
C UNK L 64 0.80 -3.77 -2.31
N UNK L 65 0.30 -4.18 -3.48
CA UNK L 65 -1.04 -4.72 -3.59
C UNK L 65 -1.09 -6.15 -3.09
N UNK L 66 -1.29 -6.31 -1.78
CA UNK L 66 -1.33 -7.63 -1.17
C UNK L 66 -2.69 -8.31 -1.41
N UNK L 67 -2.87 -8.81 -2.63
CA UNK L 67 -4.13 -9.47 -3.00
C UNK L 67 -3.88 -10.93 -3.34
N UNK L 68 -4.78 -11.49 -4.16
CA UNK L 68 -4.75 -12.88 -4.64
C UNK L 68 -4.72 -13.90 -3.50
N UNK L 69 -5.90 -14.31 -3.05
CA UNK L 69 -6.03 -15.26 -1.96
C UNK L 69 -5.66 -16.68 -2.40
N UNK L 70 -5.74 -16.94 -3.70
CA UNK L 70 -5.33 -18.22 -4.26
C UNK L 70 -3.81 -18.33 -4.22
N UNK L 71 -3.14 -17.20 -4.44
CA UNK L 71 -1.67 -17.15 -4.38
C UNK L 71 -1.19 -17.14 -2.93
N UNK L 72 -2.09 -16.77 -2.02
CA UNK L 72 -1.81 -16.84 -0.60
C UNK L 72 -1.87 -18.29 -0.13
N UNK L 73 -2.65 -19.10 -0.85
CA UNK L 73 -2.74 -20.53 -0.59
C UNK L 73 -1.77 -21.29 -1.48
N UNK L 74 -1.15 -20.58 -2.43
CA UNK L 74 -0.16 -21.18 -3.32
C UNK L 74 1.25 -20.98 -2.76
N UNK L 75 1.33 -20.35 -1.59
CA UNK L 75 2.59 -20.26 -0.86
C UNK L 75 2.86 -21.61 -0.21
N UNK L 76 1.78 -22.34 0.05
CA UNK L 76 1.87 -23.71 0.58
C UNK L 76 2.24 -24.70 -0.51
N UNK L 77 -1.37 26.84 15.62
CA UNK L 77 -0.32 27.80 15.37
C UNK L 77 1.07 27.17 15.48
N UNK L 78 1.96 27.52 14.56
CA UNK L 78 3.35 27.07 14.63
C UNK L 78 4.08 27.88 15.69
N UNK L 79 3.60 29.10 15.92
CA UNK L 79 4.15 29.96 16.96
C UNK L 79 3.79 29.41 18.34
N UNK L 80 2.67 28.70 18.41
CA UNK L 80 2.28 27.98 19.61
C UNK L 80 3.00 26.64 19.65
N UNK L 81 3.35 26.13 18.47
CA UNK L 81 4.09 24.87 18.37
C UNK L 81 5.57 25.12 18.65
N UNK L 82 6.03 26.33 18.35
CA UNK L 82 7.38 26.76 18.70
C UNK L 82 7.44 27.02 20.19
N UNK L 83 6.31 27.46 20.74
CA UNK L 83 6.18 27.68 22.18
C UNK L 83 6.06 26.34 22.89
N UNK L 84 5.49 25.35 22.21
CA UNK L 84 5.36 24.00 22.74
C UNK L 84 6.70 23.29 22.63
N UNK L 85 7.51 23.68 21.66
CA UNK L 85 8.86 23.14 21.51
C UNK L 85 9.79 23.80 22.51
N UNK L 86 9.50 25.06 22.84
CA UNK L 86 10.26 25.79 23.85
C UNK L 86 9.88 25.26 25.23
N UNK L 87 8.61 24.93 25.40
CA UNK L 87 8.13 24.34 26.64
C UNK L 87 7.90 22.85 26.44
N UNK L 88 8.92 22.17 25.90
CA UNK L 88 8.85 20.73 25.68
C UNK L 88 8.94 19.98 27.02
N UNK L 89 7.79 19.51 27.49
CA UNK L 89 7.72 18.84 28.79
C UNK L 89 7.81 17.32 28.63
N UNK L 90 9.03 16.81 28.61
CA UNK L 90 9.26 15.38 28.45
C UNK L 90 8.96 14.63 29.74
N UNK L 91 7.90 13.82 29.71
CA UNK L 91 7.44 13.07 30.87
C UNK L 91 8.32 11.85 31.10
N UNK L 92 8.04 11.12 32.18
CA UNK L 92 8.92 10.04 32.62
C UNK L 92 8.91 8.81 31.71
N UNK L 93 7.77 8.11 31.67
CA UNK L 93 7.64 6.74 31.13
C UNK L 93 8.70 5.83 31.74
N UNK L 94 8.83 5.91 33.07
CA UNK L 94 9.85 5.19 33.81
C UNK L 94 9.50 3.73 33.99
N UNK L 95 9.52 2.98 32.89
CA UNK L 95 9.21 1.56 32.89
C UNK L 95 9.82 0.95 31.63
N UNK L 96 11.08 0.55 31.72
CA UNK L 96 11.84 0.08 30.56
C UNK L 96 11.36 -1.26 30.03
#